data_1DFX
# 
_entry.id   1DFX 
# 
_audit_conform.dict_name       mmcif_pdbx.dic 
_audit_conform.dict_version    5.385 
_audit_conform.dict_location   http://mmcif.pdb.org/dictionaries/ascii/mmcif_pdbx.dic 
# 
loop_
_database_2.database_id 
_database_2.database_code 
_database_2.pdbx_database_accession 
_database_2.pdbx_DOI 
PDB   1DFX         pdb_00001dfx 10.2210/pdb1dfx/pdb 
WWPDB D_1000172774 ?            ?                   
# 
loop_
_pdbx_audit_revision_history.ordinal 
_pdbx_audit_revision_history.data_content_type 
_pdbx_audit_revision_history.major_revision 
_pdbx_audit_revision_history.minor_revision 
_pdbx_audit_revision_history.revision_date 
1 'Structure model' 1 0 1998-10-14 
2 'Structure model' 1 1 2008-03-24 
3 'Structure model' 1 2 2011-07-13 
4 'Structure model' 1 3 2024-02-07 
# 
_pdbx_audit_revision_details.ordinal             1 
_pdbx_audit_revision_details.revision_ordinal    1 
_pdbx_audit_revision_details.data_content_type   'Structure model' 
_pdbx_audit_revision_details.provider            repository 
_pdbx_audit_revision_details.type                'Initial release' 
_pdbx_audit_revision_details.description         ? 
_pdbx_audit_revision_details.details             ? 
# 
loop_
_pdbx_audit_revision_group.ordinal 
_pdbx_audit_revision_group.revision_ordinal 
_pdbx_audit_revision_group.data_content_type 
_pdbx_audit_revision_group.group 
1 2 'Structure model' 'Version format compliance' 
2 3 'Structure model' 'Derived calculations'      
3 3 'Structure model' 'Version format compliance' 
4 4 'Structure model' 'Data collection'           
5 4 'Structure model' 'Database references'       
6 4 'Structure model' 'Derived calculations'      
7 4 'Structure model' Other                       
# 
loop_
_pdbx_audit_revision_category.ordinal 
_pdbx_audit_revision_category.revision_ordinal 
_pdbx_audit_revision_category.data_content_type 
_pdbx_audit_revision_category.category 
1 4 'Structure model' chem_comp_atom         
2 4 'Structure model' chem_comp_bond         
3 4 'Structure model' database_2             
4 4 'Structure model' pdbx_database_status   
5 4 'Structure model' pdbx_struct_conn_angle 
6 4 'Structure model' struct_conn            
7 4 'Structure model' struct_site            
# 
loop_
_pdbx_audit_revision_item.ordinal 
_pdbx_audit_revision_item.revision_ordinal 
_pdbx_audit_revision_item.data_content_type 
_pdbx_audit_revision_item.item 
1  4 'Structure model' '_database_2.pdbx_DOI'                        
2  4 'Structure model' '_database_2.pdbx_database_accession'         
3  4 'Structure model' '_pdbx_database_status.process_site'          
4  4 'Structure model' '_pdbx_struct_conn_angle.ptnr1_auth_comp_id'  
5  4 'Structure model' '_pdbx_struct_conn_angle.ptnr1_auth_seq_id'   
6  4 'Structure model' '_pdbx_struct_conn_angle.ptnr1_label_asym_id' 
7  4 'Structure model' '_pdbx_struct_conn_angle.ptnr1_label_atom_id' 
8  4 'Structure model' '_pdbx_struct_conn_angle.ptnr1_label_comp_id' 
9  4 'Structure model' '_pdbx_struct_conn_angle.ptnr1_label_seq_id'  
10 4 'Structure model' '_pdbx_struct_conn_angle.ptnr1_symmetry'      
11 4 'Structure model' '_pdbx_struct_conn_angle.ptnr3_auth_comp_id'  
12 4 'Structure model' '_pdbx_struct_conn_angle.ptnr3_auth_seq_id'   
13 4 'Structure model' '_pdbx_struct_conn_angle.ptnr3_label_asym_id' 
14 4 'Structure model' '_pdbx_struct_conn_angle.ptnr3_label_atom_id' 
15 4 'Structure model' '_pdbx_struct_conn_angle.ptnr3_label_comp_id' 
16 4 'Structure model' '_pdbx_struct_conn_angle.ptnr3_label_seq_id'  
17 4 'Structure model' '_pdbx_struct_conn_angle.ptnr3_symmetry'      
18 4 'Structure model' '_pdbx_struct_conn_angle.value'               
19 4 'Structure model' '_struct_conn.pdbx_dist_value'                
20 4 'Structure model' '_struct_conn.ptnr1_auth_comp_id'             
21 4 'Structure model' '_struct_conn.ptnr1_auth_seq_id'              
22 4 'Structure model' '_struct_conn.ptnr1_label_asym_id'            
23 4 'Structure model' '_struct_conn.ptnr1_label_atom_id'            
24 4 'Structure model' '_struct_conn.ptnr1_label_comp_id'            
25 4 'Structure model' '_struct_conn.ptnr1_label_seq_id'             
26 4 'Structure model' '_struct_conn.ptnr1_symmetry'                 
27 4 'Structure model' '_struct_conn.ptnr2_auth_comp_id'             
28 4 'Structure model' '_struct_conn.ptnr2_auth_seq_id'              
29 4 'Structure model' '_struct_conn.ptnr2_label_asym_id'            
30 4 'Structure model' '_struct_conn.ptnr2_label_atom_id'            
31 4 'Structure model' '_struct_conn.ptnr2_label_comp_id'            
32 4 'Structure model' '_struct_conn.ptnr2_label_seq_id'             
33 4 'Structure model' '_struct_conn.ptnr2_symmetry'                 
34 4 'Structure model' '_struct_site.pdbx_auth_asym_id'              
35 4 'Structure model' '_struct_site.pdbx_auth_comp_id'              
36 4 'Structure model' '_struct_site.pdbx_auth_seq_id'               
# 
_pdbx_database_status.status_code                     REL 
_pdbx_database_status.entry_id                        1DFX 
_pdbx_database_status.recvd_initial_deposition_date   1997-09-03 
_pdbx_database_status.deposit_site                    ? 
_pdbx_database_status.process_site                    BNL 
_pdbx_database_status.status_code_sf                  REL 
_pdbx_database_status.status_code_mr                  ? 
_pdbx_database_status.SG_entry                        ? 
_pdbx_database_status.pdb_format_compatible           Y 
_pdbx_database_status.status_code_cs                  ? 
_pdbx_database_status.status_code_nmr_data            ? 
_pdbx_database_status.methods_development_category    ? 
# 
loop_
_audit_author.name 
_audit_author.pdbx_ordinal 
'Coelho, A.V.'   1 
'Matias, P.M.'   2 
'Carrondo, M.A.' 3 
# 
loop_
_citation.id 
_citation.title 
_citation.journal_abbrev 
_citation.journal_volume 
_citation.page_first 
_citation.page_last 
_citation.year 
_citation.journal_id_ASTM 
_citation.country 
_citation.journal_id_ISSN 
_citation.journal_id_CSD 
_citation.book_publisher 
_citation.pdbx_database_id_PubMed 
_citation.pdbx_database_id_DOI 
primary 
;Desulfoferrodoxin Structure Determined by MAD Phasing and Refinement to 1.9 Angstroms Resolution Reveals a Unique Combination of a Tetrahedral Fes4 Centre with a Square Pyramidal Fesn4 Centre
;
J.Biol.Inorg.Chem. 2 680  ? 1997 JJBCFA GW 0949-8257 2154 ? -1 ? 
1       
;Preliminary Crystallographic Analysis of the Oxidized Form of a Two Mono-Nuclear Iron Centres Protein from Desulfovibrio Desulfuricans Atcc 27774
;
'Protein Sci.'     5 1189 ? 1996 PRCIEI US 0961-8368 0795 ? ?  ? 
# 
loop_
_citation_author.citation_id 
_citation_author.name 
_citation_author.ordinal 
_citation_author.identifier_ORCID 
primary 'Coelho, A.V.'   1  ? 
primary 'Matias, P.'     2  ? 
primary 'Fulop, V.'      3  ? 
primary 'Thompson, A.'   4  ? 
primary 'Gonzalez, A.'   5  ? 
primary 'Carrondo, M.A.' 6  ? 
1       'Coelho, A.V.'   7  ? 
1       'Matias, P.M.'   8  ? 
1       'Carrondo, M.A.' 9  ? 
1       'Tavares, P.'    10 ? 
1       'Moura, J.J.'    11 ? 
1       'Moura, I.'      12 ? 
1       'Fulop, V.'      13 ? 
1       'Hajdu, J.'      14 ? 
1       'Le Gall, J.'    15 ? 
# 
loop_
_entity.id 
_entity.type 
_entity.src_method 
_entity.pdbx_description 
_entity.formula_weight 
_entity.pdbx_number_of_molecules 
_entity.pdbx_ec 
_entity.pdbx_mutation 
_entity.pdbx_fragment 
_entity.details 
1 polymer     nat DESULFOFERRODOXIN 13903.935 1  ? ? ? ? 
2 non-polymer syn 'FE (III) ION'    55.845    2  ? ? ? ? 
3 non-polymer syn 'CALCIUM ION'     40.078    1  ? ? ? ? 
4 water       nat water             18.015    71 ? ? ? ? 
# 
_entity_poly.entity_id                      1 
_entity_poly.type                           'polypeptide(L)' 
_entity_poly.nstd_linkage                   no 
_entity_poly.nstd_monomer                   no 
_entity_poly.pdbx_seq_one_letter_code       
;PKHLEVYKCTHCGNIVEVLHGGGAELVCCGEPMKHMVEGSTDGAMEKHVPVIEKVDGGYLIKVGSVPHPMEEKHWIEWIE
LLADGRSYTKFLKPGDAPEAFFAIDASKVTAREYCNLHGHWKAEN
;
_entity_poly.pdbx_seq_one_letter_code_can   
;PKHLEVYKCTHCGNIVEVLHGGGAELVCCGEPMKHMVEGSTDGAMEKHVPVIEKVDGGYLIKVGSVPHPMEEKHWIEWIE
LLADGRSYTKFLKPGDAPEAFFAIDASKVTAREYCNLHGHWKAEN
;
_entity_poly.pdbx_strand_id                 A 
_entity_poly.pdbx_target_identifier         ? 
# 
loop_
_pdbx_entity_nonpoly.entity_id 
_pdbx_entity_nonpoly.name 
_pdbx_entity_nonpoly.comp_id 
2 'FE (III) ION' FE  
3 'CALCIUM ION'  CA  
4 water          HOH 
# 
loop_
_entity_poly_seq.entity_id 
_entity_poly_seq.num 
_entity_poly_seq.mon_id 
_entity_poly_seq.hetero 
1 1   PRO n 
1 2   LYS n 
1 3   HIS n 
1 4   LEU n 
1 5   GLU n 
1 6   VAL n 
1 7   TYR n 
1 8   LYS n 
1 9   CYS n 
1 10  THR n 
1 11  HIS n 
1 12  CYS n 
1 13  GLY n 
1 14  ASN n 
1 15  ILE n 
1 16  VAL n 
1 17  GLU n 
1 18  VAL n 
1 19  LEU n 
1 20  HIS n 
1 21  GLY n 
1 22  GLY n 
1 23  GLY n 
1 24  ALA n 
1 25  GLU n 
1 26  LEU n 
1 27  VAL n 
1 28  CYS n 
1 29  CYS n 
1 30  GLY n 
1 31  GLU n 
1 32  PRO n 
1 33  MET n 
1 34  LYS n 
1 35  HIS n 
1 36  MET n 
1 37  VAL n 
1 38  GLU n 
1 39  GLY n 
1 40  SER n 
1 41  THR n 
1 42  ASP n 
1 43  GLY n 
1 44  ALA n 
1 45  MET n 
1 46  GLU n 
1 47  LYS n 
1 48  HIS n 
1 49  VAL n 
1 50  PRO n 
1 51  VAL n 
1 52  ILE n 
1 53  GLU n 
1 54  LYS n 
1 55  VAL n 
1 56  ASP n 
1 57  GLY n 
1 58  GLY n 
1 59  TYR n 
1 60  LEU n 
1 61  ILE n 
1 62  LYS n 
1 63  VAL n 
1 64  GLY n 
1 65  SER n 
1 66  VAL n 
1 67  PRO n 
1 68  HIS n 
1 69  PRO n 
1 70  MET n 
1 71  GLU n 
1 72  GLU n 
1 73  LYS n 
1 74  HIS n 
1 75  TRP n 
1 76  ILE n 
1 77  GLU n 
1 78  TRP n 
1 79  ILE n 
1 80  GLU n 
1 81  LEU n 
1 82  LEU n 
1 83  ALA n 
1 84  ASP n 
1 85  GLY n 
1 86  ARG n 
1 87  SER n 
1 88  TYR n 
1 89  THR n 
1 90  LYS n 
1 91  PHE n 
1 92  LEU n 
1 93  LYS n 
1 94  PRO n 
1 95  GLY n 
1 96  ASP n 
1 97  ALA n 
1 98  PRO n 
1 99  GLU n 
1 100 ALA n 
1 101 PHE n 
1 102 PHE n 
1 103 ALA n 
1 104 ILE n 
1 105 ASP n 
1 106 ALA n 
1 107 SER n 
1 108 LYS n 
1 109 VAL n 
1 110 THR n 
1 111 ALA n 
1 112 ARG n 
1 113 GLU n 
1 114 TYR n 
1 115 CYS n 
1 116 ASN n 
1 117 LEU n 
1 118 HIS n 
1 119 GLY n 
1 120 HIS n 
1 121 TRP n 
1 122 LYS n 
1 123 ALA n 
1 124 GLU n 
1 125 ASN n 
# 
_entity_src_nat.entity_id                  1 
_entity_src_nat.pdbx_src_id                1 
_entity_src_nat.pdbx_alt_source_flag       sample 
_entity_src_nat.pdbx_beg_seq_num           ? 
_entity_src_nat.pdbx_end_seq_num           ? 
_entity_src_nat.common_name                ? 
_entity_src_nat.pdbx_organism_scientific   'Desulfovibrio desulfuricans' 
_entity_src_nat.pdbx_ncbi_taxonomy_id      876 
_entity_src_nat.genus                      Desulfovibrio 
_entity_src_nat.species                    ? 
_entity_src_nat.strain                     ? 
_entity_src_nat.tissue                     ? 
_entity_src_nat.tissue_fraction            ? 
_entity_src_nat.pdbx_secretion             ? 
_entity_src_nat.pdbx_fragment              ? 
_entity_src_nat.pdbx_variant               ? 
_entity_src_nat.pdbx_cell_line             ? 
_entity_src_nat.pdbx_atcc                  'ATCC 27774' 
_entity_src_nat.pdbx_cellular_location     ? 
_entity_src_nat.pdbx_organ                 ? 
_entity_src_nat.pdbx_organelle             ? 
_entity_src_nat.pdbx_cell                  ? 
_entity_src_nat.pdbx_plasmid_name          ? 
_entity_src_nat.pdbx_plasmid_details       ? 
_entity_src_nat.details                    ? 
# 
loop_
_chem_comp.id 
_chem_comp.type 
_chem_comp.mon_nstd_flag 
_chem_comp.name 
_chem_comp.pdbx_synonyms 
_chem_comp.formula 
_chem_comp.formula_weight 
ALA 'L-peptide linking' y ALANINE         ? 'C3 H7 N O2'     89.093  
ARG 'L-peptide linking' y ARGININE        ? 'C6 H15 N4 O2 1' 175.209 
ASN 'L-peptide linking' y ASPARAGINE      ? 'C4 H8 N2 O3'    132.118 
ASP 'L-peptide linking' y 'ASPARTIC ACID' ? 'C4 H7 N O4'     133.103 
CA  non-polymer         . 'CALCIUM ION'   ? 'Ca 2'           40.078  
CYS 'L-peptide linking' y CYSTEINE        ? 'C3 H7 N O2 S'   121.158 
FE  non-polymer         . 'FE (III) ION'  ? 'Fe 3'           55.845  
GLU 'L-peptide linking' y 'GLUTAMIC ACID' ? 'C5 H9 N O4'     147.129 
GLY 'peptide linking'   y GLYCINE         ? 'C2 H5 N O2'     75.067  
HIS 'L-peptide linking' y HISTIDINE       ? 'C6 H10 N3 O2 1' 156.162 
HOH non-polymer         . WATER           ? 'H2 O'           18.015  
ILE 'L-peptide linking' y ISOLEUCINE      ? 'C6 H13 N O2'    131.173 
LEU 'L-peptide linking' y LEUCINE         ? 'C6 H13 N O2'    131.173 
LYS 'L-peptide linking' y LYSINE          ? 'C6 H15 N2 O2 1' 147.195 
MET 'L-peptide linking' y METHIONINE      ? 'C5 H11 N O2 S'  149.211 
PHE 'L-peptide linking' y PHENYLALANINE   ? 'C9 H11 N O2'    165.189 
PRO 'L-peptide linking' y PROLINE         ? 'C5 H9 N O2'     115.130 
SER 'L-peptide linking' y SERINE          ? 'C3 H7 N O3'     105.093 
THR 'L-peptide linking' y THREONINE       ? 'C4 H9 N O3'     119.119 
TRP 'L-peptide linking' y TRYPTOPHAN      ? 'C11 H12 N2 O2'  204.225 
TYR 'L-peptide linking' y TYROSINE        ? 'C9 H11 N O3'    181.189 
VAL 'L-peptide linking' y VALINE          ? 'C5 H11 N O2'    117.146 
# 
loop_
_pdbx_poly_seq_scheme.asym_id 
_pdbx_poly_seq_scheme.entity_id 
_pdbx_poly_seq_scheme.seq_id 
_pdbx_poly_seq_scheme.mon_id 
_pdbx_poly_seq_scheme.ndb_seq_num 
_pdbx_poly_seq_scheme.pdb_seq_num 
_pdbx_poly_seq_scheme.auth_seq_num 
_pdbx_poly_seq_scheme.pdb_mon_id 
_pdbx_poly_seq_scheme.auth_mon_id 
_pdbx_poly_seq_scheme.pdb_strand_id 
_pdbx_poly_seq_scheme.pdb_ins_code 
_pdbx_poly_seq_scheme.hetero 
A 1 1   PRO 1   1   1   PRO PRO A . n 
A 1 2   LYS 2   2   2   LYS LYS A . n 
A 1 3   HIS 3   3   3   HIS HIS A . n 
A 1 4   LEU 4   4   4   LEU LEU A . n 
A 1 5   GLU 5   5   5   GLU GLU A . n 
A 1 6   VAL 6   6   6   VAL VAL A . n 
A 1 7   TYR 7   7   7   TYR TYR A . n 
A 1 8   LYS 8   8   8   LYS LYS A . n 
A 1 9   CYS 9   9   9   CYS CYS A . n 
A 1 10  THR 10  10  10  THR THR A . n 
A 1 11  HIS 11  11  11  HIS HIS A . n 
A 1 12  CYS 12  12  12  CYS CYS A . n 
A 1 13  GLY 13  13  13  GLY GLY A . n 
A 1 14  ASN 14  14  14  ASN ASN A . n 
A 1 15  ILE 15  15  15  ILE ILE A . n 
A 1 16  VAL 16  16  16  VAL VAL A . n 
A 1 17  GLU 17  17  17  GLU GLU A . n 
A 1 18  VAL 18  18  18  VAL VAL A . n 
A 1 19  LEU 19  19  19  LEU LEU A . n 
A 1 20  HIS 20  20  20  HIS HIS A . n 
A 1 21  GLY 21  21  21  GLY GLY A . n 
A 1 22  GLY 22  22  22  GLY GLY A . n 
A 1 23  GLY 23  23  23  GLY GLY A . n 
A 1 24  ALA 24  24  24  ALA ALA A . n 
A 1 25  GLU 25  25  25  GLU GLU A . n 
A 1 26  LEU 26  26  26  LEU LEU A . n 
A 1 27  VAL 27  27  27  VAL VAL A . n 
A 1 28  CYS 28  28  28  CYS CYS A . n 
A 1 29  CYS 29  29  29  CYS CYS A . n 
A 1 30  GLY 30  30  30  GLY GLY A . n 
A 1 31  GLU 31  31  31  GLU GLU A . n 
A 1 32  PRO 32  32  32  PRO PRO A . n 
A 1 33  MET 33  33  33  MET MET A . n 
A 1 34  LYS 34  34  34  LYS LYS A . n 
A 1 35  HIS 35  35  35  HIS HIS A . n 
A 1 36  MET 36  36  36  MET MET A . n 
A 1 37  VAL 37  37  37  VAL VAL A . n 
A 1 38  GLU 38  38  38  GLU GLU A . n 
A 1 39  GLY 39  39  39  GLY GLY A . n 
A 1 40  SER 40  40  40  SER SER A . n 
A 1 41  THR 41  41  41  THR THR A . n 
A 1 42  ASP 42  42  42  ASP ASP A . n 
A 1 43  GLY 43  43  43  GLY GLY A . n 
A 1 44  ALA 44  44  44  ALA ALA A . n 
A 1 45  MET 45  45  45  MET MET A . n 
A 1 46  GLU 46  46  46  GLU GLU A . n 
A 1 47  LYS 47  47  47  LYS LYS A . n 
A 1 48  HIS 48  48  48  HIS HIS A . n 
A 1 49  VAL 49  49  49  VAL VAL A . n 
A 1 50  PRO 50  50  50  PRO PRO A . n 
A 1 51  VAL 51  51  51  VAL VAL A . n 
A 1 52  ILE 52  52  52  ILE ILE A . n 
A 1 53  GLU 53  53  53  GLU GLU A . n 
A 1 54  LYS 54  54  54  LYS LYS A . n 
A 1 55  VAL 55  55  55  VAL VAL A . n 
A 1 56  ASP 56  56  56  ASP ASP A . n 
A 1 57  GLY 57  57  57  GLY GLY A . n 
A 1 58  GLY 58  58  58  GLY GLY A . n 
A 1 59  TYR 59  59  59  TYR TYR A . n 
A 1 60  LEU 60  60  60  LEU LEU A . n 
A 1 61  ILE 61  61  61  ILE ILE A . n 
A 1 62  LYS 62  62  62  LYS LYS A . n 
A 1 63  VAL 63  63  63  VAL VAL A . n 
A 1 64  GLY 64  64  64  GLY GLY A . n 
A 1 65  SER 65  65  65  SER SER A . n 
A 1 66  VAL 66  66  66  VAL VAL A . n 
A 1 67  PRO 67  67  67  PRO PRO A . n 
A 1 68  HIS 68  68  68  HIS HIS A . n 
A 1 69  PRO 69  69  69  PRO PRO A . n 
A 1 70  MET 70  70  70  MET MET A . n 
A 1 71  GLU 71  71  71  GLU GLU A . n 
A 1 72  GLU 72  72  72  GLU GLU A . n 
A 1 73  LYS 73  73  73  LYS LYS A . n 
A 1 74  HIS 74  74  74  HIS HIS A . n 
A 1 75  TRP 75  75  75  TRP TRP A . n 
A 1 76  ILE 76  76  76  ILE ILE A . n 
A 1 77  GLU 77  77  77  GLU GLU A . n 
A 1 78  TRP 78  78  78  TRP TRP A . n 
A 1 79  ILE 79  79  79  ILE ILE A . n 
A 1 80  GLU 80  80  80  GLU GLU A . n 
A 1 81  LEU 81  81  81  LEU LEU A . n 
A 1 82  LEU 82  82  82  LEU LEU A . n 
A 1 83  ALA 83  83  83  ALA ALA A . n 
A 1 84  ASP 84  84  84  ASP ASP A . n 
A 1 85  GLY 85  85  85  GLY GLY A . n 
A 1 86  ARG 86  86  86  ARG ARG A . n 
A 1 87  SER 87  87  87  SER SER A . n 
A 1 88  TYR 88  88  88  TYR TYR A . n 
A 1 89  THR 89  89  89  THR THR A . n 
A 1 90  LYS 90  90  90  LYS LYS A . n 
A 1 91  PHE 91  91  91  PHE PHE A . n 
A 1 92  LEU 92  92  92  LEU LEU A . n 
A 1 93  LYS 93  93  93  LYS LYS A . n 
A 1 94  PRO 94  94  94  PRO PRO A . n 
A 1 95  GLY 95  95  95  GLY GLY A . n 
A 1 96  ASP 96  96  96  ASP ASP A . n 
A 1 97  ALA 97  97  97  ALA ALA A . n 
A 1 98  PRO 98  98  98  PRO PRO A . n 
A 1 99  GLU 99  99  99  GLU GLU A . n 
A 1 100 ALA 100 100 100 ALA ALA A . n 
A 1 101 PHE 101 101 101 PHE PHE A . n 
A 1 102 PHE 102 102 102 PHE PHE A . n 
A 1 103 ALA 103 103 103 ALA ALA A . n 
A 1 104 ILE 104 104 104 ILE ILE A . n 
A 1 105 ASP 105 105 105 ASP ASP A . n 
A 1 106 ALA 106 106 106 ALA ALA A . n 
A 1 107 SER 107 107 107 SER SER A . n 
A 1 108 LYS 108 108 108 LYS LYS A . n 
A 1 109 VAL 109 109 109 VAL VAL A . n 
A 1 110 THR 110 110 110 THR THR A . n 
A 1 111 ALA 111 111 111 ALA ALA A . n 
A 1 112 ARG 112 112 112 ARG ARG A . n 
A 1 113 GLU 113 113 113 GLU GLU A . n 
A 1 114 TYR 114 114 114 TYR TYR A . n 
A 1 115 CYS 115 115 115 CYS CYS A . n 
A 1 116 ASN 116 116 116 ASN ASN A . n 
A 1 117 LEU 117 117 117 LEU LEU A . n 
A 1 118 HIS 118 118 118 HIS HIS A . n 
A 1 119 GLY 119 119 119 GLY GLY A . n 
A 1 120 HIS 120 120 120 HIS HIS A . n 
A 1 121 TRP 121 121 121 TRP TRP A . n 
A 1 122 LYS 122 122 122 LYS LYS A . n 
A 1 123 ALA 123 123 123 ALA ALA A . n 
A 1 124 GLU 124 124 124 GLU GLU A . n 
A 1 125 ASN 125 125 125 ASN ASN A . n 
# 
loop_
_pdbx_nonpoly_scheme.asym_id 
_pdbx_nonpoly_scheme.entity_id 
_pdbx_nonpoly_scheme.mon_id 
_pdbx_nonpoly_scheme.ndb_seq_num 
_pdbx_nonpoly_scheme.pdb_seq_num 
_pdbx_nonpoly_scheme.auth_seq_num 
_pdbx_nonpoly_scheme.pdb_mon_id 
_pdbx_nonpoly_scheme.auth_mon_id 
_pdbx_nonpoly_scheme.pdb_strand_id 
_pdbx_nonpoly_scheme.pdb_ins_code 
B 2 FE  1  131 131 FE  FE  A . 
C 2 FE  1  132 132 FE  FE  A . 
D 3 CA  1  150 150 CA  CA  A . 
E 4 HOH 1  200 200 HOH HOH A . 
E 4 HOH 2  201 201 HOH HOH A . 
E 4 HOH 3  202 202 HOH HOH A . 
E 4 HOH 4  203 203 HOH HOH A . 
E 4 HOH 5  204 204 HOH HOH A . 
E 4 HOH 6  205 205 HOH HOH A . 
E 4 HOH 7  206 206 HOH HOH A . 
E 4 HOH 8  207 207 HOH HOH A . 
E 4 HOH 9  208 208 HOH HOH A . 
E 4 HOH 10 209 209 HOH HOH A . 
E 4 HOH 11 210 210 HOH HOH A . 
E 4 HOH 12 211 211 HOH HOH A . 
E 4 HOH 13 212 212 HOH HOH A . 
E 4 HOH 14 213 213 HOH HOH A . 
E 4 HOH 15 214 214 HOH HOH A . 
E 4 HOH 16 215 215 HOH HOH A . 
E 4 HOH 17 216 216 HOH HOH A . 
E 4 HOH 18 217 217 HOH HOH A . 
E 4 HOH 19 219 219 HOH HOH A . 
E 4 HOH 20 222 222 HOH HOH A . 
E 4 HOH 21 223 223 HOH HOH A . 
E 4 HOH 22 225 225 HOH HOH A . 
E 4 HOH 23 226 226 HOH HOH A . 
E 4 HOH 24 227 227 HOH HOH A . 
E 4 HOH 25 228 228 HOH HOH A . 
E 4 HOH 26 229 229 HOH HOH A . 
E 4 HOH 27 230 230 HOH HOH A . 
E 4 HOH 28 231 231 HOH HOH A . 
E 4 HOH 29 232 232 HOH HOH A . 
E 4 HOH 30 233 233 HOH HOH A . 
E 4 HOH 31 235 235 HOH HOH A . 
E 4 HOH 32 236 236 HOH HOH A . 
E 4 HOH 33 237 237 HOH HOH A . 
E 4 HOH 34 238 238 HOH HOH A . 
E 4 HOH 35 239 239 HOH HOH A . 
E 4 HOH 36 241 241 HOH HOH A . 
E 4 HOH 37 242 242 HOH HOH A . 
E 4 HOH 38 243 243 HOH HOH A . 
E 4 HOH 39 247 247 HOH HOH A . 
E 4 HOH 40 248 248 HOH HOH A . 
E 4 HOH 41 249 249 HOH HOH A . 
E 4 HOH 42 250 250 HOH HOH A . 
E 4 HOH 43 251 251 HOH HOH A . 
E 4 HOH 44 252 252 HOH HOH A . 
E 4 HOH 45 253 253 HOH HOH A . 
E 4 HOH 46 255 255 HOH HOH A . 
E 4 HOH 47 256 256 HOH HOH A . 
E 4 HOH 48 259 259 HOH HOH A . 
E 4 HOH 49 264 264 HOH HOH A . 
E 4 HOH 50 265 265 HOH HOH A . 
E 4 HOH 51 268 268 HOH HOH A . 
E 4 HOH 52 271 271 HOH HOH A . 
E 4 HOH 53 275 275 HOH HOH A . 
E 4 HOH 54 276 276 HOH HOH A . 
E 4 HOH 55 277 277 HOH HOH A . 
E 4 HOH 56 278 278 HOH HOH A . 
E 4 HOH 57 283 283 HOH HOH A . 
E 4 HOH 58 285 285 HOH HOH A . 
E 4 HOH 59 289 289 HOH HOH A . 
E 4 HOH 60 292 292 HOH HOH A . 
E 4 HOH 61 293 293 HOH HOH A . 
E 4 HOH 62 294 294 HOH HOH A . 
E 4 HOH 63 295 295 HOH HOH A . 
E 4 HOH 64 296 296 HOH HOH A . 
E 4 HOH 65 297 297 HOH HOH A . 
E 4 HOH 66 299 299 HOH HOH A . 
E 4 HOH 67 300 300 HOH HOH A . 
E 4 HOH 68 302 302 HOH HOH A . 
E 4 HOH 69 305 305 HOH HOH A . 
E 4 HOH 70 311 311 HOH HOH A . 
E 4 HOH 71 318 318 HOH HOH A . 
# 
loop_
_pdbx_unobs_or_zero_occ_atoms.id 
_pdbx_unobs_or_zero_occ_atoms.PDB_model_num 
_pdbx_unobs_or_zero_occ_atoms.polymer_flag 
_pdbx_unobs_or_zero_occ_atoms.occupancy_flag 
_pdbx_unobs_or_zero_occ_atoms.auth_asym_id 
_pdbx_unobs_or_zero_occ_atoms.auth_comp_id 
_pdbx_unobs_or_zero_occ_atoms.auth_seq_id 
_pdbx_unobs_or_zero_occ_atoms.PDB_ins_code 
_pdbx_unobs_or_zero_occ_atoms.auth_atom_id 
_pdbx_unobs_or_zero_occ_atoms.label_alt_id 
_pdbx_unobs_or_zero_occ_atoms.label_asym_id 
_pdbx_unobs_or_zero_occ_atoms.label_comp_id 
_pdbx_unobs_or_zero_occ_atoms.label_seq_id 
_pdbx_unobs_or_zero_occ_atoms.label_atom_id 
1 1 Y 0 A ASP 42  ? CB  ? A ASP 42  CB  
2 1 Y 0 A ASP 42  ? CG  ? A ASP 42  CG  
3 1 Y 0 A ASP 42  ? OD1 ? A ASP 42  OD1 
4 1 Y 0 A ASP 42  ? OD2 ? A ASP 42  OD2 
5 1 Y 0 A LYS 108 ? CG  ? A LYS 108 CG  
6 1 Y 0 A LYS 108 ? CD  ? A LYS 108 CD  
7 1 Y 0 A LYS 108 ? CE  ? A LYS 108 CE  
8 1 Y 0 A LYS 108 ? NZ  ? A LYS 108 NZ  
# 
loop_
_software.name 
_software.classification 
_software.version 
_software.citation_id 
_software.pdbx_ordinal 
SHELXL-93 'model building' . ? 1 
SHELXL-93 refinement       . ? 2 
DENZO     'data reduction' . ? 3 
SCALEPACK 'data scaling'   . ? 4 
SHELXL-93 phasing          . ? 5 
# 
_cell.entry_id           1DFX 
_cell.length_a           112.500 
_cell.length_b           112.500 
_cell.length_c           63.200 
_cell.angle_alpha        90.00 
_cell.angle_beta         90.00 
_cell.angle_gamma        120.00 
_cell.Z_PDB              18 
_cell.pdbx_unique_axis   ? 
# 
_symmetry.entry_id                         1DFX 
_symmetry.space_group_name_H-M             'H 3 2' 
_symmetry.pdbx_full_space_group_name_H-M   ? 
_symmetry.cell_setting                     ? 
_symmetry.Int_Tables_number                155 
# 
_exptl.entry_id          1DFX 
_exptl.method            'X-RAY DIFFRACTION' 
_exptl.crystals_number   1 
# 
_exptl_crystal.id                    1 
_exptl_crystal.density_meas          ? 
_exptl_crystal.density_Matthews      2.8 
_exptl_crystal.density_percent_sol   55 
_exptl_crystal.description           'MAD DATA COLLECTED AT ESRF BM-14' 
# 
_exptl_crystal_grow.crystal_id      1 
_exptl_crystal_grow.method          ? 
_exptl_crystal_grow.temp            ? 
_exptl_crystal_grow.temp_details    ? 
_exptl_crystal_grow.pH              7.5 
_exptl_crystal_grow.pdbx_pH_range   ? 
_exptl_crystal_grow.pdbx_details    'PROTEIN WAS CRYSTALLIZED FROM 20% PEG 4000, 0.1 M HEPES, CACL2 0.2 M, PH 7.5' 
# 
_diffrn.id                     1 
_diffrn.ambient_temp           293 
_diffrn.ambient_temp_details   ? 
_diffrn.crystal_id             1 
# 
_diffrn_detector.diffrn_id              1 
_diffrn_detector.detector               'IMAGE PLATE' 
_diffrn_detector.type                   MARRESEARCH 
_diffrn_detector.pdbx_collection_date   1992-10 
_diffrn_detector.details                MIRRORS 
# 
_diffrn_radiation.diffrn_id                        1 
_diffrn_radiation.wavelength_id                    1 
_diffrn_radiation.pdbx_monochromatic_or_laue_m_l   M 
_diffrn_radiation.monochromator                    'SI(111)' 
_diffrn_radiation.pdbx_diffrn_protocol             ? 
_diffrn_radiation.pdbx_scattering_type             x-ray 
# 
_diffrn_radiation_wavelength.id           1 
_diffrn_radiation_wavelength.wavelength   0.994 
_diffrn_radiation_wavelength.wt           1.0 
# 
_diffrn_source.diffrn_id                   1 
_diffrn_source.source                      SYNCHROTRON 
_diffrn_source.type                        'SRS BEAMLINE PX9.5' 
_diffrn_source.pdbx_synchrotron_site       SRS 
_diffrn_source.pdbx_synchrotron_beamline   PX9.5 
_diffrn_source.pdbx_wavelength             0.994 
_diffrn_source.pdbx_wavelength_list        ? 
# 
_reflns.entry_id                     1DFX 
_reflns.observed_criterion_sigma_I   2 
_reflns.observed_criterion_sigma_F   ? 
_reflns.d_resolution_low             20.0 
_reflns.d_resolution_high            1.9 
_reflns.number_obs                   11867 
_reflns.number_all                   ? 
_reflns.percent_possible_obs         97.7 
_reflns.pdbx_Rmerge_I_obs            0.0450000 
_reflns.pdbx_Rsym_value              0.0450000 
_reflns.pdbx_netI_over_sigmaI        8.8 
_reflns.B_iso_Wilson_estimate        ? 
_reflns.pdbx_redundancy              2.2 
_reflns.pdbx_ordinal                 1 
_reflns.pdbx_diffrn_id               1 
# 
_reflns_shell.d_res_high             1.90 
_reflns_shell.d_res_low              1.97 
_reflns_shell.percent_possible_all   96.3 
_reflns_shell.Rmerge_I_obs           0.2600000 
_reflns_shell.pdbx_Rsym_value        0.2600000 
_reflns_shell.meanI_over_sigI_obs    2.9 
_reflns_shell.pdbx_redundancy        2.2 
_reflns_shell.pdbx_ordinal           1 
_reflns_shell.pdbx_diffrn_id         1 
# 
_refine.entry_id                                 1DFX 
_refine.ls_number_reflns_obs                     ? 
_refine.ls_number_reflns_all                     13564 
_refine.pdbx_ls_sigma_I                          ? 
_refine.pdbx_ls_sigma_F                          0.0 
_refine.pdbx_data_cutoff_high_absF               ? 
_refine.pdbx_data_cutoff_low_absF                ? 
_refine.pdbx_data_cutoff_high_rms_absF           ? 
_refine.ls_d_res_low                             20.0 
_refine.ls_d_res_high                            1.9 
_refine.ls_percent_reflns_obs                    97.7 
_refine.ls_R_factor_obs                          0.2000000 
_refine.ls_R_factor_all                          0.2000000 
_refine.ls_R_factor_R_work                       ? 
_refine.ls_R_factor_R_free                       0.2300000 
_refine.ls_R_factor_R_free_error                 ? 
_refine.ls_R_factor_R_free_error_details         ? 
_refine.ls_percent_reflns_R_free                 5.0 
_refine.ls_number_reflns_R_free                  689 
_refine.ls_number_parameters                     4254 
_refine.ls_number_restraints                     3852 
_refine.occupancy_min                            ? 
_refine.occupancy_max                            ? 
_refine.B_iso_mean                               ? 
_refine.aniso_B[1][1]                            ? 
_refine.aniso_B[2][2]                            ? 
_refine.aniso_B[3][3]                            ? 
_refine.aniso_B[1][2]                            ? 
_refine.aniso_B[1][3]                            ? 
_refine.aniso_B[2][3]                            ? 
_refine.solvent_model_details                    'MOEWS & KRETSINGER' 
_refine.solvent_model_param_ksol                 ? 
_refine.solvent_model_param_bsol                 ? 
_refine.pdbx_ls_cross_valid_method               'FREE R' 
_refine.details                                  
'THE REFINEMENT WAS STARTED WITH X-PLOR. NO GEOMETRICAL RESTRAINTS WERE IMPOSED BETWEEN THE IRON ATOMS AND THEIR LIGANDS.' 
_refine.pdbx_starting_model                      ? 
_refine.pdbx_method_to_determine_struct          'MULTIPLE WAVELENGTH ANOMALOUS DISPERSION (MAD)' 
_refine.pdbx_isotropic_thermal_model             ? 
_refine.pdbx_stereochemistry_target_values       'ENGH & HUBER' 
_refine.pdbx_stereochem_target_val_spec_case     ? 
_refine.pdbx_R_Free_selection_details            RANDOM 
_refine.pdbx_overall_ESU_R                       ? 
_refine.pdbx_overall_ESU_R_Free                  ? 
_refine.overall_SU_ML                            ? 
_refine.overall_SU_B                             ? 
_refine.pdbx_refine_id                           'X-RAY DIFFRACTION' 
_refine.pdbx_diffrn_id                           1 
_refine.pdbx_TLS_residual_ADP_flag               ? 
_refine.correlation_coeff_Fo_to_Fc               ? 
_refine.correlation_coeff_Fo_to_Fc_free          ? 
_refine.pdbx_solvent_vdw_probe_radii             ? 
_refine.pdbx_solvent_ion_probe_radii             ? 
_refine.pdbx_solvent_shrinkage_radii             ? 
_refine.pdbx_overall_phase_error                 ? 
_refine.overall_SU_R_Cruickshank_DPI             ? 
_refine.pdbx_overall_SU_R_free_Cruickshank_DPI   ? 
_refine.pdbx_overall_SU_R_Blow_DPI               ? 
_refine.pdbx_overall_SU_R_free_Blow_DPI          ? 
# 
_refine_analyze.entry_id                        1DFX 
_refine_analyze.Luzzati_coordinate_error_obs    ? 
_refine_analyze.Luzzati_sigma_a_obs             ? 
_refine_analyze.Luzzati_d_res_low_obs           ? 
_refine_analyze.Luzzati_coordinate_error_free   ? 
_refine_analyze.Luzzati_sigma_a_free            ? 
_refine_analyze.Luzzati_d_res_low_free          ? 
_refine_analyze.number_disordered_residues      ? 
_refine_analyze.occupancy_sum_hydrogen          ? 
_refine_analyze.occupancy_sum_non_hydrogen      1027 
_refine_analyze.pdbx_refine_id                  'X-RAY DIFFRACTION' 
# 
_refine_hist.pdbx_refine_id                   'X-RAY DIFFRACTION' 
_refine_hist.cycle_id                         LAST 
_refine_hist.pdbx_number_atoms_protein        974 
_refine_hist.pdbx_number_atoms_nucleic_acid   0 
_refine_hist.pdbx_number_atoms_ligand         3 
_refine_hist.number_atoms_solvent             71 
_refine_hist.number_atoms_total               1048 
_refine_hist.d_res_high                       1.9 
_refine_hist.d_res_low                        20.0 
# 
loop_
_refine_ls_restr.type 
_refine_ls_restr.dev_ideal 
_refine_ls_restr.dev_ideal_target 
_refine_ls_restr.weight 
_refine_ls_restr.number 
_refine_ls_restr.pdbx_refine_id 
_refine_ls_restr.pdbx_restraint_function 
s_bond_d               0.02  ? ? ? 'X-RAY DIFFRACTION' ? 
s_angle_d              0.035 ? ? ? 'X-RAY DIFFRACTION' ? 
s_similar_dist         0.0   ? ? ? 'X-RAY DIFFRACTION' ? 
s_from_restr_planes    0.274 ? ? ? 'X-RAY DIFFRACTION' ? 
s_zero_chiral_vol      0.083 ? ? ? 'X-RAY DIFFRACTION' ? 
s_non_zero_chiral_vol  0.141 ? ? ? 'X-RAY DIFFRACTION' ? 
s_anti_bump_dis_restr  0.013 ? ? ? 'X-RAY DIFFRACTION' ? 
s_rigid_bond_adp_cmpnt ?     ? ? ? 'X-RAY DIFFRACTION' ? 
s_similar_adp_cmpnt    ?     ? ? ? 'X-RAY DIFFRACTION' ? 
s_approx_iso_adps      ?     ? ? ? 'X-RAY DIFFRACTION' ? 
# 
_pdbx_refine.entry_id                                    1DFX 
_pdbx_refine.R_factor_all_no_cutoff                      0.2000000 
_pdbx_refine.R_factor_obs_no_cutoff                      0.2000000 
_pdbx_refine.free_R_factor_no_cutoff                     0.2300000 
_pdbx_refine.free_R_val_test_set_size_perc_no_cutoff     5.0 
_pdbx_refine.free_R_val_test_set_ct_no_cutoff            689 
_pdbx_refine.R_factor_all_4sig_cutoff                    0.1900000 
_pdbx_refine.R_factor_obs_4sig_cutoff                    0.1900000 
_pdbx_refine.free_R_factor_4sig_cutoff                   0.2100000 
_pdbx_refine.free_R_val_test_set_size_perc_4sig_cutoff   4.3 
_pdbx_refine.free_R_val_test_set_ct_4sig_cutoff          432 
_pdbx_refine.number_reflns_obs_4sig_cutoff               10016 
_pdbx_refine.pdbx_refine_id                              'X-RAY DIFFRACTION' 
_pdbx_refine.free_R_error_no_cutoff                      ? 
# 
_struct.entry_id                  1DFX 
_struct.title                     'DESULFOFERRODOXIN FROM DESULFOVIBRIO DESULFURICANS, ATCC 27774' 
_struct.pdbx_model_details        ? 
_struct.pdbx_CASP_flag            ? 
_struct.pdbx_model_type_details   ? 
# 
_struct_keywords.entry_id        1DFX 
_struct_keywords.pdbx_keywords   'ELECTRON TRANSPORT' 
_struct_keywords.text            'ELECTRON TRANSPORT, NON-HEME IRON PROTEIN' 
# 
loop_
_struct_asym.id 
_struct_asym.pdbx_blank_PDB_chainid_flag 
_struct_asym.pdbx_modified 
_struct_asym.entity_id 
_struct_asym.details 
A N N 1 ? 
B N N 2 ? 
C N N 2 ? 
D N N 3 ? 
E N N 4 ? 
# 
_struct_ref.id                         1 
_struct_ref.db_name                    UNP 
_struct_ref.db_code                    DESR_DESDE 
_struct_ref.entity_id                  1 
_struct_ref.pdbx_db_accession          P22076 
_struct_ref.pdbx_align_begin           1 
_struct_ref.pdbx_seq_one_letter_code   
;PKHLEVYKCTHCGNIVEVLHGGGAELVCCGEPMKHMVEGSTDGAMEKHVPVIEKVDGGYLIKVGSVPHPMEEKHWIEWIE
LLADGRSYTKFLKPGDAPEAFFAIDASKVTAREYCNLHGHWKAEN
;
_struct_ref.pdbx_db_isoform            ? 
# 
_struct_ref_seq.align_id                      1 
_struct_ref_seq.ref_id                        1 
_struct_ref_seq.pdbx_PDB_id_code              1DFX 
_struct_ref_seq.pdbx_strand_id                A 
_struct_ref_seq.seq_align_beg                 1 
_struct_ref_seq.pdbx_seq_align_beg_ins_code   ? 
_struct_ref_seq.seq_align_end                 125 
_struct_ref_seq.pdbx_seq_align_end_ins_code   ? 
_struct_ref_seq.pdbx_db_accession             P22076 
_struct_ref_seq.db_align_beg                  1 
_struct_ref_seq.pdbx_db_align_beg_ins_code    ? 
_struct_ref_seq.db_align_end                  125 
_struct_ref_seq.pdbx_db_align_end_ins_code    ? 
_struct_ref_seq.pdbx_auth_seq_align_beg       1 
_struct_ref_seq.pdbx_auth_seq_align_end       125 
# 
_pdbx_struct_assembly.id                   1 
_pdbx_struct_assembly.details              author_and_software_defined_assembly 
_pdbx_struct_assembly.method_details       PISA,PQS 
_pdbx_struct_assembly.oligomeric_details   dimeric 
_pdbx_struct_assembly.oligomeric_count     2 
# 
loop_
_pdbx_struct_assembly_prop.biol_id 
_pdbx_struct_assembly_prop.type 
_pdbx_struct_assembly_prop.value 
_pdbx_struct_assembly_prop.details 
1 'ABSA (A^2)' 3440  ? 
1 MORE         -68   ? 
1 'SSA (A^2)'  11430 ? 
# 
_pdbx_struct_assembly_gen.assembly_id       1 
_pdbx_struct_assembly_gen.oper_expression   1,2 
_pdbx_struct_assembly_gen.asym_id_list      A,B,C,D,E 
# 
loop_
_pdbx_struct_oper_list.id 
_pdbx_struct_oper_list.type 
_pdbx_struct_oper_list.name 
_pdbx_struct_oper_list.symmetry_operation 
_pdbx_struct_oper_list.matrix[1][1] 
_pdbx_struct_oper_list.matrix[1][2] 
_pdbx_struct_oper_list.matrix[1][3] 
_pdbx_struct_oper_list.vector[1] 
_pdbx_struct_oper_list.matrix[2][1] 
_pdbx_struct_oper_list.matrix[2][2] 
_pdbx_struct_oper_list.matrix[2][3] 
_pdbx_struct_oper_list.vector[2] 
_pdbx_struct_oper_list.matrix[3][1] 
_pdbx_struct_oper_list.matrix[3][2] 
_pdbx_struct_oper_list.matrix[3][3] 
_pdbx_struct_oper_list.vector[3] 
1 'identity operation'         1_555 x,y,z    1.0000000000  0.0000000000 0.0000000000  0.0000000000   0.0000000000 1.0000000000 0.0000000000  0.0000000000 0.0000000000  0.0000000000  1.0000000000  0.0000000000 
2 'crystal symmetry operation' 4_556 y,x,-z+1 -0.7124945475 0.7011618375 -0.0268997669 -18.7397314107 0.7011618375 0.7099777345 -0.0656025471 7.7381345587 -0.0268997669 -0.0656025471 -0.9974831870 1.4092942103 
# 
_struct_biol.id   1 
# 
_struct_conf.conf_type_id            HELX_P 
_struct_conf.id                      HELX_P1 
_struct_conf.pdbx_PDB_helix_id       1 
_struct_conf.beg_label_comp_id       MET 
_struct_conf.beg_label_asym_id       A 
_struct_conf.beg_label_seq_id        45 
_struct_conf.pdbx_beg_PDB_ins_code   ? 
_struct_conf.end_label_comp_id       HIS 
_struct_conf.end_label_asym_id       A 
_struct_conf.end_label_seq_id        48 
_struct_conf.pdbx_end_PDB_ins_code   ? 
_struct_conf.beg_auth_comp_id        MET 
_struct_conf.beg_auth_asym_id        A 
_struct_conf.beg_auth_seq_id         45 
_struct_conf.end_auth_comp_id        HIS 
_struct_conf.end_auth_asym_id        A 
_struct_conf.end_auth_seq_id         48 
_struct_conf.pdbx_PDB_helix_class    1 
_struct_conf.details                 ? 
_struct_conf.pdbx_PDB_helix_length   4 
# 
_struct_conf_type.id          HELX_P 
_struct_conf_type.criteria    ? 
_struct_conf_type.reference   ? 
# 
loop_
_struct_conn.id 
_struct_conn.conn_type_id 
_struct_conn.pdbx_leaving_atom_flag 
_struct_conn.pdbx_PDB_id 
_struct_conn.ptnr1_label_asym_id 
_struct_conn.ptnr1_label_comp_id 
_struct_conn.ptnr1_label_seq_id 
_struct_conn.ptnr1_label_atom_id 
_struct_conn.pdbx_ptnr1_label_alt_id 
_struct_conn.pdbx_ptnr1_PDB_ins_code 
_struct_conn.pdbx_ptnr1_standard_comp_id 
_struct_conn.ptnr1_symmetry 
_struct_conn.ptnr2_label_asym_id 
_struct_conn.ptnr2_label_comp_id 
_struct_conn.ptnr2_label_seq_id 
_struct_conn.ptnr2_label_atom_id 
_struct_conn.pdbx_ptnr2_label_alt_id 
_struct_conn.pdbx_ptnr2_PDB_ins_code 
_struct_conn.ptnr1_auth_asym_id 
_struct_conn.ptnr1_auth_comp_id 
_struct_conn.ptnr1_auth_seq_id 
_struct_conn.ptnr2_auth_asym_id 
_struct_conn.ptnr2_auth_comp_id 
_struct_conn.ptnr2_auth_seq_id 
_struct_conn.ptnr2_symmetry 
_struct_conn.pdbx_ptnr3_label_atom_id 
_struct_conn.pdbx_ptnr3_label_seq_id 
_struct_conn.pdbx_ptnr3_label_comp_id 
_struct_conn.pdbx_ptnr3_label_asym_id 
_struct_conn.pdbx_ptnr3_label_alt_id 
_struct_conn.pdbx_ptnr3_PDB_ins_code 
_struct_conn.details 
_struct_conn.pdbx_dist_value 
_struct_conn.pdbx_value_order 
_struct_conn.pdbx_role 
metalc1  metalc ? ? A CYS 9   SG  ? ? ? 1_555 B FE  . FE ? ? A CYS 9   A FE  131 1_555 ? ? ? ? ? ? ? 2.257 ? ? 
metalc2  metalc ? ? A CYS 12  SG  ? ? ? 1_555 B FE  . FE ? ? A CYS 12  A FE  131 1_555 ? ? ? ? ? ? ? 2.260 ? ? 
metalc3  metalc ? ? A CYS 28  SG  ? ? ? 1_555 B FE  . FE ? ? A CYS 28  A FE  131 1_555 ? ? ? ? ? ? ? 2.283 ? ? 
metalc4  metalc ? ? A CYS 29  SG  ? ? ? 1_555 B FE  . FE ? ? A CYS 29  A FE  131 1_555 ? ? ? ? ? ? ? 2.331 ? ? 
metalc5  metalc ? ? A HIS 48  NE2 ? ? ? 1_555 C FE  . FE ? ? A HIS 48  A FE  132 1_555 ? ? ? ? ? ? ? 2.198 ? ? 
metalc6  metalc ? ? A HIS 68  NE2 ? ? ? 1_555 C FE  . FE ? ? A HIS 68  A FE  132 1_555 ? ? ? ? ? ? ? 2.058 ? ? 
metalc7  metalc ? ? A HIS 74  NE2 ? ? ? 1_555 C FE  . FE ? ? A HIS 74  A FE  132 1_555 ? ? ? ? ? ? ? 2.213 ? ? 
metalc8  metalc ? ? A SER 87  O   ? ? ? 1_555 D CA  . CA ? ? A SER 87  A CA  150 1_555 ? ? ? ? ? ? ? 2.941 ? ? 
metalc9  metalc ? ? A SER 87  OG  ? ? ? 1_555 D CA  . CA ? ? A SER 87  A CA  150 1_555 ? ? ? ? ? ? ? 3.081 ? ? 
metalc10 metalc ? ? A SER 87  O   ? ? ? 4_556 D CA  . CA ? ? A SER 87  A CA  150 1_555 ? ? ? ? ? ? ? 2.941 ? ? 
metalc11 metalc ? ? A SER 87  OG  ? ? ? 4_556 D CA  . CA ? ? A SER 87  A CA  150 1_555 ? ? ? ? ? ? ? 3.081 ? ? 
metalc12 metalc ? ? A THR 89  OG1 ? ? ? 1_555 D CA  . CA ? ? A THR 89  A CA  150 1_555 ? ? ? ? ? ? ? 3.135 ? ? 
metalc13 metalc ? ? A THR 89  OG1 ? ? ? 4_556 D CA  . CA ? ? A THR 89  A CA  150 1_555 ? ? ? ? ? ? ? 3.135 ? ? 
metalc14 metalc ? ? A CYS 115 SG  ? ? ? 1_555 C FE  . FE ? ? A CYS 115 A FE  132 1_555 ? ? ? ? ? ? ? 2.287 ? ? 
metalc15 metalc ? ? A HIS 118 ND1 ? ? ? 1_555 C FE  . FE ? ? A HIS 118 A FE  132 1_555 ? ? ? ? ? ? ? 2.113 ? ? 
metalc16 metalc ? ? D CA  .   CA  ? ? ? 1_555 E HOH . O  ? ? A CA  150 A HOH 253 1_555 ? ? ? ? ? ? ? 2.722 ? ? 
metalc17 metalc ? ? D CA  .   CA  ? ? ? 1_555 E HOH . O  ? ? A CA  150 A HOH 253 4_556 ? ? ? ? ? ? ? 2.722 ? ? 
# 
_struct_conn_type.id          metalc 
_struct_conn_type.criteria    ? 
_struct_conn_type.reference   ? 
# 
loop_
_pdbx_struct_conn_angle.id 
_pdbx_struct_conn_angle.ptnr1_label_atom_id 
_pdbx_struct_conn_angle.ptnr1_label_alt_id 
_pdbx_struct_conn_angle.ptnr1_label_asym_id 
_pdbx_struct_conn_angle.ptnr1_label_comp_id 
_pdbx_struct_conn_angle.ptnr1_label_seq_id 
_pdbx_struct_conn_angle.ptnr1_auth_atom_id 
_pdbx_struct_conn_angle.ptnr1_auth_asym_id 
_pdbx_struct_conn_angle.ptnr1_auth_comp_id 
_pdbx_struct_conn_angle.ptnr1_auth_seq_id 
_pdbx_struct_conn_angle.ptnr1_PDB_ins_code 
_pdbx_struct_conn_angle.ptnr1_symmetry 
_pdbx_struct_conn_angle.ptnr2_label_atom_id 
_pdbx_struct_conn_angle.ptnr2_label_alt_id 
_pdbx_struct_conn_angle.ptnr2_label_asym_id 
_pdbx_struct_conn_angle.ptnr2_label_comp_id 
_pdbx_struct_conn_angle.ptnr2_label_seq_id 
_pdbx_struct_conn_angle.ptnr2_auth_atom_id 
_pdbx_struct_conn_angle.ptnr2_auth_asym_id 
_pdbx_struct_conn_angle.ptnr2_auth_comp_id 
_pdbx_struct_conn_angle.ptnr2_auth_seq_id 
_pdbx_struct_conn_angle.ptnr2_PDB_ins_code 
_pdbx_struct_conn_angle.ptnr2_symmetry 
_pdbx_struct_conn_angle.ptnr3_label_atom_id 
_pdbx_struct_conn_angle.ptnr3_label_alt_id 
_pdbx_struct_conn_angle.ptnr3_label_asym_id 
_pdbx_struct_conn_angle.ptnr3_label_comp_id 
_pdbx_struct_conn_angle.ptnr3_label_seq_id 
_pdbx_struct_conn_angle.ptnr3_auth_atom_id 
_pdbx_struct_conn_angle.ptnr3_auth_asym_id 
_pdbx_struct_conn_angle.ptnr3_auth_comp_id 
_pdbx_struct_conn_angle.ptnr3_auth_seq_id 
_pdbx_struct_conn_angle.ptnr3_PDB_ins_code 
_pdbx_struct_conn_angle.ptnr3_symmetry 
_pdbx_struct_conn_angle.value 
_pdbx_struct_conn_angle.value_esd 
1  SG  ? A CYS 9   ? A CYS 9   ? 1_555 FE ? B FE . ? A FE 131 ? 1_555 SG  ? A CYS 12  ? A CYS 12  ? 1_555 109.7 ? 
2  SG  ? A CYS 9   ? A CYS 9   ? 1_555 FE ? B FE . ? A FE 131 ? 1_555 SG  ? A CYS 28  ? A CYS 28  ? 1_555 106.0 ? 
3  SG  ? A CYS 12  ? A CYS 12  ? 1_555 FE ? B FE . ? A FE 131 ? 1_555 SG  ? A CYS 28  ? A CYS 28  ? 1_555 103.7 ? 
4  SG  ? A CYS 9   ? A CYS 9   ? 1_555 FE ? B FE . ? A FE 131 ? 1_555 SG  ? A CYS 29  ? A CYS 29  ? 1_555 105.6 ? 
5  SG  ? A CYS 12  ? A CYS 12  ? 1_555 FE ? B FE . ? A FE 131 ? 1_555 SG  ? A CYS 29  ? A CYS 29  ? 1_555 105.3 ? 
6  SG  ? A CYS 28  ? A CYS 28  ? 1_555 FE ? B FE . ? A FE 131 ? 1_555 SG  ? A CYS 29  ? A CYS 29  ? 1_555 125.9 ? 
7  NE2 ? A HIS 48  ? A HIS 48  ? 1_555 FE ? C FE . ? A FE 132 ? 1_555 NE2 ? A HIS 68  ? A HIS 68  ? 1_555 84.0  ? 
8  NE2 ? A HIS 48  ? A HIS 48  ? 1_555 FE ? C FE . ? A FE 132 ? 1_555 NE2 ? A HIS 74  ? A HIS 74  ? 1_555 158.2 ? 
9  NE2 ? A HIS 68  ? A HIS 68  ? 1_555 FE ? C FE . ? A FE 132 ? 1_555 NE2 ? A HIS 74  ? A HIS 74  ? 1_555 94.0  ? 
10 NE2 ? A HIS 48  ? A HIS 48  ? 1_555 FE ? C FE . ? A FE 132 ? 1_555 SG  ? A CYS 115 ? A CYS 115 ? 1_555 111.5 ? 
11 NE2 ? A HIS 68  ? A HIS 68  ? 1_555 FE ? C FE . ? A FE 132 ? 1_555 SG  ? A CYS 115 ? A CYS 115 ? 1_555 95.0  ? 
12 NE2 ? A HIS 74  ? A HIS 74  ? 1_555 FE ? C FE . ? A FE 132 ? 1_555 SG  ? A CYS 115 ? A CYS 115 ? 1_555 90.3  ? 
13 NE2 ? A HIS 48  ? A HIS 48  ? 1_555 FE ? C FE . ? A FE 132 ? 1_555 ND1 ? A HIS 118 ? A HIS 118 ? 1_555 91.9  ? 
14 NE2 ? A HIS 68  ? A HIS 68  ? 1_555 FE ? C FE . ? A FE 132 ? 1_555 ND1 ? A HIS 118 ? A HIS 118 ? 1_555 169.2 ? 
15 NE2 ? A HIS 74  ? A HIS 74  ? 1_555 FE ? C FE . ? A FE 132 ? 1_555 ND1 ? A HIS 118 ? A HIS 118 ? 1_555 86.2  ? 
16 SG  ? A CYS 115 ? A CYS 115 ? 1_555 FE ? C FE . ? A FE 132 ? 1_555 ND1 ? A HIS 118 ? A HIS 118 ? 1_555 95.8  ? 
17 O   ? A SER 87  ? A SER 87  ? 1_555 CA ? D CA . ? A CA 150 ? 1_555 OG  ? A SER 87  ? A SER 87  ? 1_555 61.9  ? 
18 O   ? A SER 87  ? A SER 87  ? 1_555 CA ? D CA . ? A CA 150 ? 1_555 O   ? A SER 87  ? A SER 87  ? 4_556 75.6  ? 
19 OG  ? A SER 87  ? A SER 87  ? 1_555 CA ? D CA . ? A CA 150 ? 1_555 O   ? A SER 87  ? A SER 87  ? 4_556 122.7 ? 
20 O   ? A SER 87  ? A SER 87  ? 1_555 CA ? D CA . ? A CA 150 ? 1_555 OG  ? A SER 87  ? A SER 87  ? 4_556 122.7 ? 
21 OG  ? A SER 87  ? A SER 87  ? 1_555 CA ? D CA . ? A CA 150 ? 1_555 OG  ? A SER 87  ? A SER 87  ? 4_556 174.9 ? 
22 O   ? A SER 87  ? A SER 87  ? 4_556 CA ? D CA . ? A CA 150 ? 1_555 OG  ? A SER 87  ? A SER 87  ? 4_556 61.9  ? 
23 O   ? A SER 87  ? A SER 87  ? 1_555 CA ? D CA . ? A CA 150 ? 1_555 OG1 ? A THR 89  ? A THR 89  ? 1_555 99.7  ? 
24 OG  ? A SER 87  ? A SER 87  ? 1_555 CA ? D CA . ? A CA 150 ? 1_555 OG1 ? A THR 89  ? A THR 89  ? 1_555 73.1  ? 
25 O   ? A SER 87  ? A SER 87  ? 4_556 CA ? D CA . ? A CA 150 ? 1_555 OG1 ? A THR 89  ? A THR 89  ? 1_555 78.7  ? 
26 OG  ? A SER 87  ? A SER 87  ? 4_556 CA ? D CA . ? A CA 150 ? 1_555 OG1 ? A THR 89  ? A THR 89  ? 1_555 107.0 ? 
27 O   ? A SER 87  ? A SER 87  ? 1_555 CA ? D CA . ? A CA 150 ? 1_555 OG1 ? A THR 89  ? A THR 89  ? 4_556 78.7  ? 
28 OG  ? A SER 87  ? A SER 87  ? 1_555 CA ? D CA . ? A CA 150 ? 1_555 OG1 ? A THR 89  ? A THR 89  ? 4_556 107.0 ? 
29 O   ? A SER 87  ? A SER 87  ? 4_556 CA ? D CA . ? A CA 150 ? 1_555 OG1 ? A THR 89  ? A THR 89  ? 4_556 99.7  ? 
30 OG  ? A SER 87  ? A SER 87  ? 4_556 CA ? D CA . ? A CA 150 ? 1_555 OG1 ? A THR 89  ? A THR 89  ? 4_556 73.1  ? 
31 OG1 ? A THR 89  ? A THR 89  ? 1_555 CA ? D CA . ? A CA 150 ? 1_555 OG1 ? A THR 89  ? A THR 89  ? 4_556 178.1 ? 
32 O   ? A SER 87  ? A SER 87  ? 1_555 CA ? D CA . ? A CA 150 ? 1_555 O   ? E HOH .   ? A HOH 253 ? 1_555 145.3 ? 
33 OG  ? A SER 87  ? A SER 87  ? 1_555 CA ? D CA . ? A CA 150 ? 1_555 O   ? E HOH .   ? A HOH 253 ? 1_555 84.7  ? 
34 O   ? A SER 87  ? A SER 87  ? 4_556 CA ? D CA . ? A CA 150 ? 1_555 O   ? E HOH .   ? A HOH 253 ? 1_555 120.3 ? 
35 OG  ? A SER 87  ? A SER 87  ? 4_556 CA ? D CA . ? A CA 150 ? 1_555 O   ? E HOH .   ? A HOH 253 ? 1_555 91.1  ? 
36 OG1 ? A THR 89  ? A THR 89  ? 1_555 CA ? D CA . ? A CA 150 ? 1_555 O   ? E HOH .   ? A HOH 253 ? 1_555 58.7  ? 
37 OG1 ? A THR 89  ? A THR 89  ? 4_556 CA ? D CA . ? A CA 150 ? 1_555 O   ? E HOH .   ? A HOH 253 ? 1_555 123.2 ? 
38 O   ? A SER 87  ? A SER 87  ? 1_555 CA ? D CA . ? A CA 150 ? 1_555 O   ? E HOH .   ? A HOH 253 ? 4_556 120.3 ? 
39 OG  ? A SER 87  ? A SER 87  ? 1_555 CA ? D CA . ? A CA 150 ? 1_555 O   ? E HOH .   ? A HOH 253 ? 4_556 91.1  ? 
40 O   ? A SER 87  ? A SER 87  ? 4_556 CA ? D CA . ? A CA 150 ? 1_555 O   ? E HOH .   ? A HOH 253 ? 4_556 145.3 ? 
41 OG  ? A SER 87  ? A SER 87  ? 4_556 CA ? D CA . ? A CA 150 ? 1_555 O   ? E HOH .   ? A HOH 253 ? 4_556 84.7  ? 
42 OG1 ? A THR 89  ? A THR 89  ? 1_555 CA ? D CA . ? A CA 150 ? 1_555 O   ? E HOH .   ? A HOH 253 ? 4_556 123.2 ? 
43 OG1 ? A THR 89  ? A THR 89  ? 4_556 CA ? D CA . ? A CA 150 ? 1_555 O   ? E HOH .   ? A HOH 253 ? 4_556 58.7  ? 
44 O   ? E HOH .   ? A HOH 253 ? 1_555 CA ? D CA . ? A CA 150 ? 1_555 O   ? E HOH .   ? A HOH 253 ? 4_556 65.9  ? 
# 
_struct_mon_prot_cis.pdbx_id                1 
_struct_mon_prot_cis.label_comp_id          VAL 
_struct_mon_prot_cis.label_seq_id           63 
_struct_mon_prot_cis.label_asym_id          A 
_struct_mon_prot_cis.label_alt_id           . 
_struct_mon_prot_cis.pdbx_PDB_ins_code      ? 
_struct_mon_prot_cis.auth_comp_id           VAL 
_struct_mon_prot_cis.auth_seq_id            63 
_struct_mon_prot_cis.auth_asym_id           A 
_struct_mon_prot_cis.pdbx_label_comp_id_2   GLY 
_struct_mon_prot_cis.pdbx_label_seq_id_2    64 
_struct_mon_prot_cis.pdbx_label_asym_id_2   A 
_struct_mon_prot_cis.pdbx_PDB_ins_code_2    ? 
_struct_mon_prot_cis.pdbx_auth_comp_id_2    GLY 
_struct_mon_prot_cis.pdbx_auth_seq_id_2     64 
_struct_mon_prot_cis.pdbx_auth_asym_id_2    A 
_struct_mon_prot_cis.pdbx_PDB_model_num     1 
_struct_mon_prot_cis.pdbx_omega_angle       -4.63 
# 
loop_
_struct_sheet.id 
_struct_sheet.type 
_struct_sheet.number_strands 
_struct_sheet.details 
A ? 2 ? 
B ? 3 ? 
C ? 4 ? 
# 
loop_
_struct_sheet_order.sheet_id 
_struct_sheet_order.range_id_1 
_struct_sheet_order.range_id_2 
_struct_sheet_order.offset 
_struct_sheet_order.sense 
A 1 2 ? anti-parallel 
B 1 2 ? anti-parallel 
B 2 3 ? anti-parallel 
C 1 2 ? anti-parallel 
C 2 3 ? anti-parallel 
C 3 4 ? anti-parallel 
# 
loop_
_struct_sheet_range.sheet_id 
_struct_sheet_range.id 
_struct_sheet_range.beg_label_comp_id 
_struct_sheet_range.beg_label_asym_id 
_struct_sheet_range.beg_label_seq_id 
_struct_sheet_range.pdbx_beg_PDB_ins_code 
_struct_sheet_range.end_label_comp_id 
_struct_sheet_range.end_label_asym_id 
_struct_sheet_range.end_label_seq_id 
_struct_sheet_range.pdbx_end_PDB_ins_code 
_struct_sheet_range.beg_auth_comp_id 
_struct_sheet_range.beg_auth_asym_id 
_struct_sheet_range.beg_auth_seq_id 
_struct_sheet_range.end_auth_comp_id 
_struct_sheet_range.end_auth_asym_id 
_struct_sheet_range.end_auth_seq_id 
A 1 VAL A 6   ? LYS A 8   ? VAL A 6   LYS A 8   
A 2 ILE A 15  ? GLU A 17  ? ILE A 15  GLU A 17  
B 1 VAL A 51  ? VAL A 55  ? VAL A 51  VAL A 55  
B 2 GLY A 58  ? LYS A 62  ? GLY A 58  LYS A 62  
B 3 GLU A 99  ? ALA A 103 ? GLU A 99  ALA A 103 
C 1 ARG A 86  ? PHE A 91  ? ARG A 86  PHE A 91  
C 2 ILE A 76  ? ALA A 83  ? ILE A 76  ALA A 83  
C 3 THR A 110 ? CYS A 115 ? THR A 110 CYS A 115 
C 4 GLY A 119 ? GLU A 124 ? GLY A 119 GLU A 124 
# 
loop_
_pdbx_struct_sheet_hbond.sheet_id 
_pdbx_struct_sheet_hbond.range_id_1 
_pdbx_struct_sheet_hbond.range_id_2 
_pdbx_struct_sheet_hbond.range_1_label_atom_id 
_pdbx_struct_sheet_hbond.range_1_label_comp_id 
_pdbx_struct_sheet_hbond.range_1_label_asym_id 
_pdbx_struct_sheet_hbond.range_1_label_seq_id 
_pdbx_struct_sheet_hbond.range_1_PDB_ins_code 
_pdbx_struct_sheet_hbond.range_1_auth_atom_id 
_pdbx_struct_sheet_hbond.range_1_auth_comp_id 
_pdbx_struct_sheet_hbond.range_1_auth_asym_id 
_pdbx_struct_sheet_hbond.range_1_auth_seq_id 
_pdbx_struct_sheet_hbond.range_2_label_atom_id 
_pdbx_struct_sheet_hbond.range_2_label_comp_id 
_pdbx_struct_sheet_hbond.range_2_label_asym_id 
_pdbx_struct_sheet_hbond.range_2_label_seq_id 
_pdbx_struct_sheet_hbond.range_2_PDB_ins_code 
_pdbx_struct_sheet_hbond.range_2_auth_atom_id 
_pdbx_struct_sheet_hbond.range_2_auth_comp_id 
_pdbx_struct_sheet_hbond.range_2_auth_asym_id 
_pdbx_struct_sheet_hbond.range_2_auth_seq_id 
A 1 2 O TYR A 7   ? O TYR A 7   N VAL A 16  ? N VAL A 16  
B 1 2 O VAL A 51  ? O VAL A 51  N LYS A 62  ? N LYS A 62  
B 2 3 O TYR A 59  ? O TYR A 59  N PHE A 102 ? N PHE A 102 
C 1 2 O ARG A 86  ? O ARG A 86  N ALA A 83  ? N ALA A 83  
C 2 3 O GLU A 77  ? O GLU A 77  N TYR A 114 ? N TYR A 114 
C 3 4 O ALA A 111 ? O ALA A 111 N ALA A 123 ? N ALA A 123 
# 
loop_
_struct_site.id 
_struct_site.pdbx_evidence_code 
_struct_site.pdbx_auth_asym_id 
_struct_site.pdbx_auth_comp_id 
_struct_site.pdbx_auth_seq_id 
_struct_site.pdbx_auth_ins_code 
_struct_site.pdbx_num_residues 
_struct_site.details 
AC1 Software A FE 131 ? 4 'BINDING SITE FOR RESIDUE FE A 131' 
AC2 Software A FE 132 ? 5 'BINDING SITE FOR RESIDUE FE A 132' 
AC3 Software A CA 150 ? 6 'BINDING SITE FOR RESIDUE CA A 150' 
# 
loop_
_struct_site_gen.id 
_struct_site_gen.site_id 
_struct_site_gen.pdbx_num_res 
_struct_site_gen.label_comp_id 
_struct_site_gen.label_asym_id 
_struct_site_gen.label_seq_id 
_struct_site_gen.pdbx_auth_ins_code 
_struct_site_gen.auth_comp_id 
_struct_site_gen.auth_asym_id 
_struct_site_gen.auth_seq_id 
_struct_site_gen.label_atom_id 
_struct_site_gen.label_alt_id 
_struct_site_gen.symmetry 
_struct_site_gen.details 
1  AC1 4 CYS A 9   ? CYS A 9   . ? 1_555 ? 
2  AC1 4 CYS A 12  ? CYS A 12  . ? 1_555 ? 
3  AC1 4 CYS A 28  ? CYS A 28  . ? 1_555 ? 
4  AC1 4 CYS A 29  ? CYS A 29  . ? 1_555 ? 
5  AC2 5 HIS A 48  ? HIS A 48  . ? 1_555 ? 
6  AC2 5 HIS A 68  ? HIS A 68  . ? 1_555 ? 
7  AC2 5 HIS A 74  ? HIS A 74  . ? 1_555 ? 
8  AC2 5 CYS A 115 ? CYS A 115 . ? 1_555 ? 
9  AC2 5 HIS A 118 ? HIS A 118 . ? 1_555 ? 
10 AC3 6 SER A 87  ? SER A 87  . ? 4_556 ? 
11 AC3 6 SER A 87  ? SER A 87  . ? 1_555 ? 
12 AC3 6 THR A 89  ? THR A 89  . ? 4_556 ? 
13 AC3 6 THR A 89  ? THR A 89  . ? 1_555 ? 
14 AC3 6 HOH E .   ? HOH A 253 . ? 1_555 ? 
15 AC3 6 HOH E .   ? HOH A 253 . ? 4_556 ? 
# 
_pdbx_validate_symm_contact.id                1 
_pdbx_validate_symm_contact.PDB_model_num     1 
_pdbx_validate_symm_contact.auth_atom_id_1    OD1 
_pdbx_validate_symm_contact.auth_asym_id_1    A 
_pdbx_validate_symm_contact.auth_comp_id_1    ASP 
_pdbx_validate_symm_contact.auth_seq_id_1     84 
_pdbx_validate_symm_contact.PDB_ins_code_1    ? 
_pdbx_validate_symm_contact.label_alt_id_1    ? 
_pdbx_validate_symm_contact.site_symmetry_1   1_555 
_pdbx_validate_symm_contact.auth_atom_id_2    OG 
_pdbx_validate_symm_contact.auth_asym_id_2    A 
_pdbx_validate_symm_contact.auth_comp_id_2    SER 
_pdbx_validate_symm_contact.auth_seq_id_2     107 
_pdbx_validate_symm_contact.PDB_ins_code_2    ? 
_pdbx_validate_symm_contact.label_alt_id_2    ? 
_pdbx_validate_symm_contact.site_symmetry_2   17_555 
_pdbx_validate_symm_contact.dist              2.04 
# 
loop_
_pdbx_validate_torsion.id 
_pdbx_validate_torsion.PDB_model_num 
_pdbx_validate_torsion.auth_comp_id 
_pdbx_validate_torsion.auth_asym_id 
_pdbx_validate_torsion.auth_seq_id 
_pdbx_validate_torsion.PDB_ins_code 
_pdbx_validate_torsion.label_alt_id 
_pdbx_validate_torsion.phi 
_pdbx_validate_torsion.psi 
1 1 THR A 41  ? ? -106.43 73.11  
2 1 ASP A 42  ? ? -29.72  98.82  
3 1 ASP A 84  ? ? 12.50   83.90  
4 1 ALA A 106 ? ? -175.75 138.93 
# 
_pdbx_struct_special_symmetry.id              1 
_pdbx_struct_special_symmetry.PDB_model_num   1 
_pdbx_struct_special_symmetry.auth_asym_id    A 
_pdbx_struct_special_symmetry.auth_comp_id    CA 
_pdbx_struct_special_symmetry.auth_seq_id     150 
_pdbx_struct_special_symmetry.PDB_ins_code    ? 
_pdbx_struct_special_symmetry.label_asym_id   D 
_pdbx_struct_special_symmetry.label_comp_id   CA 
_pdbx_struct_special_symmetry.label_seq_id    . 
# 
loop_
_chem_comp_atom.comp_id 
_chem_comp_atom.atom_id 
_chem_comp_atom.type_symbol 
_chem_comp_atom.pdbx_aromatic_flag 
_chem_comp_atom.pdbx_stereo_config 
_chem_comp_atom.pdbx_ordinal 
ALA N    N  N N 1   
ALA CA   C  N S 2   
ALA C    C  N N 3   
ALA O    O  N N 4   
ALA CB   C  N N 5   
ALA OXT  O  N N 6   
ALA H    H  N N 7   
ALA H2   H  N N 8   
ALA HA   H  N N 9   
ALA HB1  H  N N 10  
ALA HB2  H  N N 11  
ALA HB3  H  N N 12  
ALA HXT  H  N N 13  
ARG N    N  N N 14  
ARG CA   C  N S 15  
ARG C    C  N N 16  
ARG O    O  N N 17  
ARG CB   C  N N 18  
ARG CG   C  N N 19  
ARG CD   C  N N 20  
ARG NE   N  N N 21  
ARG CZ   C  N N 22  
ARG NH1  N  N N 23  
ARG NH2  N  N N 24  
ARG OXT  O  N N 25  
ARG H    H  N N 26  
ARG H2   H  N N 27  
ARG HA   H  N N 28  
ARG HB2  H  N N 29  
ARG HB3  H  N N 30  
ARG HG2  H  N N 31  
ARG HG3  H  N N 32  
ARG HD2  H  N N 33  
ARG HD3  H  N N 34  
ARG HE   H  N N 35  
ARG HH11 H  N N 36  
ARG HH12 H  N N 37  
ARG HH21 H  N N 38  
ARG HH22 H  N N 39  
ARG HXT  H  N N 40  
ASN N    N  N N 41  
ASN CA   C  N S 42  
ASN C    C  N N 43  
ASN O    O  N N 44  
ASN CB   C  N N 45  
ASN CG   C  N N 46  
ASN OD1  O  N N 47  
ASN ND2  N  N N 48  
ASN OXT  O  N N 49  
ASN H    H  N N 50  
ASN H2   H  N N 51  
ASN HA   H  N N 52  
ASN HB2  H  N N 53  
ASN HB3  H  N N 54  
ASN HD21 H  N N 55  
ASN HD22 H  N N 56  
ASN HXT  H  N N 57  
ASP N    N  N N 58  
ASP CA   C  N S 59  
ASP C    C  N N 60  
ASP O    O  N N 61  
ASP CB   C  N N 62  
ASP CG   C  N N 63  
ASP OD1  O  N N 64  
ASP OD2  O  N N 65  
ASP OXT  O  N N 66  
ASP H    H  N N 67  
ASP H2   H  N N 68  
ASP HA   H  N N 69  
ASP HB2  H  N N 70  
ASP HB3  H  N N 71  
ASP HD2  H  N N 72  
ASP HXT  H  N N 73  
CA  CA   CA N N 74  
CYS N    N  N N 75  
CYS CA   C  N R 76  
CYS C    C  N N 77  
CYS O    O  N N 78  
CYS CB   C  N N 79  
CYS SG   S  N N 80  
CYS OXT  O  N N 81  
CYS H    H  N N 82  
CYS H2   H  N N 83  
CYS HA   H  N N 84  
CYS HB2  H  N N 85  
CYS HB3  H  N N 86  
CYS HG   H  N N 87  
CYS HXT  H  N N 88  
FE  FE   FE N N 89  
GLU N    N  N N 90  
GLU CA   C  N S 91  
GLU C    C  N N 92  
GLU O    O  N N 93  
GLU CB   C  N N 94  
GLU CG   C  N N 95  
GLU CD   C  N N 96  
GLU OE1  O  N N 97  
GLU OE2  O  N N 98  
GLU OXT  O  N N 99  
GLU H    H  N N 100 
GLU H2   H  N N 101 
GLU HA   H  N N 102 
GLU HB2  H  N N 103 
GLU HB3  H  N N 104 
GLU HG2  H  N N 105 
GLU HG3  H  N N 106 
GLU HE2  H  N N 107 
GLU HXT  H  N N 108 
GLY N    N  N N 109 
GLY CA   C  N N 110 
GLY C    C  N N 111 
GLY O    O  N N 112 
GLY OXT  O  N N 113 
GLY H    H  N N 114 
GLY H2   H  N N 115 
GLY HA2  H  N N 116 
GLY HA3  H  N N 117 
GLY HXT  H  N N 118 
HIS N    N  N N 119 
HIS CA   C  N S 120 
HIS C    C  N N 121 
HIS O    O  N N 122 
HIS CB   C  N N 123 
HIS CG   C  Y N 124 
HIS ND1  N  Y N 125 
HIS CD2  C  Y N 126 
HIS CE1  C  Y N 127 
HIS NE2  N  Y N 128 
HIS OXT  O  N N 129 
HIS H    H  N N 130 
HIS H2   H  N N 131 
HIS HA   H  N N 132 
HIS HB2  H  N N 133 
HIS HB3  H  N N 134 
HIS HD1  H  N N 135 
HIS HD2  H  N N 136 
HIS HE1  H  N N 137 
HIS HE2  H  N N 138 
HIS HXT  H  N N 139 
HOH O    O  N N 140 
HOH H1   H  N N 141 
HOH H2   H  N N 142 
ILE N    N  N N 143 
ILE CA   C  N S 144 
ILE C    C  N N 145 
ILE O    O  N N 146 
ILE CB   C  N S 147 
ILE CG1  C  N N 148 
ILE CG2  C  N N 149 
ILE CD1  C  N N 150 
ILE OXT  O  N N 151 
ILE H    H  N N 152 
ILE H2   H  N N 153 
ILE HA   H  N N 154 
ILE HB   H  N N 155 
ILE HG12 H  N N 156 
ILE HG13 H  N N 157 
ILE HG21 H  N N 158 
ILE HG22 H  N N 159 
ILE HG23 H  N N 160 
ILE HD11 H  N N 161 
ILE HD12 H  N N 162 
ILE HD13 H  N N 163 
ILE HXT  H  N N 164 
LEU N    N  N N 165 
LEU CA   C  N S 166 
LEU C    C  N N 167 
LEU O    O  N N 168 
LEU CB   C  N N 169 
LEU CG   C  N N 170 
LEU CD1  C  N N 171 
LEU CD2  C  N N 172 
LEU OXT  O  N N 173 
LEU H    H  N N 174 
LEU H2   H  N N 175 
LEU HA   H  N N 176 
LEU HB2  H  N N 177 
LEU HB3  H  N N 178 
LEU HG   H  N N 179 
LEU HD11 H  N N 180 
LEU HD12 H  N N 181 
LEU HD13 H  N N 182 
LEU HD21 H  N N 183 
LEU HD22 H  N N 184 
LEU HD23 H  N N 185 
LEU HXT  H  N N 186 
LYS N    N  N N 187 
LYS CA   C  N S 188 
LYS C    C  N N 189 
LYS O    O  N N 190 
LYS CB   C  N N 191 
LYS CG   C  N N 192 
LYS CD   C  N N 193 
LYS CE   C  N N 194 
LYS NZ   N  N N 195 
LYS OXT  O  N N 196 
LYS H    H  N N 197 
LYS H2   H  N N 198 
LYS HA   H  N N 199 
LYS HB2  H  N N 200 
LYS HB3  H  N N 201 
LYS HG2  H  N N 202 
LYS HG3  H  N N 203 
LYS HD2  H  N N 204 
LYS HD3  H  N N 205 
LYS HE2  H  N N 206 
LYS HE3  H  N N 207 
LYS HZ1  H  N N 208 
LYS HZ2  H  N N 209 
LYS HZ3  H  N N 210 
LYS HXT  H  N N 211 
MET N    N  N N 212 
MET CA   C  N S 213 
MET C    C  N N 214 
MET O    O  N N 215 
MET CB   C  N N 216 
MET CG   C  N N 217 
MET SD   S  N N 218 
MET CE   C  N N 219 
MET OXT  O  N N 220 
MET H    H  N N 221 
MET H2   H  N N 222 
MET HA   H  N N 223 
MET HB2  H  N N 224 
MET HB3  H  N N 225 
MET HG2  H  N N 226 
MET HG3  H  N N 227 
MET HE1  H  N N 228 
MET HE2  H  N N 229 
MET HE3  H  N N 230 
MET HXT  H  N N 231 
PHE N    N  N N 232 
PHE CA   C  N S 233 
PHE C    C  N N 234 
PHE O    O  N N 235 
PHE CB   C  N N 236 
PHE CG   C  Y N 237 
PHE CD1  C  Y N 238 
PHE CD2  C  Y N 239 
PHE CE1  C  Y N 240 
PHE CE2  C  Y N 241 
PHE CZ   C  Y N 242 
PHE OXT  O  N N 243 
PHE H    H  N N 244 
PHE H2   H  N N 245 
PHE HA   H  N N 246 
PHE HB2  H  N N 247 
PHE HB3  H  N N 248 
PHE HD1  H  N N 249 
PHE HD2  H  N N 250 
PHE HE1  H  N N 251 
PHE HE2  H  N N 252 
PHE HZ   H  N N 253 
PHE HXT  H  N N 254 
PRO N    N  N N 255 
PRO CA   C  N S 256 
PRO C    C  N N 257 
PRO O    O  N N 258 
PRO CB   C  N N 259 
PRO CG   C  N N 260 
PRO CD   C  N N 261 
PRO OXT  O  N N 262 
PRO H    H  N N 263 
PRO HA   H  N N 264 
PRO HB2  H  N N 265 
PRO HB3  H  N N 266 
PRO HG2  H  N N 267 
PRO HG3  H  N N 268 
PRO HD2  H  N N 269 
PRO HD3  H  N N 270 
PRO HXT  H  N N 271 
SER N    N  N N 272 
SER CA   C  N S 273 
SER C    C  N N 274 
SER O    O  N N 275 
SER CB   C  N N 276 
SER OG   O  N N 277 
SER OXT  O  N N 278 
SER H    H  N N 279 
SER H2   H  N N 280 
SER HA   H  N N 281 
SER HB2  H  N N 282 
SER HB3  H  N N 283 
SER HG   H  N N 284 
SER HXT  H  N N 285 
THR N    N  N N 286 
THR CA   C  N S 287 
THR C    C  N N 288 
THR O    O  N N 289 
THR CB   C  N R 290 
THR OG1  O  N N 291 
THR CG2  C  N N 292 
THR OXT  O  N N 293 
THR H    H  N N 294 
THR H2   H  N N 295 
THR HA   H  N N 296 
THR HB   H  N N 297 
THR HG1  H  N N 298 
THR HG21 H  N N 299 
THR HG22 H  N N 300 
THR HG23 H  N N 301 
THR HXT  H  N N 302 
TRP N    N  N N 303 
TRP CA   C  N S 304 
TRP C    C  N N 305 
TRP O    O  N N 306 
TRP CB   C  N N 307 
TRP CG   C  Y N 308 
TRP CD1  C  Y N 309 
TRP CD2  C  Y N 310 
TRP NE1  N  Y N 311 
TRP CE2  C  Y N 312 
TRP CE3  C  Y N 313 
TRP CZ2  C  Y N 314 
TRP CZ3  C  Y N 315 
TRP CH2  C  Y N 316 
TRP OXT  O  N N 317 
TRP H    H  N N 318 
TRP H2   H  N N 319 
TRP HA   H  N N 320 
TRP HB2  H  N N 321 
TRP HB3  H  N N 322 
TRP HD1  H  N N 323 
TRP HE1  H  N N 324 
TRP HE3  H  N N 325 
TRP HZ2  H  N N 326 
TRP HZ3  H  N N 327 
TRP HH2  H  N N 328 
TRP HXT  H  N N 329 
TYR N    N  N N 330 
TYR CA   C  N S 331 
TYR C    C  N N 332 
TYR O    O  N N 333 
TYR CB   C  N N 334 
TYR CG   C  Y N 335 
TYR CD1  C  Y N 336 
TYR CD2  C  Y N 337 
TYR CE1  C  Y N 338 
TYR CE2  C  Y N 339 
TYR CZ   C  Y N 340 
TYR OH   O  N N 341 
TYR OXT  O  N N 342 
TYR H    H  N N 343 
TYR H2   H  N N 344 
TYR HA   H  N N 345 
TYR HB2  H  N N 346 
TYR HB3  H  N N 347 
TYR HD1  H  N N 348 
TYR HD2  H  N N 349 
TYR HE1  H  N N 350 
TYR HE2  H  N N 351 
TYR HH   H  N N 352 
TYR HXT  H  N N 353 
VAL N    N  N N 354 
VAL CA   C  N S 355 
VAL C    C  N N 356 
VAL O    O  N N 357 
VAL CB   C  N N 358 
VAL CG1  C  N N 359 
VAL CG2  C  N N 360 
VAL OXT  O  N N 361 
VAL H    H  N N 362 
VAL H2   H  N N 363 
VAL HA   H  N N 364 
VAL HB   H  N N 365 
VAL HG11 H  N N 366 
VAL HG12 H  N N 367 
VAL HG13 H  N N 368 
VAL HG21 H  N N 369 
VAL HG22 H  N N 370 
VAL HG23 H  N N 371 
VAL HXT  H  N N 372 
# 
loop_
_chem_comp_bond.comp_id 
_chem_comp_bond.atom_id_1 
_chem_comp_bond.atom_id_2 
_chem_comp_bond.value_order 
_chem_comp_bond.pdbx_aromatic_flag 
_chem_comp_bond.pdbx_stereo_config 
_chem_comp_bond.pdbx_ordinal 
ALA N   CA   sing N N 1   
ALA N   H    sing N N 2   
ALA N   H2   sing N N 3   
ALA CA  C    sing N N 4   
ALA CA  CB   sing N N 5   
ALA CA  HA   sing N N 6   
ALA C   O    doub N N 7   
ALA C   OXT  sing N N 8   
ALA CB  HB1  sing N N 9   
ALA CB  HB2  sing N N 10  
ALA CB  HB3  sing N N 11  
ALA OXT HXT  sing N N 12  
ARG N   CA   sing N N 13  
ARG N   H    sing N N 14  
ARG N   H2   sing N N 15  
ARG CA  C    sing N N 16  
ARG CA  CB   sing N N 17  
ARG CA  HA   sing N N 18  
ARG C   O    doub N N 19  
ARG C   OXT  sing N N 20  
ARG CB  CG   sing N N 21  
ARG CB  HB2  sing N N 22  
ARG CB  HB3  sing N N 23  
ARG CG  CD   sing N N 24  
ARG CG  HG2  sing N N 25  
ARG CG  HG3  sing N N 26  
ARG CD  NE   sing N N 27  
ARG CD  HD2  sing N N 28  
ARG CD  HD3  sing N N 29  
ARG NE  CZ   sing N N 30  
ARG NE  HE   sing N N 31  
ARG CZ  NH1  sing N N 32  
ARG CZ  NH2  doub N N 33  
ARG NH1 HH11 sing N N 34  
ARG NH1 HH12 sing N N 35  
ARG NH2 HH21 sing N N 36  
ARG NH2 HH22 sing N N 37  
ARG OXT HXT  sing N N 38  
ASN N   CA   sing N N 39  
ASN N   H    sing N N 40  
ASN N   H2   sing N N 41  
ASN CA  C    sing N N 42  
ASN CA  CB   sing N N 43  
ASN CA  HA   sing N N 44  
ASN C   O    doub N N 45  
ASN C   OXT  sing N N 46  
ASN CB  CG   sing N N 47  
ASN CB  HB2  sing N N 48  
ASN CB  HB3  sing N N 49  
ASN CG  OD1  doub N N 50  
ASN CG  ND2  sing N N 51  
ASN ND2 HD21 sing N N 52  
ASN ND2 HD22 sing N N 53  
ASN OXT HXT  sing N N 54  
ASP N   CA   sing N N 55  
ASP N   H    sing N N 56  
ASP N   H2   sing N N 57  
ASP CA  C    sing N N 58  
ASP CA  CB   sing N N 59  
ASP CA  HA   sing N N 60  
ASP C   O    doub N N 61  
ASP C   OXT  sing N N 62  
ASP CB  CG   sing N N 63  
ASP CB  HB2  sing N N 64  
ASP CB  HB3  sing N N 65  
ASP CG  OD1  doub N N 66  
ASP CG  OD2  sing N N 67  
ASP OD2 HD2  sing N N 68  
ASP OXT HXT  sing N N 69  
CYS N   CA   sing N N 70  
CYS N   H    sing N N 71  
CYS N   H2   sing N N 72  
CYS CA  C    sing N N 73  
CYS CA  CB   sing N N 74  
CYS CA  HA   sing N N 75  
CYS C   O    doub N N 76  
CYS C   OXT  sing N N 77  
CYS CB  SG   sing N N 78  
CYS CB  HB2  sing N N 79  
CYS CB  HB3  sing N N 80  
CYS SG  HG   sing N N 81  
CYS OXT HXT  sing N N 82  
GLU N   CA   sing N N 83  
GLU N   H    sing N N 84  
GLU N   H2   sing N N 85  
GLU CA  C    sing N N 86  
GLU CA  CB   sing N N 87  
GLU CA  HA   sing N N 88  
GLU C   O    doub N N 89  
GLU C   OXT  sing N N 90  
GLU CB  CG   sing N N 91  
GLU CB  HB2  sing N N 92  
GLU CB  HB3  sing N N 93  
GLU CG  CD   sing N N 94  
GLU CG  HG2  sing N N 95  
GLU CG  HG3  sing N N 96  
GLU CD  OE1  doub N N 97  
GLU CD  OE2  sing N N 98  
GLU OE2 HE2  sing N N 99  
GLU OXT HXT  sing N N 100 
GLY N   CA   sing N N 101 
GLY N   H    sing N N 102 
GLY N   H2   sing N N 103 
GLY CA  C    sing N N 104 
GLY CA  HA2  sing N N 105 
GLY CA  HA3  sing N N 106 
GLY C   O    doub N N 107 
GLY C   OXT  sing N N 108 
GLY OXT HXT  sing N N 109 
HIS N   CA   sing N N 110 
HIS N   H    sing N N 111 
HIS N   H2   sing N N 112 
HIS CA  C    sing N N 113 
HIS CA  CB   sing N N 114 
HIS CA  HA   sing N N 115 
HIS C   O    doub N N 116 
HIS C   OXT  sing N N 117 
HIS CB  CG   sing N N 118 
HIS CB  HB2  sing N N 119 
HIS CB  HB3  sing N N 120 
HIS CG  ND1  sing Y N 121 
HIS CG  CD2  doub Y N 122 
HIS ND1 CE1  doub Y N 123 
HIS ND1 HD1  sing N N 124 
HIS CD2 NE2  sing Y N 125 
HIS CD2 HD2  sing N N 126 
HIS CE1 NE2  sing Y N 127 
HIS CE1 HE1  sing N N 128 
HIS NE2 HE2  sing N N 129 
HIS OXT HXT  sing N N 130 
HOH O   H1   sing N N 131 
HOH O   H2   sing N N 132 
ILE N   CA   sing N N 133 
ILE N   H    sing N N 134 
ILE N   H2   sing N N 135 
ILE CA  C    sing N N 136 
ILE CA  CB   sing N N 137 
ILE CA  HA   sing N N 138 
ILE C   O    doub N N 139 
ILE C   OXT  sing N N 140 
ILE CB  CG1  sing N N 141 
ILE CB  CG2  sing N N 142 
ILE CB  HB   sing N N 143 
ILE CG1 CD1  sing N N 144 
ILE CG1 HG12 sing N N 145 
ILE CG1 HG13 sing N N 146 
ILE CG2 HG21 sing N N 147 
ILE CG2 HG22 sing N N 148 
ILE CG2 HG23 sing N N 149 
ILE CD1 HD11 sing N N 150 
ILE CD1 HD12 sing N N 151 
ILE CD1 HD13 sing N N 152 
ILE OXT HXT  sing N N 153 
LEU N   CA   sing N N 154 
LEU N   H    sing N N 155 
LEU N   H2   sing N N 156 
LEU CA  C    sing N N 157 
LEU CA  CB   sing N N 158 
LEU CA  HA   sing N N 159 
LEU C   O    doub N N 160 
LEU C   OXT  sing N N 161 
LEU CB  CG   sing N N 162 
LEU CB  HB2  sing N N 163 
LEU CB  HB3  sing N N 164 
LEU CG  CD1  sing N N 165 
LEU CG  CD2  sing N N 166 
LEU CG  HG   sing N N 167 
LEU CD1 HD11 sing N N 168 
LEU CD1 HD12 sing N N 169 
LEU CD1 HD13 sing N N 170 
LEU CD2 HD21 sing N N 171 
LEU CD2 HD22 sing N N 172 
LEU CD2 HD23 sing N N 173 
LEU OXT HXT  sing N N 174 
LYS N   CA   sing N N 175 
LYS N   H    sing N N 176 
LYS N   H2   sing N N 177 
LYS CA  C    sing N N 178 
LYS CA  CB   sing N N 179 
LYS CA  HA   sing N N 180 
LYS C   O    doub N N 181 
LYS C   OXT  sing N N 182 
LYS CB  CG   sing N N 183 
LYS CB  HB2  sing N N 184 
LYS CB  HB3  sing N N 185 
LYS CG  CD   sing N N 186 
LYS CG  HG2  sing N N 187 
LYS CG  HG3  sing N N 188 
LYS CD  CE   sing N N 189 
LYS CD  HD2  sing N N 190 
LYS CD  HD3  sing N N 191 
LYS CE  NZ   sing N N 192 
LYS CE  HE2  sing N N 193 
LYS CE  HE3  sing N N 194 
LYS NZ  HZ1  sing N N 195 
LYS NZ  HZ2  sing N N 196 
LYS NZ  HZ3  sing N N 197 
LYS OXT HXT  sing N N 198 
MET N   CA   sing N N 199 
MET N   H    sing N N 200 
MET N   H2   sing N N 201 
MET CA  C    sing N N 202 
MET CA  CB   sing N N 203 
MET CA  HA   sing N N 204 
MET C   O    doub N N 205 
MET C   OXT  sing N N 206 
MET CB  CG   sing N N 207 
MET CB  HB2  sing N N 208 
MET CB  HB3  sing N N 209 
MET CG  SD   sing N N 210 
MET CG  HG2  sing N N 211 
MET CG  HG3  sing N N 212 
MET SD  CE   sing N N 213 
MET CE  HE1  sing N N 214 
MET CE  HE2  sing N N 215 
MET CE  HE3  sing N N 216 
MET OXT HXT  sing N N 217 
PHE N   CA   sing N N 218 
PHE N   H    sing N N 219 
PHE N   H2   sing N N 220 
PHE CA  C    sing N N 221 
PHE CA  CB   sing N N 222 
PHE CA  HA   sing N N 223 
PHE C   O    doub N N 224 
PHE C   OXT  sing N N 225 
PHE CB  CG   sing N N 226 
PHE CB  HB2  sing N N 227 
PHE CB  HB3  sing N N 228 
PHE CG  CD1  doub Y N 229 
PHE CG  CD2  sing Y N 230 
PHE CD1 CE1  sing Y N 231 
PHE CD1 HD1  sing N N 232 
PHE CD2 CE2  doub Y N 233 
PHE CD2 HD2  sing N N 234 
PHE CE1 CZ   doub Y N 235 
PHE CE1 HE1  sing N N 236 
PHE CE2 CZ   sing Y N 237 
PHE CE2 HE2  sing N N 238 
PHE CZ  HZ   sing N N 239 
PHE OXT HXT  sing N N 240 
PRO N   CA   sing N N 241 
PRO N   CD   sing N N 242 
PRO N   H    sing N N 243 
PRO CA  C    sing N N 244 
PRO CA  CB   sing N N 245 
PRO CA  HA   sing N N 246 
PRO C   O    doub N N 247 
PRO C   OXT  sing N N 248 
PRO CB  CG   sing N N 249 
PRO CB  HB2  sing N N 250 
PRO CB  HB3  sing N N 251 
PRO CG  CD   sing N N 252 
PRO CG  HG2  sing N N 253 
PRO CG  HG3  sing N N 254 
PRO CD  HD2  sing N N 255 
PRO CD  HD3  sing N N 256 
PRO OXT HXT  sing N N 257 
SER N   CA   sing N N 258 
SER N   H    sing N N 259 
SER N   H2   sing N N 260 
SER CA  C    sing N N 261 
SER CA  CB   sing N N 262 
SER CA  HA   sing N N 263 
SER C   O    doub N N 264 
SER C   OXT  sing N N 265 
SER CB  OG   sing N N 266 
SER CB  HB2  sing N N 267 
SER CB  HB3  sing N N 268 
SER OG  HG   sing N N 269 
SER OXT HXT  sing N N 270 
THR N   CA   sing N N 271 
THR N   H    sing N N 272 
THR N   H2   sing N N 273 
THR CA  C    sing N N 274 
THR CA  CB   sing N N 275 
THR CA  HA   sing N N 276 
THR C   O    doub N N 277 
THR C   OXT  sing N N 278 
THR CB  OG1  sing N N 279 
THR CB  CG2  sing N N 280 
THR CB  HB   sing N N 281 
THR OG1 HG1  sing N N 282 
THR CG2 HG21 sing N N 283 
THR CG2 HG22 sing N N 284 
THR CG2 HG23 sing N N 285 
THR OXT HXT  sing N N 286 
TRP N   CA   sing N N 287 
TRP N   H    sing N N 288 
TRP N   H2   sing N N 289 
TRP CA  C    sing N N 290 
TRP CA  CB   sing N N 291 
TRP CA  HA   sing N N 292 
TRP C   O    doub N N 293 
TRP C   OXT  sing N N 294 
TRP CB  CG   sing N N 295 
TRP CB  HB2  sing N N 296 
TRP CB  HB3  sing N N 297 
TRP CG  CD1  doub Y N 298 
TRP CG  CD2  sing Y N 299 
TRP CD1 NE1  sing Y N 300 
TRP CD1 HD1  sing N N 301 
TRP CD2 CE2  doub Y N 302 
TRP CD2 CE3  sing Y N 303 
TRP NE1 CE2  sing Y N 304 
TRP NE1 HE1  sing N N 305 
TRP CE2 CZ2  sing Y N 306 
TRP CE3 CZ3  doub Y N 307 
TRP CE3 HE3  sing N N 308 
TRP CZ2 CH2  doub Y N 309 
TRP CZ2 HZ2  sing N N 310 
TRP CZ3 CH2  sing Y N 311 
TRP CZ3 HZ3  sing N N 312 
TRP CH2 HH2  sing N N 313 
TRP OXT HXT  sing N N 314 
TYR N   CA   sing N N 315 
TYR N   H    sing N N 316 
TYR N   H2   sing N N 317 
TYR CA  C    sing N N 318 
TYR CA  CB   sing N N 319 
TYR CA  HA   sing N N 320 
TYR C   O    doub N N 321 
TYR C   OXT  sing N N 322 
TYR CB  CG   sing N N 323 
TYR CB  HB2  sing N N 324 
TYR CB  HB3  sing N N 325 
TYR CG  CD1  doub Y N 326 
TYR CG  CD2  sing Y N 327 
TYR CD1 CE1  sing Y N 328 
TYR CD1 HD1  sing N N 329 
TYR CD2 CE2  doub Y N 330 
TYR CD2 HD2  sing N N 331 
TYR CE1 CZ   doub Y N 332 
TYR CE1 HE1  sing N N 333 
TYR CE2 CZ   sing Y N 334 
TYR CE2 HE2  sing N N 335 
TYR CZ  OH   sing N N 336 
TYR OH  HH   sing N N 337 
TYR OXT HXT  sing N N 338 
VAL N   CA   sing N N 339 
VAL N   H    sing N N 340 
VAL N   H2   sing N N 341 
VAL CA  C    sing N N 342 
VAL CA  CB   sing N N 343 
VAL CA  HA   sing N N 344 
VAL C   O    doub N N 345 
VAL C   OXT  sing N N 346 
VAL CB  CG1  sing N N 347 
VAL CB  CG2  sing N N 348 
VAL CB  HB   sing N N 349 
VAL CG1 HG11 sing N N 350 
VAL CG1 HG12 sing N N 351 
VAL CG1 HG13 sing N N 352 
VAL CG2 HG21 sing N N 353 
VAL CG2 HG22 sing N N 354 
VAL CG2 HG23 sing N N 355 
VAL OXT HXT  sing N N 356 
# 
_atom_sites.entry_id                    1DFX 
_atom_sites.fract_transf_matrix[1][1]   0.00703822 
_atom_sites.fract_transf_matrix[1][2]   0.00659243 
_atom_sites.fract_transf_matrix[1][3]   -0.00351499 
_atom_sites.fract_transf_matrix[2][1]   -0.00029773 
_atom_sites.fract_transf_matrix[2][2]   0.00984591 
_atom_sites.fract_transf_matrix[2][3]   0.00288427 
_atom_sites.fract_transf_matrix[3][1]   0.00929966 
_atom_sites.fract_transf_matrix[3][2]   -0.00333912 
_atom_sites.fract_transf_matrix[3][3]   0.01235856 
_atom_sites.fract_transf_vector[1]      0.528000 
_atom_sites.fract_transf_vector[2]      0.442163 
_atom_sites.fract_transf_vector[3]      0.591354 
# 
loop_
_atom_type.symbol 
C  
CA 
FE 
N  
O  
S  
# 
loop_
_atom_site.group_PDB 
_atom_site.id 
_atom_site.type_symbol 
_atom_site.label_atom_id 
_atom_site.label_alt_id 
_atom_site.label_comp_id 
_atom_site.label_asym_id 
_atom_site.label_entity_id 
_atom_site.label_seq_id 
_atom_site.pdbx_PDB_ins_code 
_atom_site.Cartn_x 
_atom_site.Cartn_y 
_atom_site.Cartn_z 
_atom_site.occupancy 
_atom_site.B_iso_or_equiv 
_atom_site.pdbx_formal_charge 
_atom_site.auth_seq_id 
_atom_site.auth_comp_id 
_atom_site.auth_asym_id 
_atom_site.auth_atom_id 
_atom_site.pdbx_PDB_model_num 
ATOM   1    N  N   . PRO A 1 1   ? -3.662  15.228  -9.692  1.00 28.21  ? 1   PRO A N   1 
ATOM   2    C  CA  . PRO A 1 1   ? -3.552  13.849  -9.206  1.00 30.30  ? 1   PRO A CA  1 
ATOM   3    C  C   . PRO A 1 1   ? -4.633  12.962  -9.849  1.00 33.21  ? 1   PRO A C   1 
ATOM   4    O  O   . PRO A 1 1   ? -5.646  13.490  -10.309 1.00 32.87  ? 1   PRO A O   1 
ATOM   5    C  CB  . PRO A 1 1   ? -3.806  13.973  -7.713  1.00 25.39  ? 1   PRO A CB  1 
ATOM   6    C  CG  . PRO A 1 1   ? -4.421  15.291  -7.479  1.00 26.21  ? 1   PRO A CG  1 
ATOM   7    C  CD  . PRO A 1 1   ? -4.439  16.063  -8.760  1.00 25.29  ? 1   PRO A CD  1 
ATOM   8    N  N   . LYS A 1 2   ? -4.359  11.673  -9.850  1.00 31.61  ? 2   LYS A N   1 
ATOM   9    C  CA  . LYS A 1 2   ? -5.143  10.621  -10.390 1.00 31.78  ? 2   LYS A CA  1 
ATOM   10   C  C   . LYS A 1 2   ? -5.754  9.712   -9.314  1.00 31.18  ? 2   LYS A C   1 
ATOM   11   O  O   . LYS A 1 2   ? -5.157  9.490   -8.265  1.00 26.40  ? 2   LYS A O   1 
ATOM   12   C  CB  . LYS A 1 2   ? -4.302  9.741   -11.344 1.00 36.71  ? 2   LYS A CB  1 
ATOM   13   C  CG  . LYS A 1 2   ? -3.800  10.530  -12.549 1.00 42.72  ? 2   LYS A CG  1 
ATOM   14   C  CD  . LYS A 1 2   ? -2.769  9.729   -13.329 1.00 47.56  ? 2   LYS A CD  1 
ATOM   15   C  CE  . LYS A 1 2   ? -2.458  10.409  -14.660 1.00 52.26  ? 2   LYS A CE  1 
ATOM   16   N  NZ  . LYS A 1 2   ? -1.957  9.425   -15.664 1.00 62.78  ? 2   LYS A NZ  1 
ATOM   17   N  N   . HIS A 1 3   ? -6.927  9.214   -9.611  1.00 28.38  ? 3   HIS A N   1 
ATOM   18   C  CA  . HIS A 1 3   ? -7.690  8.322   -8.719  1.00 25.27  ? 3   HIS A CA  1 
ATOM   19   C  C   . HIS A 1 3   ? -6.766  7.208   -8.206  1.00 22.37  ? 3   HIS A C   1 
ATOM   20   O  O   . HIS A 1 3   ? -6.000  6.631   -8.973  1.00 20.68  ? 3   HIS A O   1 
ATOM   21   C  CB  . HIS A 1 3   ? -8.769  7.675   -9.630  1.00 24.50  ? 3   HIS A CB  1 
ATOM   22   C  CG  . HIS A 1 3   ? -9.634  6.700   -8.929  1.00 22.51  ? 3   HIS A CG  1 
ATOM   23   N  ND1 . HIS A 1 3   ? -9.750  5.390   -9.357  1.00 26.68  ? 3   HIS A ND1 1 
ATOM   24   C  CD2 . HIS A 1 3   ? -10.500 6.842   -7.896  1.00 23.00  ? 3   HIS A CD2 1 
ATOM   25   C  CE1 . HIS A 1 3   ? -10.623 4.767   -8.588  1.00 29.39  ? 3   HIS A CE1 1 
ATOM   26   N  NE2 . HIS A 1 3   ? -11.082 5.622   -7.693  1.00 28.05  ? 3   HIS A NE2 1 
ATOM   27   N  N   . LEU A 1 4   ? -6.835  6.939   -6.909  1.00 23.04  ? 4   LEU A N   1 
ATOM   28   C  CA  . LEU A 1 4   ? -6.068  5.926   -6.259  1.00 22.57  ? 4   LEU A CA  1 
ATOM   29   C  C   . LEU A 1 4   ? -4.619  6.160   -6.060  1.00 25.21  ? 4   LEU A C   1 
ATOM   30   O  O   . LEU A 1 4   ? -3.867  5.313   -5.537  1.00 24.47  ? 4   LEU A O   1 
ATOM   31   C  CB  . LEU A 1 4   ? -6.389  4.518   -6.751  1.00 21.99  ? 4   LEU A CB  1 
ATOM   32   C  CG  . LEU A 1 4   ? -7.876  4.134   -6.622  1.00 24.12  ? 4   LEU A CG  1 
ATOM   33   C  CD1 . LEU A 1 4   ? -8.132  2.749   -7.140  1.00 32.83  ? 4   LEU A CD1 1 
ATOM   34   C  CD2 . LEU A 1 4   ? -8.388  4.374   -5.234  1.00 23.46  ? 4   LEU A CD2 1 
ATOM   35   N  N   . GLU A 1 5   ? -4.118  7.347   -6.460  1.00 23.67  ? 5   GLU A N   1 
ATOM   36   C  CA  . GLU A 1 5   ? -2.691  7.591   -6.233  1.00 20.75  ? 5   GLU A CA  1 
ATOM   37   C  C   . GLU A 1 5   ? -2.535  7.945   -4.734  1.00 20.97  ? 5   GLU A C   1 
ATOM   38   O  O   . GLU A 1 5   ? -3.487  8.441   -4.145  1.00 21.71  ? 5   GLU A O   1 
ATOM   39   C  CB  . GLU A 1 5   ? -2.272  8.847   -7.040  1.00 25.02  ? 5   GLU A CB  1 
ATOM   40   C  CG  . GLU A 1 5   ? -2.122  8.523   -8.527  1.00 25.81  ? 5   GLU A CG  1 
ATOM   41   C  CD  . GLU A 1 5   ? -1.605  9.717   -9.311  1.00 28.14  ? 5   GLU A CD  1 
ATOM   42   O  OE1 . GLU A 1 5   ? -1.650  10.841  -8.781  1.00 27.50  ? 5   GLU A OE1 1 
ATOM   43   O  OE2 . GLU A 1 5   ? -1.166  9.502   -10.461 1.00 32.37  ? 5   GLU A OE2 1 
ATOM   44   N  N   . VAL A 1 6   ? -1.364  7.644   -4.209  1.00 24.41  ? 6   VAL A N   1 
ATOM   45   C  CA  . VAL A 1 6   ? -1.099  7.941   -2.780  1.00 21.86  ? 6   VAL A CA  1 
ATOM   46   C  C   . VAL A 1 6   ? -0.049  9.045   -2.714  1.00 18.62  ? 6   VAL A C   1 
ATOM   47   O  O   . VAL A 1 6   ? 0.969   8.997   -3.398  1.00 21.93  ? 6   VAL A O   1 
ATOM   48   C  CB  . VAL A 1 6   ? -0.540  6.652   -2.096  1.00 22.85  ? 6   VAL A CB  1 
ATOM   49   C  CG1 . VAL A 1 6   ? -0.108  6.986   -0.666  1.00 19.79  ? 6   VAL A CG1 1 
ATOM   50   C  CG2 . VAL A 1 6   ? -1.670  5.612   -2.028  1.00 20.33  ? 6   VAL A CG2 1 
ATOM   51   N  N   . TYR A 1 7   ? -0.343  10.052  -1.899  1.00 24.34  ? 7   TYR A N   1 
ATOM   52   C  CA  . TYR A 1 7   ? 0.558   11.193  -1.749  1.00 25.89  ? 7   TYR A CA  1 
ATOM   53   C  C   . TYR A 1 7   ? 1.000   11.351  -0.310  1.00 25.13  ? 7   TYR A C   1 
ATOM   54   O  O   . TYR A 1 7   ? 0.220   11.210  0.620   1.00 20.15  ? 7   TYR A O   1 
ATOM   55   C  CB  . TYR A 1 7   ? -0.242  12.490  -2.150  1.00 26.63  ? 7   TYR A CB  1 
ATOM   56   C  CG  . TYR A 1 7   ? -0.244  12.554  -3.686  1.00 23.82  ? 7   TYR A CG  1 
ATOM   57   C  CD1 . TYR A 1 7   ? -1.148  11.783  -4.397  1.00 25.66  ? 7   TYR A CD1 1 
ATOM   58   C  CD2 . TYR A 1 7   ? 0.693   13.311  -4.347  1.00 23.00  ? 7   TYR A CD2 1 
ATOM   59   C  CE1 . TYR A 1 7   ? -1.140  11.816  -5.791  1.00 24.91  ? 7   TYR A CE1 1 
ATOM   60   C  CE2 . TYR A 1 7   ? 0.704   13.366  -5.737  1.00 24.80  ? 7   TYR A CE2 1 
ATOM   61   C  CZ  . TYR A 1 7   ? -0.225  12.618  -6.438  1.00 26.83  ? 7   TYR A CZ  1 
ATOM   62   O  OH  . TYR A 1 7   ? -0.196  12.637  -7.811  1.00 26.05  ? 7   TYR A OH  1 
ATOM   63   N  N   . LYS A 1 8   ? 2.302   11.690  -0.151  1.00 27.16  ? 8   LYS A N   1 
ATOM   64   C  CA  . LYS A 1 8   ? 2.730   11.908  1.236   1.00 27.80  ? 8   LYS A CA  1 
ATOM   65   C  C   . LYS A 1 8   ? 3.386   13.265  1.405   1.00 23.03  ? 8   LYS A C   1 
ATOM   66   O  O   . LYS A 1 8   ? 4.133   13.747  0.569   1.00 25.93  ? 8   LYS A O   1 
ATOM   67   C  CB  . LYS A 1 8   ? 3.686   10.805  1.691   1.00 29.06  ? 8   LYS A CB  1 
ATOM   68   C  CG  . LYS A 1 8   ? 4.515   11.251  2.921   1.00 33.75  ? 8   LYS A CG  1 
ATOM   69   C  CD  . LYS A 1 8   ? 5.440   10.107  3.335   1.00 37.46  ? 8   LYS A CD  1 
ATOM   70   C  CE  . LYS A 1 8   ? 6.270   10.514  4.555   1.00 41.91  ? 8   LYS A CE  1 
ATOM   71   N  NZ  . LYS A 1 8   ? 7.321   9.472   4.832   1.00 49.46  ? 8   LYS A NZ  1 
ATOM   72   N  N   . CYS A 1 9   ? 3.116   13.884  2.565   1.00 22.29  ? 9   CYS A N   1 
ATOM   73   C  CA  . CYS A 1 9   ? 3.866   15.138  2.815   1.00 23.89  ? 9   CYS A CA  1 
ATOM   74   C  C   . CYS A 1 9   ? 5.176   14.698  3.532   1.00 26.49  ? 9   CYS A C   1 
ATOM   75   O  O   . CYS A 1 9   ? 5.091   14.097  4.595   1.00 23.06  ? 9   CYS A O   1 
ATOM   76   C  CB  . CYS A 1 9   ? 3.075   16.035  3.770   1.00 20.33  ? 9   CYS A CB  1 
ATOM   77   S  SG  . CYS A 1 9   ? 4.016   17.571  4.145   1.00 31.82  ? 9   CYS A SG  1 
ATOM   78   N  N   . THR A 1 10  ? 6.310   14.985  2.926   1.00 27.47  ? 10  THR A N   1 
ATOM   79   C  CA  . THR A 1 10  ? 7.580   14.581  3.539   1.00 34.85  ? 10  THR A CA  1 
ATOM   80   C  C   . THR A 1 10  ? 7.854   15.338  4.812   1.00 34.63  ? 10  THR A C   1 
ATOM   81   O  O   . THR A 1 10  ? 8.516   14.848  5.742   1.00 45.69  ? 10  THR A O   1 
ATOM   82   C  CB  . THR A 1 10  ? 8.744   14.689  2.556   1.00 40.70  ? 10  THR A CB  1 
ATOM   83   O  OG1 . THR A 1 10  ? 8.855   16.029  2.068   1.00 48.40  ? 10  THR A OG1 1 
ATOM   84   C  CG2 . THR A 1 10  ? 8.479   13.816  1.327   1.00 52.85  ? 10  THR A CG2 1 
ATOM   85   N  N   . HIS A 1 11  ? 7.287   16.545  4.957   1.00 30.10  ? 11  HIS A N   1 
ATOM   86   C  CA  . HIS A 1 11  ? 7.522   17.310  6.163   1.00 28.98  ? 11  HIS A CA  1 
ATOM   87   C  C   . HIS A 1 11  ? 6.836   16.856  7.397   1.00 26.61  ? 11  HIS A C   1 
ATOM   88   O  O   . HIS A 1 11  ? 7.447   16.709  8.464   1.00 29.45  ? 11  HIS A O   1 
ATOM   89   C  CB  . HIS A 1 11  ? 7.304   18.815  5.886   1.00 32.46  ? 11  HIS A CB  1 
ATOM   90   C  CG  . HIS A 1 11  ? 8.294   19.274  4.841   1.00 41.95  ? 11  HIS A CG  1 
ATOM   91   N  ND1 . HIS A 1 11  ? 7.956   19.420  3.516   1.00 46.03  ? 11  HIS A ND1 1 
ATOM   92   C  CD2 . HIS A 1 11  ? 9.627   19.483  4.927   1.00 44.75  ? 11  HIS A CD2 1 
ATOM   93   C  CE1 . HIS A 1 11  ? 9.037   19.768  2.835   1.00 48.15  ? 11  HIS A CE1 1 
ATOM   94   N  NE2 . HIS A 1 11  ? 10.061  19.819  3.671   1.00 46.41  ? 11  HIS A NE2 1 
ATOM   95   N  N   . CYS A 1 12  ? 5.510   16.671  7.364   1.00 27.12  ? 12  CYS A N   1 
ATOM   96   C  CA  . CYS A 1 12  ? 4.738   16.345  8.526   1.00 23.70  ? 12  CYS A CA  1 
ATOM   97   C  C   . CYS A 1 12  ? 4.195   14.935  8.563   1.00 25.32  ? 12  CYS A C   1 
ATOM   98   O  O   . CYS A 1 12  ? 3.623   14.521  9.582   1.00 26.98  ? 12  CYS A O   1 
ATOM   99   C  CB  . CYS A 1 12  ? 3.549   17.323  8.663   1.00 23.04  ? 12  CYS A CB  1 
ATOM   100  S  SG  . CYS A 1 12  ? 2.299   17.078  7.377   1.00 32.26  ? 12  CYS A SG  1 
ATOM   101  N  N   . GLY A 1 13  ? 4.312   14.173  7.470   1.00 26.67  ? 13  GLY A N   1 
ATOM   102  C  CA  . GLY A 1 13  ? 3.903   12.794  7.475   1.00 27.34  ? 13  GLY A CA  1 
ATOM   103  C  C   . GLY A 1 13  ? 2.501   12.493  7.050   1.00 28.86  ? 13  GLY A C   1 
ATOM   104  O  O   . GLY A 1 13  ? 2.094   11.303  7.043   1.00 23.24  ? 13  GLY A O   1 
ATOM   105  N  N   . ASN A 1 14  ? 1.694   13.488  6.720   1.00 26.63  ? 14  ASN A N   1 
ATOM   106  C  CA  . ASN A 1 14  ? 0.301   13.187  6.274   1.00 25.32  ? 14  ASN A CA  1 
ATOM   107  C  C   . ASN A 1 14  ? 0.425   12.313  4.995   1.00 21.96  ? 14  ASN A C   1 
ATOM   108  O  O   . ASN A 1 14  ? 1.290   12.561  4.167   1.00 23.60  ? 14  ASN A O   1 
ATOM   109  C  CB  . ASN A 1 14  ? -0.353  14.518  5.834   1.00 23.99  ? 14  ASN A CB  1 
ATOM   110  C  CG  . ASN A 1 14  ? -0.985  15.301  6.943   1.00 22.83  ? 14  ASN A CG  1 
ATOM   111  O  OD1 . ASN A 1 14  ? -1.199  16.537  6.800   1.00 28.94  ? 14  ASN A OD1 1 
ATOM   112  N  ND2 . ASN A 1 14  ? -1.376  14.690  8.043   1.00 21.25  ? 14  ASN A ND2 1 
ATOM   113  N  N   . ILE A 1 15  ? -0.444  11.337  4.890   1.00 24.02  ? 15  ILE A N   1 
ATOM   114  C  CA  . ILE A 1 15  ? -0.509  10.486  3.700   1.00 22.48  ? 15  ILE A CA  1 
ATOM   115  C  C   . ILE A 1 15  ? -1.972  10.305  3.315   1.00 22.12  ? 15  ILE A C   1 
ATOM   116  O  O   . ILE A 1 15  ? -2.819  10.011  4.149   1.00 19.49  ? 15  ILE A O   1 
ATOM   117  C  CB  . ILE A 1 15  ? 0.121   9.097   3.942   1.00 25.07  ? 15  ILE A CB  1 
ATOM   118  C  CG1 . ILE A 1 15  ? 1.578   9.233   4.467   1.00 22.67  ? 15  ILE A CG1 1 
ATOM   119  C  CG2 . ILE A 1 15  ? 0.190   8.351   2.574   1.00 24.64  ? 15  ILE A CG2 1 
ATOM   120  C  CD1 . ILE A 1 15  ? 2.157   7.879   4.824   1.00 24.94  ? 15  ILE A CD1 1 
ATOM   121  N  N   . VAL A 1 16  ? -2.247  10.590  2.028   1.00 21.89  ? 16  VAL A N   1 
ATOM   122  C  CA  . VAL A 1 16  ? -3.637  10.485  1.594   1.00 22.52  ? 16  VAL A CA  1 
ATOM   123  C  C   . VAL A 1 16  ? -3.733  9.682   0.300   1.00 20.16  ? 16  VAL A C   1 
ATOM   124  O  O   . VAL A 1 16  ? -2.808  9.594   -0.483  1.00 22.30  ? 16  VAL A O   1 
ATOM   125  C  CB  . VAL A 1 16  ? -4.224  11.899  1.301   1.00 23.27  ? 16  VAL A CB  1 
ATOM   126  C  CG1 . VAL A 1 16  ? -4.024  12.782  2.536   1.00 21.22  ? 16  VAL A CG1 1 
ATOM   127  C  CG2 . VAL A 1 16  ? -3.500  12.473  0.096   1.00 21.48  ? 16  VAL A CG2 1 
ATOM   128  N  N   . GLU A 1 17  ? -4.940  9.153   0.096   1.00 25.60  ? 17  GLU A N   1 
ATOM   129  C  CA  . GLU A 1 17  ? -5.184  8.428   -1.175  1.00 21.06  ? 17  GLU A CA  1 
ATOM   130  C  C   . GLU A 1 17  ? -6.231  9.281   -1.940  1.00 22.09  ? 17  GLU A C   1 
ATOM   131  O  O   . GLU A 1 17  ? -7.147  9.782   -1.324  1.00 20.42  ? 17  GLU A O   1 
ATOM   132  C  CB  . GLU A 1 17  ? -5.831  7.064   -0.849  1.00 20.15  ? 17  GLU A CB  1 
ATOM   133  C  CG  . GLU A 1 17  ? -5.899  6.175   -2.092  1.00 21.11  ? 17  GLU A CG  1 
ATOM   134  C  CD  . GLU A 1 17  ? -6.121  4.714   -1.766  1.00 24.87  ? 17  GLU A CD  1 
ATOM   135  O  OE1 . GLU A 1 17  ? -6.511  4.410   -0.632  1.00 37.74  ? 17  GLU A OE1 1 
ATOM   136  O  OE2 . GLU A 1 17  ? -5.888  3.856   -2.644  1.00 26.68  ? 17  GLU A OE2 1 
ATOM   137  N  N   . VAL A 1 18  ? -6.012  9.443   -3.241  1.00 24.16  ? 18  VAL A N   1 
ATOM   138  C  CA  . VAL A 1 18  ? -6.962  10.277  -4.022  1.00 20.85  ? 18  VAL A CA  1 
ATOM   139  C  C   . VAL A 1 18  ? -8.219  9.476   -4.346  1.00 18.50  ? 18  VAL A C   1 
ATOM   140  O  O   . VAL A 1 18  ? -8.107  8.380   -4.900  1.00 24.61  ? 18  VAL A O   1 
ATOM   141  C  CB  . VAL A 1 18  ? -6.265  10.660  -5.360  1.00 22.29  ? 18  VAL A CB  1 
ATOM   142  C  CG1 . VAL A 1 18  ? -7.211  11.556  -6.168  1.00 26.58  ? 18  VAL A CG1 1 
ATOM   143  C  CG2 . VAL A 1 18  ? -4.994  11.452  -5.015  1.00 21.47  ? 18  VAL A CG2 1 
ATOM   144  N  N   . LEU A 1 19  ? -9.383  10.014  -3.997  1.00 19.77  ? 19  LEU A N   1 
ATOM   145  C  CA  . LEU A 1 19  ? -10.664 9.317   -4.286  1.00 17.72  ? 19  LEU A CA  1 
ATOM   146  C  C   . LEU A 1 19  ? -11.248 9.963   -5.567  1.00 24.94  ? 19  LEU A C   1 
ATOM   147  O  O   . LEU A 1 19  ? -11.755 9.267   -6.426  1.00 27.56  ? 19  LEU A O   1 
ATOM   148  C  CB  . LEU A 1 19  ? -11.646 9.559   -3.140  1.00 19.22  ? 19  LEU A CB  1 
ATOM   149  C  CG  . LEU A 1 19  ? -11.246 8.852   -1.806  1.00 21.09  ? 19  LEU A CG  1 
ATOM   150  C  CD1 . LEU A 1 19  ? -12.420 8.966   -0.824  1.00 22.10  ? 19  LEU A CD1 1 
ATOM   151  C  CD2 . LEU A 1 19  ? -10.937 7.402   -2.066  1.00 23.67  ? 19  LEU A CD2 1 
ATOM   152  N  N   . HIS A 1 20  ? -11.088 11.271  -5.673  1.00 24.07  ? 20  HIS A N   1 
ATOM   153  C  CA  . HIS A 1 20  ? -11.564 11.920  -6.958  1.00 23.16  ? 20  HIS A CA  1 
ATOM   154  C  C   . HIS A 1 20  ? -10.436 12.882  -7.376  1.00 23.05  ? 20  HIS A C   1 
ATOM   155  O  O   . HIS A 1 20  ? -10.127 13.789  -6.632  1.00 20.83  ? 20  HIS A O   1 
ATOM   156  C  CB  . HIS A 1 20  ? -12.806 12.748  -6.604  1.00 23.00  ? 20  HIS A CB  1 
ATOM   157  C  CG  . HIS A 1 20  ? -13.556 13.226  -7.815  1.00 31.55  ? 20  HIS A CG  1 
ATOM   158  N  ND1 . HIS A 1 20  ? -14.878 12.895  -8.050  1.00 31.89  ? 20  HIS A ND1 1 
ATOM   159  C  CD2 . HIS A 1 20  ? -13.163 14.020  -8.840  1.00 35.20  ? 20  HIS A CD2 1 
ATOM   160  C  CE1 . HIS A 1 20  ? -15.264 13.462  -9.178  1.00 35.40  ? 20  HIS A CE1 1 
ATOM   161  N  NE2 . HIS A 1 20  ? -14.252 14.150  -9.683  1.00 34.61  ? 20  HIS A NE2 1 
ATOM   162  N  N   . GLY A 1 21  ? -9.819  12.640  -8.536  1.00 21.47  ? 21  GLY A N   1 
ATOM   163  C  CA  . GLY A 1 21  ? -8.693  13.470  -8.923  1.00 26.68  ? 21  GLY A CA  1 
ATOM   164  C  C   . GLY A 1 21  ? -9.003  14.466  -10.008 1.00 31.33  ? 21  GLY A C   1 
ATOM   165  O  O   . GLY A 1 21  ? -10.160 14.896  -10.147 1.00 30.74  ? 21  GLY A O   1 
ATOM   166  N  N   . GLY A 1 22  ? -7.978  14.848  -10.765 1.00 31.44  ? 22  GLY A N   1 
ATOM   167  C  CA  . GLY A 1 22  ? -8.113  15.766  -11.883 1.00 30.30  ? 22  GLY A CA  1 
ATOM   168  C  C   . GLY A 1 22  ? -7.945  17.215  -11.562 1.00 28.09  ? 22  GLY A C   1 
ATOM   169  O  O   . GLY A 1 22  ? -7.962  18.068  -12.477 1.00 35.86  ? 22  GLY A O   1 
ATOM   170  N  N   . GLY A 1 23  ? -7.760  17.580  -10.303 1.00 25.63  ? 23  GLY A N   1 
ATOM   171  C  CA  . GLY A 1 23  ? -7.608  18.940  -9.866  1.00 19.78  ? 23  GLY A CA  1 
ATOM   172  C  C   . GLY A 1 23  ? -6.183  19.443  -9.849  1.00 19.50  ? 23  GLY A C   1 
ATOM   173  O  O   . GLY A 1 23  ? -5.320  18.976  -10.601 1.00 27.53  ? 23  GLY A O   1 
ATOM   174  N  N   . ALA A 1 24  ? -5.936  20.439  -8.997  1.00 26.29  ? 24  ALA A N   1 
ATOM   175  C  CA  . ALA A 1 24  ? -4.599  21.030  -8.888  1.00 29.47  ? 24  ALA A CA  1 
ATOM   176  C  C   . ALA A 1 24  ? -3.707  20.119  -8.028  1.00 35.87  ? 24  ALA A C   1 
ATOM   177  O  O   . ALA A 1 24  ? -4.182  19.098  -7.514  1.00 26.92  ? 24  ALA A O   1 
ATOM   178  C  CB  . ALA A 1 24  ? -4.712  22.393  -8.206  1.00 29.13  ? 24  ALA A CB  1 
ATOM   179  N  N   . GLU A 1 25  ? -2.459  20.534  -7.868  1.00 32.42  ? 25  GLU A N   1 
ATOM   180  C  CA  . GLU A 1 25  ? -1.509  19.753  -7.059  1.00 30.73  ? 25  GLU A CA  1 
ATOM   181  C  C   . GLU A 1 25  ? -1.934  19.784  -5.595  1.00 29.92  ? 25  GLU A C   1 
ATOM   182  O  O   . GLU A 1 25  ? -2.282  20.822  -5.053  1.00 29.01  ? 25  GLU A O   1 
ATOM   183  C  CB  . GLU A 1 25  ? -0.112  20.388  -7.165  1.00 32.43  ? 25  GLU A CB  1 
ATOM   184  C  CG  . GLU A 1 25  ? 0.555   20.170  -8.507  1.00 39.94  ? 25  GLU A CG  1 
ATOM   185  C  CD  . GLU A 1 25  ? 1.962   20.753  -8.543  1.00 44.86  ? 25  GLU A CD  1 
ATOM   186  O  OE1 . GLU A 1 25  ? 2.192   21.754  -7.835  1.00 53.63  ? 25  GLU A OE1 1 
ATOM   187  O  OE2 . GLU A 1 25  ? 2.813   20.193  -9.260  1.00 52.73  ? 25  GLU A OE2 1 
ATOM   188  N  N   . LEU A 1 26  ? -1.879  18.607  -4.946  1.00 27.23  ? 26  LEU A N   1 
ATOM   189  C  CA  . LEU A 1 26  ? -2.223  18.649  -3.500  1.00 23.29  ? 26  LEU A CA  1 
ATOM   190  C  C   . LEU A 1 26  ? -1.032  19.255  -2.766  1.00 26.36  ? 26  LEU A C   1 
ATOM   191  O  O   . LEU A 1 26  ? 0.117   18.969  -3.096  1.00 26.63  ? 26  LEU A O   1 
ATOM   192  C  CB  . LEU A 1 26  ? -2.444  17.206  -3.029  1.00 24.56  ? 26  LEU A CB  1 
ATOM   193  C  CG  . LEU A 1 26  ? -3.694  16.544  -3.654  1.00 23.60  ? 26  LEU A CG  1 
ATOM   194  C  CD1 . LEU A 1 26  ? -3.655  15.038  -3.432  1.00 28.15  ? 26  LEU A CD1 1 
ATOM   195  C  CD2 . LEU A 1 26  ? -4.939  17.154  -3.031  1.00 20.96  ? 26  LEU A CD2 1 
ATOM   196  N  N   . VAL A 1 27  ? -1.328  20.094  -1.779  1.00 26.49  ? 27  VAL A N   1 
ATOM   197  C  CA  . VAL A 1 27  ? -0.231  20.749  -1.074  1.00 29.85  ? 27  VAL A CA  1 
ATOM   198  C  C   . VAL A 1 27  ? -0.306  20.559  0.414   1.00 28.95  ? 27  VAL A C   1 
ATOM   199  O  O   . VAL A 1 27  ? -1.383  20.468  1.015   1.00 29.55  ? 27  VAL A O   1 
ATOM   200  C  CB  . VAL A 1 27  ? -0.233  22.272  -1.401  1.00 29.19  ? 27  VAL A CB  1 
ATOM   201  C  CG1 . VAL A 1 27  ? 0.670   23.006  -0.443  1.00 34.81  ? 27  VAL A CG1 1 
ATOM   202  C  CG2 . VAL A 1 27  ? 0.163   22.471  -2.850  1.00 24.40  ? 27  VAL A CG2 1 
ATOM   203  N  N   . CYS A 1 28  ? 0.884   20.514  1.037   1.00 27.83  ? 28  CYS A N   1 
ATOM   204  C  CA  . CYS A 1 28  ? 0.904   20.371  2.509   1.00 25.66  ? 28  CYS A CA  1 
ATOM   205  C  C   . CYS A 1 28  ? 2.253   20.929  3.022   1.00 26.56  ? 28  CYS A C   1 
ATOM   206  O  O   . CYS A 1 28  ? 3.255   20.713  2.357   1.00 25.56  ? 28  CYS A O   1 
ATOM   207  C  CB  . CYS A 1 28  ? 0.805   18.884  2.866   1.00 25.73  ? 28  CYS A CB  1 
ATOM   208  S  SG  . CYS A 1 28  ? 0.580   18.611  4.646   1.00 29.27  ? 28  CYS A SG  1 
ATOM   209  N  N   . CYS A 1 29  ? 2.205   21.682  4.108   1.00 30.99  ? 29  CYS A N   1 
ATOM   210  C  CA  . CYS A 1 29  ? 3.424   22.309  4.656   1.00 32.69  ? 29  CYS A CA  1 
ATOM   211  C  C   . CYS A 1 29  ? 4.151   23.131  3.594   1.00 35.21  ? 29  CYS A C   1 
ATOM   212  O  O   . CYS A 1 29  ? 5.390   23.070  3.533   1.00 35.78  ? 29  CYS A O   1 
ATOM   213  C  CB  . CYS A 1 29  ? 4.397   21.168  5.087   1.00 32.04  ? 29  CYS A CB  1 
ATOM   214  S  SG  . CYS A 1 29  ? 3.797   20.307  6.561   1.00 37.59  ? 29  CYS A SG  1 
ATOM   215  N  N   . GLY A 1 30  ? 3.407   23.853  2.793   1.00 40.05  ? 30  GLY A N   1 
ATOM   216  C  CA  . GLY A 1 30  ? 3.819   24.720  1.750   1.00 39.28  ? 30  GLY A CA  1 
ATOM   217  C  C   . GLY A 1 30  ? 4.440   24.095  0.548   1.00 42.82  ? 30  GLY A C   1 
ATOM   218  O  O   . GLY A 1 30  ? 4.880   24.804  -0.383  1.00 56.18  ? 30  GLY A O   1 
ATOM   219  N  N   . GLU A 1 31  ? 4.512   22.764  0.478   1.00 39.29  ? 31  GLU A N   1 
ATOM   220  C  CA  . GLU A 1 31  ? 5.134   22.155  -0.732  1.00 40.96  ? 31  GLU A CA  1 
ATOM   221  C  C   . GLU A 1 31  ? 4.142   21.155  -1.348  1.00 35.95  ? 31  GLU A C   1 
ATOM   222  O  O   . GLU A 1 31  ? 3.377   20.549  -0.620  1.00 31.99  ? 31  GLU A O   1 
ATOM   223  C  CB  . GLU A 1 31  ? 6.348   21.319  -0.219  1.00 48.41  ? 31  GLU A CB  1 
ATOM   224  C  CG  . GLU A 1 31  ? 7.686   21.926  -0.618  1.00 56.19  ? 31  GLU A CG  1 
ATOM   225  C  CD  . GLU A 1 31  ? 8.750   20.856  -0.798  1.00 62.66  ? 31  GLU A CD  1 
ATOM   226  O  OE1 . GLU A 1 31  ? 8.377   19.707  -1.124  1.00 66.43  ? 31  GLU A OE1 1 
ATOM   227  O  OE2 . GLU A 1 31  ? 9.944   21.166  -0.620  1.00 78.02  ? 31  GLU A OE2 1 
ATOM   228  N  N   . PRO A 1 32  ? 4.187   20.979  -2.666  1.00 36.76  ? 32  PRO A N   1 
ATOM   229  C  CA  . PRO A 1 32  ? 3.302   19.923  -3.246  1.00 33.64  ? 32  PRO A CA  1 
ATOM   230  C  C   . PRO A 1 32  ? 3.633   18.597  -2.558  1.00 33.53  ? 32  PRO A C   1 
ATOM   231  O  O   . PRO A 1 32  ? 4.783   18.321  -2.224  1.00 31.68  ? 32  PRO A O   1 
ATOM   232  C  CB  . PRO A 1 32  ? 3.759   19.876  -4.707  1.00 32.75  ? 32  PRO A CB  1 
ATOM   233  C  CG  . PRO A 1 32  ? 4.133   21.308  -4.984  1.00 37.58  ? 32  PRO A CG  1 
ATOM   234  C  CD  . PRO A 1 32  ? 4.892   21.717  -3.726  1.00 38.98  ? 32  PRO A CD  1 
ATOM   235  N  N   . MET A 1 33  ? 2.598   17.782  -2.318  1.00 29.74  ? 33  MET A N   1 
ATOM   236  C  CA  . MET A 1 33  ? 2.901   16.501  -1.611  1.00 28.56  ? 33  MET A CA  1 
ATOM   237  C  C   . MET A 1 33  ? 3.612   15.579  -2.560  1.00 29.91  ? 33  MET A C   1 
ATOM   238  O  O   . MET A 1 33  ? 3.578   15.749  -3.783  1.00 33.37  ? 33  MET A O   1 
ATOM   239  C  CB  . MET A 1 33  ? 1.572   15.875  -1.166  1.00 25.80  ? 33  MET A CB  1 
ATOM   240  C  CG  . MET A 1 33  ? 0.871   16.748  -0.121  1.00 23.22  ? 33  MET A CG  1 
ATOM   241  S  SD  . MET A 1 33  ? -0.666  16.047  0.429   1.00 32.39  ? 33  MET A SD  1 
ATOM   242  C  CE  . MET A 1 33  ? -0.100  14.721  1.496   1.00 30.60  ? 33  MET A CE  1 
ATOM   243  N  N   . LYS A 1 34  ? 4.277   14.557  -2.011  1.00 30.62  ? 34  LYS A N   1 
ATOM   244  C  CA  . LYS A 1 34  ? 4.996   13.676  -2.927  1.00 30.36  ? 34  LYS A CA  1 
ATOM   245  C  C   . LYS A 1 34  ? 4.126   12.506  -3.358  1.00 30.38  ? 34  LYS A C   1 
ATOM   246  O  O   . LYS A 1 34  ? 3.446   11.872  -2.561  1.00 28.47  ? 34  LYS A O   1 
ATOM   247  C  CB  . LYS A 1 34  ? 6.341   13.293  -2.434  1.00 31.38  ? 34  LYS A CB  1 
ATOM   248  C  CG  . LYS A 1 34  ? 6.919   11.986  -2.932  1.00 40.89  ? 34  LYS A CG  1 
ATOM   249  C  CD  . LYS A 1 34  ? 7.903   11.432  -1.884  1.00 47.51  ? 34  LYS A CD  1 
ATOM   250  C  CE  . LYS A 1 34  ? 9.139   10.869  -2.565  1.00 51.80  ? 34  LYS A CE  1 
ATOM   251  N  NZ  . LYS A 1 34  ? 10.330  11.739  -2.359  1.00 68.79  ? 34  LYS A NZ  1 
ATOM   252  N  N   . HIS A 1 35  ? 4.132   12.256  -4.657  1.00 28.61  ? 35  HIS A N   1 
ATOM   253  C  CA  . HIS A 1 35  ? 3.379   11.100  -5.199  1.00 25.30  ? 35  HIS A CA  1 
ATOM   254  C  C   . HIS A 1 35  ? 4.186   9.833   -4.852  1.00 26.01  ? 35  HIS A C   1 
ATOM   255  O  O   . HIS A 1 35  ? 5.336   9.708   -5.272  1.00 23.55  ? 35  HIS A O   1 
ATOM   256  C  CB  . HIS A 1 35  ? 3.369   11.262  -6.737  1.00 23.55  ? 35  HIS A CB  1 
ATOM   257  C  CG  . HIS A 1 35  ? 2.721   10.121  -7.447  1.00 26.25  ? 35  HIS A CG  1 
ATOM   258  N  ND1 . HIS A 1 35  ? 1.985   9.157   -6.800  1.00 27.10  ? 35  HIS A ND1 1 
ATOM   259  C  CD2 . HIS A 1 35  ? 2.694   9.786   -8.762  1.00 26.87  ? 35  HIS A CD2 1 
ATOM   260  C  CE1 . HIS A 1 35  ? 1.546   8.271   -7.674  1.00 25.28  ? 35  HIS A CE1 1 
ATOM   261  N  NE2 . HIS A 1 35  ? 1.954   8.634   -8.872  1.00 27.84  ? 35  HIS A NE2 1 
ATOM   262  N  N   . MET A 1 36  ? 3.614   8.952   -4.055  1.00 27.73  ? 36  MET A N   1 
ATOM   263  C  CA  . MET A 1 36  ? 4.359   7.715   -3.710  1.00 29.21  ? 36  MET A CA  1 
ATOM   264  C  C   . MET A 1 36  ? 4.162   6.653   -4.776  1.00 29.21  ? 36  MET A C   1 
ATOM   265  O  O   . MET A 1 36  ? 3.251   5.824   -4.711  1.00 28.74  ? 36  MET A O   1 
ATOM   266  C  CB  . MET A 1 36  ? 3.922   7.219   -2.336  1.00 26.13  ? 36  MET A CB  1 
ATOM   267  C  CG  . MET A 1 36  ? 4.063   8.297   -1.253  1.00 25.38  ? 36  MET A CG  1 
ATOM   268  S  SD  . MET A 1 36  ? 5.779   8.889   -1.156  1.00 39.72  ? 36  MET A SD  1 
ATOM   269  C  CE  . MET A 1 36  ? 6.396   7.827   0.150   1.00 43.18  ? 36  MET A CE  1 
ATOM   270  N  N   . VAL A 1 37  ? 5.048   6.689   -5.766  1.00 29.51  ? 37  VAL A N   1 
ATOM   271  C  CA  . VAL A 1 37  ? 5.001   5.753   -6.887  1.00 31.25  ? 37  VAL A CA  1 
ATOM   272  C  C   . VAL A 1 37  ? 5.451   4.369   -6.399  1.00 31.00  ? 37  VAL A C   1 
ATOM   273  O  O   . VAL A 1 37  ? 6.472   4.278   -5.719  1.00 34.66  ? 37  VAL A O   1 
ATOM   274  C  CB  . VAL A 1 37  ? 6.011   6.201   -7.983  1.00 33.97  ? 37  VAL A CB  1 
ATOM   275  C  CG1 . VAL A 1 37  ? 5.981   5.249   -9.153  1.00 36.13  ? 37  VAL A CG1 1 
ATOM   276  C  CG2 . VAL A 1 37  ? 5.727   7.623   -8.402  1.00 33.90  ? 37  VAL A CG2 1 
ATOM   277  N  N   . GLU A 1 38  ? 4.679   3.356   -6.746  1.00 32.89  ? 38  GLU A N   1 
ATOM   278  C  CA  . GLU A 1 38  ? 4.970   1.987   -6.312  1.00 37.83  ? 38  GLU A CA  1 
ATOM   279  C  C   . GLU A 1 38  ? 6.345   1.553   -6.802  1.00 40.09  ? 38  GLU A C   1 
ATOM   280  O  O   . GLU A 1 38  ? 6.688   1.835   -7.951  1.00 44.97  ? 38  GLU A O   1 
ATOM   281  C  CB  . GLU A 1 38  ? 3.894   1.028   -6.860  1.00 34.68  ? 38  GLU A CB  1 
ATOM   282  C  CG  . GLU A 1 38  ? 2.519   1.318   -6.241  1.00 32.83  ? 38  GLU A CG  1 
ATOM   283  C  CD  . GLU A 1 38  ? 1.726   2.292   -7.087  1.00 32.71  ? 38  GLU A CD  1 
ATOM   284  O  OE1 . GLU A 1 38  ? 2.366   3.100   -7.794  1.00 34.19  ? 38  GLU A OE1 1 
ATOM   285  O  OE2 . GLU A 1 38  ? 0.481   2.233   -7.079  1.00 38.29  ? 38  GLU A OE2 1 
ATOM   286  N  N   . GLY A 1 39  ? 7.103   0.897   -5.943  1.00 45.34  ? 39  GLY A N   1 
ATOM   287  C  CA  . GLY A 1 39  ? 8.436   0.425   -6.252  1.00 52.54  ? 39  GLY A CA  1 
ATOM   288  C  C   . GLY A 1 39  ? 9.391   1.571   -6.573  1.00 62.68  ? 39  GLY A C   1 
ATOM   289  O  O   . GLY A 1 39  ? 10.526  1.323   -6.988  1.00 74.21  ? 39  GLY A O   1 
ATOM   290  N  N   . SER A 1 40  ? 8.938   2.798   -6.378  1.00 68.21  ? 40  SER A N   1 
ATOM   291  C  CA  . SER A 1 40  ? 9.716   3.993   -6.647  1.00 74.88  ? 40  SER A CA  1 
ATOM   292  C  C   . SER A 1 40  ? 10.863  4.182   -5.668  1.00 81.10  ? 40  SER A C   1 
ATOM   293  O  O   . SER A 1 40  ? 11.910  4.753   -5.985  1.00 81.02  ? 40  SER A O   1 
ATOM   294  C  CB  . SER A 1 40  ? 8.791   5.235   -6.563  1.00 74.59  ? 40  SER A CB  1 
ATOM   295  O  OG  . SER A 1 40  ? 9.372   6.171   -5.663  1.00 73.50  ? 40  SER A OG  1 
ATOM   296  N  N   . THR A 1 41  ? 10.673  3.722   -4.428  1.00 86.33  ? 41  THR A N   1 
ATOM   297  C  CA  . THR A 1 41  ? 11.741  3.877   -3.439  1.00 91.05  ? 41  THR A CA  1 
ATOM   298  C  C   . THR A 1 41  ? 12.422  2.538   -3.169  1.00 92.86  ? 41  THR A C   1 
ATOM   299  O  O   . THR A 1 41  ? 12.225  1.938   -2.113  1.00 97.10  ? 41  THR A O   1 
ATOM   300  C  CB  . THR A 1 41  ? 11.214  4.478   -2.130  1.00 94.41  ? 41  THR A CB  1 
ATOM   301  O  OG1 . THR A 1 41  ? 9.994   5.197   -2.398  1.00 98.56  ? 41  THR A OG1 1 
ATOM   302  C  CG2 . THR A 1 41  ? 12.201  5.509   -1.583  1.00 100.55 ? 41  THR A CG2 1 
ATOM   303  N  N   . ASP A 1 42  ? 13.213  2.089   -4.133  1.00 93.16  ? 42  ASP A N   1 
ATOM   304  C  CA  . ASP A 1 42  ? 13.948  0.852   -4.077  1.00 92.86  ? 42  ASP A CA  1 
ATOM   305  C  C   . ASP A 1 42  ? 14.333  0.461   -2.654  1.00 93.42  ? 42  ASP A C   1 
ATOM   306  O  O   . ASP A 1 42  ? 15.317  0.949   -2.096  1.00 94.26  ? 42  ASP A O   1 
ATOM   307  C  CB  . ASP A 1 42  ? 15.198  0.908   -4.961  0.00 92.85  ? 42  ASP A CB  1 
ATOM   308  C  CG  . ASP A 1 42  ? 15.199  2.107   -5.887  0.00 92.85  ? 42  ASP A CG  1 
ATOM   309  O  OD1 . ASP A 1 42  ? 15.502  3.223   -5.417  0.00 92.85  ? 42  ASP A OD1 1 
ATOM   310  O  OD2 . ASP A 1 42  ? 14.897  1.933   -7.087  0.00 92.85  ? 42  ASP A OD2 1 
ATOM   311  N  N   . GLY A 1 43  ? 13.546  -0.435  -2.071  1.00 92.72  ? 43  GLY A N   1 
ATOM   312  C  CA  . GLY A 1 43  ? 13.793  -0.929  -0.725  1.00 90.71  ? 43  GLY A CA  1 
ATOM   313  C  C   . GLY A 1 43  ? 14.277  -2.380  -0.783  1.00 89.56  ? 43  GLY A C   1 
ATOM   314  O  O   . GLY A 1 43  ? 15.395  -2.626  -1.231  1.00 95.21  ? 43  GLY A O   1 
ATOM   315  N  N   . ALA A 1 44  ? 13.426  -3.299  -0.363  1.00 87.62  ? 44  ALA A N   1 
ATOM   316  C  CA  . ALA A 1 44  ? 13.725  -4.717  -0.351  1.00 83.84  ? 44  ALA A CA  1 
ATOM   317  C  C   . ALA A 1 44  ? 12.675  -5.542  -1.059  1.00 78.33  ? 44  ALA A C   1 
ATOM   318  O  O   . ALA A 1 44  ? 11.663  -5.956  -0.490  1.00 84.62  ? 44  ALA A O   1 
ATOM   319  C  CB  . ALA A 1 44  ? 13.933  -5.220  1.074   1.00 84.03  ? 44  ALA A CB  1 
ATOM   320  N  N   . MET A 1 45  ? 12.916  -5.839  -2.347  1.00 69.97  ? 45  MET A N   1 
ATOM   321  C  CA  . MET A 1 45  ? 11.942  -6.660  -3.059  1.00 61.18  ? 45  MET A CA  1 
ATOM   322  C  C   . MET A 1 45  ? 11.447  -7.808  -2.197  1.00 57.97  ? 45  MET A C   1 
ATOM   323  O  O   . MET A 1 45  ? 10.234  -8.010  -2.089  1.00 60.54  ? 45  MET A O   1 
ATOM   324  C  CB  . MET A 1 45  ? 12.493  -7.144  -4.383  1.00 59.34  ? 45  MET A CB  1 
ATOM   325  C  CG  . MET A 1 45  ? 12.786  -6.046  -5.390  1.00 56.64  ? 45  MET A CG  1 
ATOM   326  S  SD  . MET A 1 45  ? 11.739  -4.598  -5.183  1.00 143.88 ? 45  MET A SD  1 
ATOM   327  C  CE  . MET A 1 45  ? 11.475  -4.127  -6.896  1.00 79.05  ? 45  MET A CE  1 
ATOM   328  N  N   . GLU A 1 46  ? 12.354  -8.562  -1.585  1.00 54.75  ? 46  GLU A N   1 
ATOM   329  C  CA  . GLU A 1 46  ? 12.009  -9.710  -0.771  1.00 52.79  ? 46  GLU A CA  1 
ATOM   330  C  C   . GLU A 1 46  ? 11.058  -9.379  0.355   1.00 48.82  ? 46  GLU A C   1 
ATOM   331  O  O   . GLU A 1 46  ? 10.285  -10.225 0.824   1.00 53.62  ? 46  GLU A O   1 
ATOM   332  C  CB  . GLU A 1 46  ? 13.263  -10.366 -0.155  1.00 58.52  ? 46  GLU A CB  1 
ATOM   333  C  CG  . GLU A 1 46  ? 14.265  -10.859 -1.180  1.00 64.53  ? 46  GLU A CG  1 
ATOM   334  C  CD  . GLU A 1 46  ? 14.855  -9.708  -1.983  1.00 69.08  ? 46  GLU A CD  1 
ATOM   335  O  OE1 . GLU A 1 46  ? 15.233  -8.700  -1.351  1.00 73.56  ? 46  GLU A OE1 1 
ATOM   336  O  OE2 . GLU A 1 46  ? 14.910  -9.820  -3.221  1.00 77.37  ? 46  GLU A OE2 1 
ATOM   337  N  N   . LYS A 1 47  ? 11.171  -8.152  0.881   1.00 44.21  ? 47  LYS A N   1 
ATOM   338  C  CA  . LYS A 1 47  ? 10.358  -7.796  2.020   1.00 42.44  ? 47  LYS A CA  1 
ATOM   339  C  C   . LYS A 1 47  ? 9.283   -6.798  1.741   1.00 39.28  ? 47  LYS A C   1 
ATOM   340  O  O   . LYS A 1 47  ? 8.441   -6.515  2.611   1.00 44.76  ? 47  LYS A O   1 
ATOM   341  C  CB  . LYS A 1 47  ? 11.195  -7.420  3.232   1.00 46.92  ? 47  LYS A CB  1 
ATOM   342  C  CG  . LYS A 1 47  ? 12.653  -7.864  3.156   1.00 52.82  ? 47  LYS A CG  1 
ATOM   343  C  CD  . LYS A 1 47  ? 13.453  -7.272  4.313   1.00 57.19  ? 47  LYS A CD  1 
ATOM   344  C  CE  . LYS A 1 47  ? 13.954  -8.376  5.238   1.00 60.68  ? 47  LYS A CE  1 
ATOM   345  N  NZ  . LYS A 1 47  ? 14.200  -7.861  6.616   1.00 69.95  ? 47  LYS A NZ  1 
ATOM   346  N  N   . HIS A 1 48  ? 9.271   -6.185  0.555   1.00 39.49  ? 48  HIS A N   1 
ATOM   347  C  CA  . HIS A 1 48  ? 8.249   -5.149  0.316   1.00 37.37  ? 48  HIS A CA  1 
ATOM   348  C  C   . HIS A 1 48  ? 7.262   -5.520  -0.748  1.00 39.26  ? 48  HIS A C   1 
ATOM   349  O  O   . HIS A 1 48  ? 6.083   -5.151  -0.679  1.00 39.71  ? 48  HIS A O   1 
ATOM   350  C  CB  . HIS A 1 48  ? 8.931   -3.812  0.008   1.00 35.90  ? 48  HIS A CB  1 
ATOM   351  C  CG  . HIS A 1 48  ? 9.682   -3.277  1.188   1.00 36.60  ? 48  HIS A CG  1 
ATOM   352  N  ND1 . HIS A 1 48  ? 11.046  -3.119  1.195   1.00 36.49  ? 48  HIS A ND1 1 
ATOM   353  C  CD2 . HIS A 1 48  ? 9.227   -2.889  2.415   1.00 37.11  ? 48  HIS A CD2 1 
ATOM   354  C  CE1 . HIS A 1 48  ? 11.408  -2.647  2.382   1.00 38.05  ? 48  HIS A CE1 1 
ATOM   355  N  NE2 . HIS A 1 48  ? 10.333  -2.505  3.128   1.00 36.82  ? 48  HIS A NE2 1 
ATOM   356  N  N   . VAL A 1 49  ? 7.715   -6.264  -1.780  1.00 39.14  ? 49  VAL A N   1 
ATOM   357  C  CA  . VAL A 1 49  ? 6.760   -6.664  -2.822  1.00 33.05  ? 49  VAL A CA  1 
ATOM   358  C  C   . VAL A 1 49  ? 5.723   -7.587  -2.261  1.00 31.31  ? 49  VAL A C   1 
ATOM   359  O  O   . VAL A 1 49  ? 5.985   -8.628  -1.668  1.00 31.42  ? 49  VAL A O   1 
ATOM   360  C  CB  . VAL A 1 49  ? 7.388   -7.164  -4.094  1.00 36.02  ? 49  VAL A CB  1 
ATOM   361  C  CG1 . VAL A 1 49  ? 6.341   -7.588  -5.127  1.00 41.14  ? 49  VAL A CG1 1 
ATOM   362  C  CG2 . VAL A 1 49  ? 8.333   -6.138  -4.720  1.00 31.13  ? 49  VAL A CG2 1 
ATOM   363  N  N   . PRO A 1 50  ? 4.438   -7.176  -2.350  1.00 32.12  ? 50  PRO A N   1 
ATOM   364  C  CA  . PRO A 1 50  ? 3.404   -8.046  -1.787  1.00 31.46  ? 50  PRO A CA  1 
ATOM   365  C  C   . PRO A 1 50  ? 3.395   -9.402  -2.497  1.00 36.73  ? 50  PRO A C   1 
ATOM   366  O  O   . PRO A 1 50  ? 3.647   -9.480  -3.698  1.00 45.89  ? 50  PRO A O   1 
ATOM   367  C  CB  . PRO A 1 50  ? 2.107   -7.301  -2.053  1.00 31.64  ? 50  PRO A CB  1 
ATOM   368  C  CG  . PRO A 1 50  ? 2.475   -5.933  -2.470  1.00 31.74  ? 50  PRO A CG  1 
ATOM   369  C  CD  . PRO A 1 50  ? 3.886   -5.960  -2.952  1.00 31.41  ? 50  PRO A CD  1 
ATOM   370  N  N   . VAL A 1 51  ? 3.122   -10.451 -1.747  1.00 36.66  ? 51  VAL A N   1 
ATOM   371  C  CA  . VAL A 1 51  ? 3.021   -11.798 -2.349  1.00 38.95  ? 51  VAL A CA  1 
ATOM   372  C  C   . VAL A 1 51  ? 1.531   -12.148 -2.336  1.00 35.97  ? 51  VAL A C   1 
ATOM   373  O  O   . VAL A 1 51  ? 0.883   -11.985 -1.300  1.00 33.14  ? 51  VAL A O   1 
ATOM   374  C  CB  . VAL A 1 51  ? 3.805   -12.820 -1.500  1.00 41.74  ? 51  VAL A CB  1 
ATOM   375  C  CG1 . VAL A 1 51  ? 3.236   -14.219 -1.679  1.00 40.80  ? 51  VAL A CG1 1 
ATOM   376  C  CG2 . VAL A 1 51  ? 5.282   -12.785 -1.918  1.00 46.12  ? 51  VAL A CG2 1 
ATOM   377  N  N   . ILE A 1 52  ? 0.985   -12.472 -3.497  1.00 35.51  ? 52  ILE A N   1 
ATOM   378  C  CA  . ILE A 1 52  ? -0.475  -12.680 -3.562  1.00 37.76  ? 52  ILE A CA  1 
ATOM   379  C  C   . ILE A 1 52  ? -0.815  -14.157 -3.658  1.00 41.21  ? 52  ILE A C   1 
ATOM   380  O  O   . ILE A 1 52  ? -0.436  -14.818 -4.620  1.00 37.27  ? 52  ILE A O   1 
ATOM   381  C  CB  . ILE A 1 52  ? -1.019  -11.976 -4.837  1.00 37.62  ? 52  ILE A CB  1 
ATOM   382  C  CG1 . ILE A 1 52  ? -0.904  -10.443 -4.748  1.00 34.80  ? 52  ILE A CG1 1 
ATOM   383  C  CG2 . ILE A 1 52  ? -2.459  -12.404 -5.071  1.00 33.01  ? 52  ILE A CG2 1 
ATOM   384  C  CD1 . ILE A 1 52  ? -0.627  -9.777  -6.070  1.00 31.17  ? 52  ILE A CD1 1 
ATOM   385  N  N   . GLU A 1 53  ? -1.548  -14.657 -2.671  1.00 44.02  ? 53  GLU A N   1 
ATOM   386  C  CA  . GLU A 1 53  ? -1.963  -16.050 -2.656  1.00 46.61  ? 53  GLU A CA  1 
ATOM   387  C  C   . GLU A 1 53  ? -3.474  -16.172 -2.787  1.00 43.58  ? 53  GLU A C   1 
ATOM   388  O  O   . GLU A 1 53  ? -4.237  -15.612 -2.004  1.00 38.23  ? 53  GLU A O   1 
ATOM   389  C  CB  . GLU A 1 53  ? -1.511  -16.758 -1.377  1.00 51.44  ? 53  GLU A CB  1 
ATOM   390  C  CG  . GLU A 1 53  ? -0.106  -16.449 -0.917  1.00 60.97  ? 53  GLU A CG  1 
ATOM   391  C  CD  . GLU A 1 53  ? 0.540   -17.601 -0.164  1.00 65.26  ? 53  GLU A CD  1 
ATOM   392  O  OE1 . GLU A 1 53  ? -0.207  -18.438 0.385   1.00 70.29  ? 53  GLU A OE1 1 
ATOM   393  O  OE2 . GLU A 1 53  ? 1.789   -17.672 -0.134  1.00 68.62  ? 53  GLU A OE2 1 
ATOM   394  N  N   . LYS A 1 54  ? -3.924  -16.967 -3.768  1.00 40.21  ? 54  LYS A N   1 
ATOM   395  C  CA  . LYS A 1 54  ? -5.387  -17.178 -3.853  1.00 39.57  ? 54  LYS A CA  1 
ATOM   396  C  C   . LYS A 1 54  ? -5.773  -18.297 -2.881  1.00 37.75  ? 54  LYS A C   1 
ATOM   397  O  O   . LYS A 1 54  ? -5.201  -19.383 -2.919  1.00 46.77  ? 54  LYS A O   1 
ATOM   398  C  CB  . LYS A 1 54  ? -5.739  -17.630 -5.287  1.00 48.88  ? 54  LYS A CB  1 
ATOM   399  C  CG  . LYS A 1 54  ? -6.999  -18.486 -5.342  1.00 54.39  ? 54  LYS A CG  1 
ATOM   400  C  CD  . LYS A 1 54  ? -7.983  -17.933 -6.369  1.00 55.87  ? 54  LYS A CD  1 
ATOM   401  C  CE  . LYS A 1 54  ? -9.405  -17.980 -5.826  1.00 55.16  ? 54  LYS A CE  1 
ATOM   402  N  NZ  . LYS A 1 54  ? -9.642  -16.900 -4.821  1.00 43.90  ? 54  LYS A NZ  1 
ATOM   403  N  N   . VAL A 1 55  ? -6.738  -18.029 -2.024  1.00 34.98  ? 55  VAL A N   1 
ATOM   404  C  CA  . VAL A 1 55  ? -7.173  -19.060 -1.055  1.00 36.88  ? 55  VAL A CA  1 
ATOM   405  C  C   . VAL A 1 55  ? -8.690  -19.127 -1.104  1.00 39.13  ? 55  VAL A C   1 
ATOM   406  O  O   . VAL A 1 55  ? -9.281  -18.388 -1.904  1.00 39.92  ? 55  VAL A O   1 
ATOM   407  C  CB  . VAL A 1 55  ? -6.712  -18.655 0.369   1.00 33.44  ? 55  VAL A CB  1 
ATOM   408  C  CG1 . VAL A 1 55  ? -5.195  -18.479 0.359   1.00 32.58  ? 55  VAL A CG1 1 
ATOM   409  C  CG2 . VAL A 1 55  ? -7.385  -17.346 0.773   1.00 35.03  ? 55  VAL A CG2 1 
ATOM   410  N  N   . ASP A 1 56  ? -9.322  -19.963 -0.301  1.00 38.63  ? 56  ASP A N   1 
ATOM   411  C  CA  . ASP A 1 56  ? -10.773 -20.075 -0.340  1.00 40.05  ? 56  ASP A CA  1 
ATOM   412  C  C   . ASP A 1 56  ? -11.485 -18.759 -0.099  1.00 40.55  ? 56  ASP A C   1 
ATOM   413  O  O   . ASP A 1 56  ? -11.394 -18.182 0.982   1.00 43.14  ? 56  ASP A O   1 
ATOM   414  C  CB  . ASP A 1 56  ? -11.264 -21.093 0.706   1.00 40.93  ? 56  ASP A CB  1 
ATOM   415  C  CG  . ASP A 1 56  ? -10.813 -22.496 0.346   1.00 42.47  ? 56  ASP A CG  1 
ATOM   416  O  OD1 . ASP A 1 56  ? -10.028 -22.621 -0.629  1.00 38.10  ? 56  ASP A OD1 1 
ATOM   417  O  OD2 . ASP A 1 56  ? -11.223 -23.449 1.033   1.00 44.89  ? 56  ASP A OD2 1 
ATOM   418  N  N   . GLY A 1 57  ? -12.291 -18.332 -1.072  1.00 37.60  ? 57  GLY A N   1 
ATOM   419  C  CA  . GLY A 1 57  ? -13.112 -17.164 -0.935  1.00 37.07  ? 57  GLY A CA  1 
ATOM   420  C  C   . GLY A 1 57  ? -12.434 -15.846 -1.129  1.00 33.10  ? 57  GLY A C   1 
ATOM   421  O  O   . GLY A 1 57  ? -13.059 -14.781 -0.949  1.00 34.44  ? 57  GLY A O   1 
ATOM   422  N  N   . GLY A 1 58  ? -11.161 -15.810 -1.526  1.00 31.29  ? 58  GLY A N   1 
ATOM   423  C  CA  . GLY A 1 58  ? -10.532 -14.483 -1.682  1.00 29.81  ? 58  GLY A CA  1 
ATOM   424  C  C   . GLY A 1 58  ? -9.047  -14.572 -1.832  1.00 31.96  ? 58  GLY A C   1 
ATOM   425  O  O   . GLY A 1 58  ? -8.498  -15.420 -2.536  1.00 34.95  ? 58  GLY A O   1 
ATOM   426  N  N   . TYR A 1 59  ? -8.304  -13.648 -1.162  1.00 26.00  ? 59  TYR A N   1 
ATOM   427  C  CA  . TYR A 1 59  ? -6.877  -13.659 -1.312  1.00 26.76  ? 59  TYR A CA  1 
ATOM   428  C  C   . TYR A 1 59  ? -6.175  -13.348 0.035   1.00 28.19  ? 59  TYR A C   1 
ATOM   429  O  O   . TYR A 1 59  ? -6.583  -12.497 0.780   1.00 27.84  ? 59  TYR A O   1 
ATOM   430  C  CB  . TYR A 1 59  ? -6.404  -12.563 -2.295  1.00 29.50  ? 59  TYR A CB  1 
ATOM   431  C  CG  . TYR A 1 59  ? -6.764  -12.850 -3.731  1.00 29.67  ? 59  TYR A CG  1 
ATOM   432  C  CD1 . TYR A 1 59  ? -8.020  -12.499 -4.221  1.00 34.07  ? 59  TYR A CD1 1 
ATOM   433  C  CD2 . TYR A 1 59  ? -5.869  -13.458 -4.582  1.00 27.93  ? 59  TYR A CD2 1 
ATOM   434  C  CE1 . TYR A 1 59  ? -8.345  -12.769 -5.545  1.00 37.15  ? 59  TYR A CE1 1 
ATOM   435  C  CE2 . TYR A 1 59  ? -6.182  -13.728 -5.898  1.00 31.79  ? 59  TYR A CE2 1 
ATOM   436  C  CZ  . TYR A 1 59  ? -7.429  -13.376 -6.366  1.00 34.11  ? 59  TYR A CZ  1 
ATOM   437  O  OH  . TYR A 1 59  ? -7.750  -13.636 -7.681  1.00 45.68  ? 59  TYR A OH  1 
ATOM   438  N  N   . LEU A 1 60  ? -5.049  -14.030 0.197   1.00 32.31  ? 60  LEU A N   1 
ATOM   439  C  CA  . LEU A 1 60  ? -4.190  -13.745 1.347   1.00 34.25  ? 60  LEU A CA  1 
ATOM   440  C  C   . LEU A 1 60  ? -2.991  -12.964 0.769   1.00 30.38  ? 60  LEU A C   1 
ATOM   441  O  O   . LEU A 1 60  ? -2.395  -13.438 -0.189  1.00 29.73  ? 60  LEU A O   1 
ATOM   442  C  CB  . LEU A 1 60  ? -3.691  -15.035 1.988   1.00 36.61  ? 60  LEU A CB  1 
ATOM   443  C  CG  . LEU A 1 60  ? -2.754  -14.830 3.199   1.00 37.72  ? 60  LEU A CG  1 
ATOM   444  C  CD1 . LEU A 1 60  ? -3.538  -14.166 4.335   1.00 32.24  ? 60  LEU A CD1 1 
ATOM   445  C  CD2 . LEU A 1 60  ? -2.228  -16.200 3.650   1.00 36.21  ? 60  LEU A CD2 1 
ATOM   446  N  N   . ILE A 1 61  ? -2.765  -11.787 1.315   1.00 27.54  ? 61  ILE A N   1 
ATOM   447  C  CA  . ILE A 1 61  ? -1.645  -10.957 0.841   1.00 27.38  ? 61  ILE A CA  1 
ATOM   448  C  C   . ILE A 1 61  ? -0.566  -10.969 1.923   1.00 28.98  ? 61  ILE A C   1 
ATOM   449  O  O   . ILE A 1 61  ? -0.835  -10.695 3.080   1.00 28.71  ? 61  ILE A O   1 
ATOM   450  C  CB  . ILE A 1 61  ? -2.114  -9.501  0.603   1.00 28.81  ? 61  ILE A CB  1 
ATOM   451  C  CG1 . ILE A 1 61  ? -3.362  -9.462  -0.330  1.00 30.20  ? 61  ILE A CG1 1 
ATOM   452  C  CG2 . ILE A 1 61  ? -0.995  -8.694  -0.083  1.00 26.93  ? 61  ILE A CG2 1 
ATOM   453  C  CD1 . ILE A 1 61  ? -3.008  -10.038 -1.699  1.00 31.06  ? 61  ILE A CD1 1 
ATOM   454  N  N   . LYS A 1 62  ? 0.656   -11.329 1.535   1.00 31.40  ? 62  LYS A N   1 
ATOM   455  C  CA  . LYS A 1 62  ? 1.689   -11.350 2.618   1.00 35.21  ? 62  LYS A CA  1 
ATOM   456  C  C   . LYS A 1 62  ? 2.784   -10.380 2.222   1.00 32.17  ? 62  LYS A C   1 
ATOM   457  O  O   . LYS A 1 62  ? 3.147   -10.289 1.054   1.00 34.25  ? 62  LYS A O   1 
ATOM   458  C  CB  . LYS A 1 62  ? 2.228   -12.779 2.722   1.00 39.34  ? 62  LYS A CB  1 
ATOM   459  C  CG  . LYS A 1 62  ? 1.209   -13.753 3.334   1.00 43.62  ? 62  LYS A CG  1 
ATOM   460  C  CD  . LYS A 1 62  ? 1.798   -15.155 3.417   1.00 49.69  ? 62  LYS A CD  1 
ATOM   461  C  CE  . LYS A 1 62  ? 1.801   -15.677 4.845   1.00 53.84  ? 62  LYS A CE  1 
ATOM   462  N  NZ  . LYS A 1 62  ? 1.053   -16.963 4.976   1.00 58.96  ? 62  LYS A NZ  1 
ATOM   463  N  N   . VAL A 1 63  ? 3.312   -9.609  3.185   1.00 27.15  ? 63  VAL A N   1 
ATOM   464  C  CA  . VAL A 1 63  ? 4.438   -8.727  2.715   1.00 27.36  ? 63  VAL A CA  1 
ATOM   465  C  C   . VAL A 1 63  ? 5.684   -9.177  3.527   1.00 29.23  ? 63  VAL A C   1 
ATOM   466  O  O   . VAL A 1 63  ? 5.624   -9.025  4.752   1.00 31.35  ? 63  VAL A O   1 
ATOM   467  C  CB  . VAL A 1 63  ? 4.125   -7.274  3.179   1.00 30.47  ? 63  VAL A CB  1 
ATOM   468  C  CG1 . VAL A 1 63  ? 5.156   -6.321  2.614   1.00 27.43  ? 63  VAL A CG1 1 
ATOM   469  C  CG2 . VAL A 1 63  ? 2.724   -6.893  2.754   1.00 31.16  ? 63  VAL A CG2 1 
ATOM   470  N  N   . GLY A 1 64  ? 6.687   -9.678  2.899   1.00 32.70  ? 64  GLY A N   1 
ATOM   471  C  CA  . GLY A 1 64  ? 6.809   -9.984  1.483   1.00 37.21  ? 64  GLY A CA  1 
ATOM   472  C  C   . GLY A 1 64  ? 7.100   -11.502 1.372   1.00 40.82  ? 64  GLY A C   1 
ATOM   473  O  O   . GLY A 1 64  ? 6.605   -12.239 2.234   1.00 41.25  ? 64  GLY A O   1 
ATOM   474  N  N   . SER A 1 65  ? 7.924   -11.889 0.432   1.00 42.99  ? 65  SER A N   1 
ATOM   475  C  CA  . SER A 1 65  ? 8.302   -13.340 0.345   1.00 46.34  ? 65  SER A CA  1 
ATOM   476  C  C   . SER A 1 65  ? 8.938   -13.691 1.705   1.00 46.88  ? 65  SER A C   1 
ATOM   477  O  O   . SER A 1 65  ? 8.770   -14.783 2.211   1.00 52.27  ? 65  SER A O   1 
ATOM   478  C  CB  . SER A 1 65  ? 9.358   -13.484 -0.756  1.00 48.98  ? 65  SER A CB  1 
ATOM   479  O  OG  . SER A 1 65  ? 10.433  -12.579 -0.499  1.00 65.25  ? 65  SER A OG  1 
ATOM   480  N  N   . VAL A 1 66  ? 9.597   -12.679 2.272   1.00 44.78  ? 66  VAL A N   1 
ATOM   481  C  CA  . VAL A 1 66  ? 10.140  -12.799 3.636   1.00 43.34  ? 66  VAL A CA  1 
ATOM   482  C  C   . VAL A 1 66  ? 9.343   -11.852 4.538   1.00 41.57  ? 66  VAL A C   1 
ATOM   483  O  O   . VAL A 1 66  ? 9.153   -10.687 4.165   1.00 47.69  ? 66  VAL A O   1 
ATOM   484  C  CB  . VAL A 1 66  ? 11.618  -12.372 3.686   1.00 46.21  ? 66  VAL A CB  1 
ATOM   485  C  CG1 . VAL A 1 66  ? 12.174  -12.632 5.081   1.00 47.66  ? 66  VAL A CG1 1 
ATOM   486  C  CG2 . VAL A 1 66  ? 12.422  -13.124 2.634   1.00 47.58  ? 66  VAL A CG2 1 
ATOM   487  N  N   . PRO A 1 67  ? 8.849   -12.339 5.670   1.00 38.60  ? 67  PRO A N   1 
ATOM   488  C  CA  . PRO A 1 67  ? 7.995   -11.437 6.481   1.00 37.25  ? 67  PRO A CA  1 
ATOM   489  C  C   . PRO A 1 67  ? 8.694   -10.106 6.698   1.00 39.93  ? 67  PRO A C   1 
ATOM   490  O  O   . PRO A 1 67  ? 9.899   -10.056 6.947   1.00 43.13  ? 67  PRO A O   1 
ATOM   491  C  CB  . PRO A 1 67  ? 7.760   -12.192 7.762   1.00 35.07  ? 67  PRO A CB  1 
ATOM   492  C  CG  . PRO A 1 67  ? 7.945   -13.629 7.401   1.00 34.47  ? 67  PRO A CG  1 
ATOM   493  C  CD  . PRO A 1 67  ? 9.042   -13.634 6.365   1.00 37.46  ? 67  PRO A CD  1 
ATOM   494  N  N   . HIS A 1 68  ? 7.935   -9.018  6.549   1.00 34.67  ? 68  HIS A N   1 
ATOM   495  C  CA  . HIS A 1 68  ? 8.569   -7.679  6.755   1.00 31.81  ? 68  HIS A CA  1 
ATOM   496  C  C   . HIS A 1 68  ? 8.388   -7.364  8.252   1.00 28.32  ? 68  HIS A C   1 
ATOM   497  O  O   . HIS A 1 68  ? 7.405   -7.799  8.857   1.00 28.68  ? 68  HIS A O   1 
ATOM   498  C  CB  . HIS A 1 68  ? 7.757   -6.658  5.936   1.00 28.58  ? 68  HIS A CB  1 
ATOM   499  C  CG  . HIS A 1 68  ? 8.255   -5.255  5.984   1.00 28.23  ? 68  HIS A CG  1 
ATOM   500  N  ND1 . HIS A 1 68  ? 8.056   -4.411  7.043   1.00 30.05  ? 68  HIS A ND1 1 
ATOM   501  C  CD2 . HIS A 1 68  ? 8.923   -4.521  5.044   1.00 28.48  ? 68  HIS A CD2 1 
ATOM   502  C  CE1 . HIS A 1 68  ? 8.605   -3.230  6.797   1.00 28.69  ? 68  HIS A CE1 1 
ATOM   503  N  NE2 . HIS A 1 68  ? 9.132   -3.273  5.595   1.00 30.97  ? 68  HIS A NE2 1 
ATOM   504  N  N   . PRO A 1 69  ? 9.332   -6.668  8.831   1.00 28.22  ? 69  PRO A N   1 
ATOM   505  C  CA  . PRO A 1 69  ? 9.242   -6.259  10.237  1.00 28.88  ? 69  PRO A CA  1 
ATOM   506  C  C   . PRO A 1 69  ? 7.927   -5.522  10.521  1.00 30.68  ? 69  PRO A C   1 
ATOM   507  O  O   . PRO A 1 69  ? 7.399   -4.835  9.632   1.00 31.46  ? 69  PRO A O   1 
ATOM   508  C  CB  . PRO A 1 69  ? 10.402  -5.260  10.353  1.00 29.61  ? 69  PRO A CB  1 
ATOM   509  C  CG  . PRO A 1 69  ? 11.354  -5.613  9.279   1.00 31.41  ? 69  PRO A CG  1 
ATOM   510  C  CD  . PRO A 1 69  ? 10.599  -6.331  8.203   1.00 28.88  ? 69  PRO A CD  1 
ATOM   511  N  N   . MET A 1 70  ? 7.426   -5.625  11.726  1.00 28.26  ? 70  MET A N   1 
ATOM   512  C  CA  . MET A 1 70  ? 6.237   -4.952  12.207  1.00 28.42  ? 70  MET A CA  1 
ATOM   513  C  C   . MET A 1 70  ? 6.535   -4.316  13.577  1.00 32.45  ? 70  MET A C   1 
ATOM   514  O  O   . MET A 1 70  ? 5.872   -4.577  14.565  1.00 34.35  ? 70  MET A O   1 
ATOM   515  C  CB  . MET A 1 70  ? 5.037   -5.890  12.333  1.00 26.60  ? 70  MET A CB  1 
ATOM   516  C  CG  . MET A 1 70  ? 4.602   -6.458  10.969  1.00 30.42  ? 70  MET A CG  1 
ATOM   517  S  SD  . MET A 1 70  ? 3.986   -5.124  9.888   1.00 31.02  ? 70  MET A SD  1 
ATOM   518  C  CE  . MET A 1 70  ? 2.437   -4.759  10.777  1.00 34.25  ? 70  MET A CE  1 
ATOM   519  N  N   . GLU A 1 71  ? 7.588   -3.506  13.583  1.00 39.04  ? 71  GLU A N   1 
ATOM   520  C  CA  . GLU A 1 71  ? 8.033   -2.862  14.816  1.00 45.47  ? 71  GLU A CA  1 
ATOM   521  C  C   . GLU A 1 71  ? 7.507   -1.437  14.918  1.00 48.22  ? 71  GLU A C   1 
ATOM   522  O  O   . GLU A 1 71  ? 7.091   -0.834  13.919  1.00 40.37  ? 71  GLU A O   1 
ATOM   523  C  CB  . GLU A 1 71  ? 9.573   -2.864  14.853  1.00 53.49  ? 71  GLU A CB  1 
ATOM   524  C  CG  . GLU A 1 71  ? 10.138  -4.162  15.445  1.00 63.07  ? 71  GLU A CG  1 
ATOM   525  C  CD  . GLU A 1 71  ? 9.542   -4.453  16.816  1.00 69.98  ? 71  GLU A CD  1 
ATOM   526  O  OE1 . GLU A 1 71  ? 9.077   -3.498  17.479  1.00 79.22  ? 71  GLU A OE1 1 
ATOM   527  O  OE2 . GLU A 1 71  ? 9.545   -5.628  17.230  1.00 76.96  ? 71  GLU A OE2 1 
ATOM   528  N  N   . GLU A 1 72  ? 7.544   -0.896  16.130  1.00 48.24  ? 72  GLU A N   1 
ATOM   529  C  CA  . GLU A 1 72  ? 7.096   0.446   16.417  1.00 46.18  ? 72  GLU A CA  1 
ATOM   530  C  C   . GLU A 1 72  ? 7.601   1.490   15.463  1.00 40.12  ? 72  GLU A C   1 
ATOM   531  O  O   . GLU A 1 72  ? 6.902   2.457   15.109  1.00 42.80  ? 72  GLU A O   1 
ATOM   532  C  CB  . GLU A 1 72  ? 7.399   0.818   17.869  1.00 52.60  ? 72  GLU A CB  1 
ATOM   533  C  CG  . GLU A 1 72  ? 6.353   1.706   18.515  1.00 61.27  ? 72  GLU A CG  1 
ATOM   534  C  CD  . GLU A 1 72  ? 5.008   1.040   18.677  1.00 69.92  ? 72  GLU A CD  1 
ATOM   535  O  OE1 . GLU A 1 72  ? 4.957   -0.132  19.120  1.00 83.69  ? 72  GLU A OE1 1 
ATOM   536  O  OE2 . GLU A 1 72  ? 3.976   1.695   18.398  1.00 79.98  ? 72  GLU A OE2 1 
ATOM   537  N  N   . LYS A 1 73  ? 8.842   1.370   14.979  1.00 34.86  ? 73  LYS A N   1 
ATOM   538  C  CA  . LYS A 1 73  ? 9.362   2.402   14.101  1.00 39.43  ? 73  LYS A CA  1 
ATOM   539  C  C   . LYS A 1 73  ? 9.538   1.936   12.675  1.00 41.71  ? 73  LYS A C   1 
ATOM   540  O  O   . LYS A 1 73  ? 10.020  2.693   11.821  1.00 40.46  ? 73  LYS A O   1 
ATOM   541  C  CB  . LYS A 1 73  ? 10.664  2.983   14.649  1.00 48.53  ? 73  LYS A CB  1 
ATOM   542  C  CG  . LYS A 1 73  ? 10.702  3.105   16.169  1.00 54.41  ? 73  LYS A CG  1 
ATOM   543  C  CD  . LYS A 1 73  ? 10.192  4.461   16.621  1.00 59.95  ? 73  LYS A CD  1 
ATOM   544  C  CE  . LYS A 1 73  ? 10.922  5.592   15.907  1.00 62.68  ? 73  LYS A CE  1 
ATOM   545  N  NZ  . LYS A 1 73  ? 12.353  5.669   16.323  1.00 69.31  ? 73  LYS A NZ  1 
ATOM   546  N  N   . HIS A 1 74  ? 9.163   0.684   12.388  1.00 39.02  ? 74  HIS A N   1 
ATOM   547  C  CA  . HIS A 1 74  ? 9.301   0.210   10.986  1.00 39.85  ? 74  HIS A CA  1 
ATOM   548  C  C   . HIS A 1 74  ? 8.262   -0.895  10.766  1.00 37.28  ? 74  HIS A C   1 
ATOM   549  O  O   . HIS A 1 74  ? 8.445   -2.010  11.233  1.00 33.85  ? 74  HIS A O   1 
ATOM   550  C  CB  . HIS A 1 74  ? 10.700  -0.394  10.797  1.00 42.31  ? 74  HIS A CB  1 
ATOM   551  C  CG  . HIS A 1 74  ? 10.940  -0.911  9.415   1.00 42.01  ? 74  HIS A CG  1 
ATOM   552  N  ND1 . HIS A 1 74  ? 11.875  -1.854  9.107   1.00 41.97  ? 74  HIS A ND1 1 
ATOM   553  C  CD2 . HIS A 1 74  ? 10.342  -0.585  8.235   1.00 44.24  ? 74  HIS A CD2 1 
ATOM   554  C  CE1 . HIS A 1 74  ? 11.864  -2.095  7.797   1.00 42.88  ? 74  HIS A CE1 1 
ATOM   555  N  NE2 . HIS A 1 74  ? 10.932  -1.331  7.255   1.00 42.76  ? 74  HIS A NE2 1 
ATOM   556  N  N   . TRP A 1 75  ? 7.157   -0.550  10.119  1.00 31.86  ? 75  TRP A N   1 
ATOM   557  C  CA  . TRP A 1 75  ? 6.088   -1.527  9.931   1.00 30.49  ? 75  TRP A CA  1 
ATOM   558  C  C   . TRP A 1 75  ? 5.287   -1.222  8.660   1.00 32.43  ? 75  TRP A C   1 
ATOM   559  O  O   . TRP A 1 75  ? 5.399   -0.129  8.109   1.00 31.79  ? 75  TRP A O   1 
ATOM   560  C  CB  . TRP A 1 75  ? 5.168   -1.593  11.127  1.00 31.57  ? 75  TRP A CB  1 
ATOM   561  C  CG  . TRP A 1 75  ? 4.055   -0.608  11.202  1.00 33.91  ? 75  TRP A CG  1 
ATOM   562  C  CD1 . TRP A 1 75  ? 2.711   -0.891  11.117  1.00 36.67  ? 75  TRP A CD1 1 
ATOM   563  C  CD2 . TRP A 1 75  ? 4.138   0.806   11.418  1.00 34.52  ? 75  TRP A CD2 1 
ATOM   564  N  NE1 . TRP A 1 75  ? 1.971   0.266   11.247  1.00 36.00  ? 75  TRP A NE1 1 
ATOM   565  C  CE2 . TRP A 1 75  ? 2.821   1.315   11.430  1.00 33.81  ? 75  TRP A CE2 1 
ATOM   566  C  CE3 . TRP A 1 75  ? 5.206   1.696   11.594  1.00 36.76  ? 75  TRP A CE3 1 
ATOM   567  C  CZ2 . TRP A 1 75  ? 2.535   2.673   11.608  1.00 34.41  ? 75  TRP A CZ2 1 
ATOM   568  C  CZ3 . TRP A 1 75  ? 4.912   3.039   11.769  1.00 38.48  ? 75  TRP A CZ3 1 
ATOM   569  C  CH2 . TRP A 1 75  ? 3.596   3.515   11.779  1.00 33.46  ? 75  TRP A CH2 1 
ATOM   570  N  N   . ILE A 1 76  ? 4.506   -2.203  8.251   1.00 29.79  ? 76  ILE A N   1 
ATOM   571  C  CA  . ILE A 1 76  ? 3.629   -2.013  7.053   1.00 28.07  ? 76  ILE A CA  1 
ATOM   572  C  C   . ILE A 1 76  ? 2.328   -1.394  7.548   1.00 25.16  ? 76  ILE A C   1 
ATOM   573  O  O   . ILE A 1 76  ? 1.641   -1.987  8.384   1.00 25.09  ? 76  ILE A O   1 
ATOM   574  C  CB  . ILE A 1 76  ? 3.319   -3.425  6.472   1.00 28.90  ? 76  ILE A CB  1 
ATOM   575  C  CG1 . ILE A 1 76  ? 4.599   -4.191  6.153   1.00 24.31  ? 76  ILE A CG1 1 
ATOM   576  C  CG2 . ILE A 1 76  ? 2.421   -3.270  5.242   1.00 22.10  ? 76  ILE A CG2 1 
ATOM   577  C  CD1 . ILE A 1 76  ? 5.598   -3.402  5.336   1.00 26.77  ? 76  ILE A CD1 1 
ATOM   578  N  N   . GLU A 1 77  ? 2.069   -0.155  7.118   1.00 21.68  ? 77  GLU A N   1 
ATOM   579  C  CA  . GLU A 1 77  ? 0.920   0.589   7.663   1.00 20.48  ? 77  GLU A CA  1 
ATOM   580  C  C   . GLU A 1 77  ? -0.408  0.080   7.160   1.00 20.14  ? 77  GLU A C   1 
ATOM   581  O  O   . GLU A 1 77  ? -1.438  0.135   7.849   1.00 20.92  ? 77  GLU A O   1 
ATOM   582  C  CB  . GLU A 1 77  ? 1.084   2.078   7.329   1.00 21.24  ? 77  GLU A CB  1 
ATOM   583  C  CG  . GLU A 1 77  ? 2.286   2.709   8.029   1.00 26.79  ? 77  GLU A CG  1 
ATOM   584  C  CD  . GLU A 1 77  ? 2.235   4.235   7.977   1.00 27.24  ? 77  GLU A CD  1 
ATOM   585  O  OE1 . GLU A 1 77  ? 1.145   4.802   8.139   1.00 28.31  ? 77  GLU A OE1 1 
ATOM   586  O  OE2 . GLU A 1 77  ? 3.308   4.826   7.766   1.00 28.76  ? 77  GLU A OE2 1 
ATOM   587  N  N   . TRP A 1 78  ? -0.409  -0.461  5.935   1.00 23.48  ? 78  TRP A N   1 
ATOM   588  C  CA  . TRP A 1 78  ? -1.631  -1.042  5.399   1.00 21.47  ? 78  TRP A CA  1 
ATOM   589  C  C   . TRP A 1 78  ? -1.277  -1.885  4.166   1.00 17.61  ? 78  TRP A C   1 
ATOM   590  O  O   . TRP A 1 78  ? -0.213  -1.755  3.590   1.00 18.44  ? 78  TRP A O   1 
ATOM   591  C  CB  . TRP A 1 78  ? -2.666  0.031   4.972   1.00 20.48  ? 78  TRP A CB  1 
ATOM   592  C  CG  . TRP A 1 78  ? -2.174  0.867   3.829   1.00 17.83  ? 78  TRP A CG  1 
ATOM   593  C  CD1 . TRP A 1 78  ? -2.173  0.556   2.509   1.00 20.55  ? 78  TRP A CD1 1 
ATOM   594  C  CD2 . TRP A 1 78  ? -1.602  2.176   3.935   1.00 23.90  ? 78  TRP A CD2 1 
ATOM   595  N  NE1 . TRP A 1 78  ? -1.626  1.592   1.780   1.00 22.19  ? 78  TRP A NE1 1 
ATOM   596  C  CE2 . TRP A 1 78  ? -1.269  2.592   2.635   1.00 23.28  ? 78  TRP A CE2 1 
ATOM   597  C  CE3 . TRP A 1 78  ? -1.336  3.024   5.020   1.00 27.44  ? 78  TRP A CE3 1 
ATOM   598  C  CZ2 . TRP A 1 78  ? -0.684  3.829   2.379   1.00 26.11  ? 78  TRP A CZ2 1 
ATOM   599  C  CZ3 . TRP A 1 78  ? -0.746  4.252   4.757   1.00 28.75  ? 78  TRP A CZ3 1 
ATOM   600  C  CH2 . TRP A 1 78  ? -0.426  4.636   3.454   1.00 25.33  ? 78  TRP A CH2 1 
ATOM   601  N  N   . ILE A 1 79  ? -2.236  -2.719  3.852   1.00 22.88  ? 79  ILE A N   1 
ATOM   602  C  CA  . ILE A 1 79  ? -2.219  -3.561  2.656   1.00 22.80  ? 79  ILE A CA  1 
ATOM   603  C  C   . ILE A 1 79  ? -3.548  -3.261  1.924   1.00 17.78  ? 79  ILE A C   1 
ATOM   604  O  O   . ILE A 1 79  ? -4.572  -3.151  2.592   1.00 20.54  ? 79  ILE A O   1 
ATOM   605  C  CB  . ILE A 1 79  ? -2.266  -5.063  3.104   1.00 28.26  ? 79  ILE A CB  1 
ATOM   606  C  CG1 . ILE A 1 79  ? -0.952  -5.436  3.835   1.00 29.24  ? 79  ILE A CG1 1 
ATOM   607  C  CG2 . ILE A 1 79  ? -2.396  -5.919  1.831   1.00 31.14  ? 79  ILE A CG2 1 
ATOM   608  C  CD1 . ILE A 1 79  ? -0.913  -6.885  4.271   1.00 31.56  ? 79  ILE A CD1 1 
ATOM   609  N  N   . GLU A 1 80  ? -3.428  -2.946  0.645   1.00 21.30  ? 80  GLU A N   1 
ATOM   610  C  CA  . GLU A 1 80  ? -4.639  -2.544  -0.099  1.00 23.47  ? 80  GLU A CA  1 
ATOM   611  C  C   . GLU A 1 80  ? -4.789  -3.502  -1.320  1.00 20.46  ? 80  GLU A C   1 
ATOM   612  O  O   . GLU A 1 80  ? -3.841  -3.708  -2.042  1.00 25.73  ? 80  GLU A O   1 
ATOM   613  C  CB  . GLU A 1 80  ? -4.378  -1.120  -0.703  1.00 23.32  ? 80  GLU A CB  1 
ATOM   614  C  CG  . GLU A 1 80  ? -5.653  -0.589  -1.378  1.00 25.34  ? 80  GLU A CG  1 
ATOM   615  C  CD  . GLU A 1 80  ? -5.446  0.792   -1.968  1.00 23.10  ? 80  GLU A CD  1 
ATOM   616  O  OE1 . GLU A 1 80  ? -4.291  1.118   -2.330  1.00 26.85  ? 80  GLU A OE1 1 
ATOM   617  O  OE2 . GLU A 1 80  ? -6.423  1.557   -2.028  1.00 22.60  ? 80  GLU A OE2 1 
ATOM   618  N  N   . LEU A 1 81  ? -5.998  -3.991  -1.483  1.00 22.60  ? 81  LEU A N   1 
ATOM   619  C  CA  . LEU A 1 81  ? -6.281  -4.886  -2.641  1.00 26.53  ? 81  LEU A CA  1 
ATOM   620  C  C   . LEU A 1 81  ? -7.184  -4.052  -3.611  1.00 24.02  ? 81  LEU A C   1 
ATOM   621  O  O   . LEU A 1 81  ? -8.190  -3.532  -3.153  1.00 24.93  ? 81  LEU A O   1 
ATOM   622  C  CB  . LEU A 1 81  ? -7.183  -6.027  -2.100  1.00 32.81  ? 81  LEU A CB  1 
ATOM   623  C  CG  . LEU A 1 81  ? -7.283  -7.288  -2.869  1.00 36.34  ? 81  LEU A CG  1 
ATOM   624  C  CD1 . LEU A 1 81  ? -8.624  -7.854  -3.092  1.00 39.70  ? 81  LEU A CD1 1 
ATOM   625  C  CD2 . LEU A 1 81  ? -6.184  -7.665  -3.751  1.00 31.27  ? 81  LEU A CD2 1 
ATOM   626  N  N   . LEU A 1 82  ? -6.768  -4.009  -4.849  1.00 23.43  ? 82  LEU A N   1 
ATOM   627  C  CA  . LEU A 1 82  ? -7.461  -3.288  -5.898  1.00 27.58  ? 82  LEU A CA  1 
ATOM   628  C  C   . LEU A 1 82  ? -8.013  -4.313  -6.923  1.00 29.68  ? 82  LEU A C   1 
ATOM   629  O  O   . LEU A 1 82  ? -7.248  -5.101  -7.453  1.00 26.02  ? 82  LEU A O   1 
ATOM   630  C  CB  . LEU A 1 82  ? -6.483  -2.371  -6.655  1.00 25.86  ? 82  LEU A CB  1 
ATOM   631  C  CG  . LEU A 1 82  ? -5.872  -1.242  -5.808  1.00 23.22  ? 82  LEU A CG  1 
ATOM   632  C  CD1 . LEU A 1 82  ? -4.981  -0.373  -6.689  1.00 30.11  ? 82  LEU A CD1 1 
ATOM   633  C  CD2 . LEU A 1 82  ? -6.956  -0.434  -5.133  1.00 24.68  ? 82  LEU A CD2 1 
ATOM   634  N  N   . ALA A 1 83  ? -9.306  -4.208  -7.162  1.00 34.60  ? 83  ALA A N   1 
ATOM   635  C  CA  . ALA A 1 83  ? -9.936  -5.107  -8.160  1.00 41.42  ? 83  ALA A CA  1 
ATOM   636  C  C   . ALA A 1 83  ? -11.302 -4.523  -8.527  1.00 47.24  ? 83  ALA A C   1 
ATOM   637  O  O   . ALA A 1 83  ? -11.956 -3.934  -7.660  1.00 58.17  ? 83  ALA A O   1 
ATOM   638  C  CB  . ALA A 1 83  ? -10.079 -6.495  -7.572  1.00 40.64  ? 83  ALA A CB  1 
ATOM   639  N  N   . ASP A 1 84  ? -11.680 -4.666  -9.787  1.00 45.13  ? 84  ASP A N   1 
ATOM   640  C  CA  . ASP A 1 84  ? -12.865 -4.153  -10.365 1.00 40.96  ? 84  ASP A CA  1 
ATOM   641  C  C   . ASP A 1 84  ? -13.631 -3.153  -9.577  1.00 29.69  ? 84  ASP A C   1 
ATOM   642  O  O   . ASP A 1 84  ? -14.617 -3.418  -8.889  1.00 33.46  ? 84  ASP A O   1 
ATOM   643  C  CB  . ASP A 1 84  ? -13.611 -4.979  -11.329 1.00 51.46  ? 84  ASP A CB  1 
ATOM   644  C  CG  . ASP A 1 84  ? -14.155 -4.304  -12.568 1.00 58.28  ? 84  ASP A CG  1 
ATOM   645  O  OD1 . ASP A 1 84  ? -13.919 -3.102  -12.784 1.00 61.26  ? 84  ASP A OD1 1 
ATOM   646  O  OD2 . ASP A 1 84  ? -14.840 -4.997  -13.369 1.00 72.46  ? 84  ASP A OD2 1 
ATOM   647  N  N   . GLY A 1 85  ? -13.213 -1.883  -9.684  1.00 26.44  ? 85  GLY A N   1 
ATOM   648  C  CA  . GLY A 1 85  ? -13.851 -0.792  -9.052  1.00 25.83  ? 85  GLY A CA  1 
ATOM   649  C  C   . GLY A 1 85  ? -13.755 -0.794  -7.543  1.00 25.57  ? 85  GLY A C   1 
ATOM   650  O  O   . GLY A 1 85  ? -14.444 -0.030  -6.887  1.00 22.89  ? 85  GLY A O   1 
ATOM   651  N  N   . ARG A 1 86  ? -12.923 -1.673  -6.971  1.00 27.67  ? 86  ARG A N   1 
ATOM   652  C  CA  . ARG A 1 86  ? -12.862 -1.696  -5.501  1.00 27.61  ? 86  ARG A CA  1 
ATOM   653  C  C   . ARG A 1 86  ? -11.456 -1.397  -4.979  1.00 26.10  ? 86  ARG A C   1 
ATOM   654  O  O   . ARG A 1 86  ? -10.448 -1.688  -5.579  1.00 26.13  ? 86  ARG A O   1 
ATOM   655  C  CB  . ARG A 1 86  ? -13.289 -3.078  -4.987  1.00 27.15  ? 86  ARG A CB  1 
ATOM   656  C  CG  . ARG A 1 86  ? -14.798 -3.319  -5.088  1.00 26.44  ? 86  ARG A CG  1 
ATOM   657  C  CD  . ARG A 1 86  ? -15.084 -4.812  -5.154  1.00 29.08  ? 86  ARG A CD  1 
ATOM   658  N  NE  . ARG A 1 86  ? -16.465 -5.108  -5.461  1.00 28.68  ? 86  ARG A NE  1 
ATOM   659  C  CZ  . ARG A 1 86  ? -17.499 -5.097  -4.654  1.00 31.64  ? 86  ARG A CZ  1 
ATOM   660  N  NH1 . ARG A 1 86  ? -17.408 -4.814  -3.353  1.00 29.57  ? 86  ARG A NH1 1 
ATOM   661  N  NH2 . ARG A 1 86  ? -18.705 -5.433  -5.134  1.00 34.66  ? 86  ARG A NH2 1 
ATOM   662  N  N   . SER A 1 87  ? -11.460 -0.863  -3.747  1.00 24.83  ? 87  SER A N   1 
ATOM   663  C  CA  . SER A 1 87  ? -10.208 -0.646  -3.022  1.00 22.04  ? 87  SER A CA  1 
ATOM   664  C  C   . SER A 1 87  ? -10.501 -1.183  -1.566  1.00 19.36  ? 87  SER A C   1 
ATOM   665  O  O   . SER A 1 87  ? -11.352 -0.617  -0.919  1.00 20.23  ? 87  SER A O   1 
ATOM   666  C  CB  . SER A 1 87  ? -9.884  0.831   -2.889  1.00 25.22  ? 87  SER A CB  1 
ATOM   667  O  OG  . SER A 1 87  ? -8.881  0.995   -1.873  1.00 28.95  ? 87  SER A OG  1 
ATOM   668  N  N   . TYR A 1 88  ? -9.845  -2.269  -1.248  1.00 20.93  ? 88  TYR A N   1 
ATOM   669  C  CA  . TYR A 1 88  ? -10.082 -2.896  0.091   1.00 20.42  ? 88  TYR A CA  1 
ATOM   670  C  C   . TYR A 1 88  ? -8.733  -2.736  0.849   1.00 19.97  ? 88  TYR A C   1 
ATOM   671  O  O   . TYR A 1 88  ? -7.731  -3.200  0.367   1.00 27.10  ? 88  TYR A O   1 
ATOM   672  C  CB  . TYR A 1 88  ? -10.294 -4.398  -0.113  1.00 22.89  ? 88  TYR A CB  1 
ATOM   673  C  CG  . TYR A 1 88  ? -11.708 -4.764  -0.487  1.00 23.72  ? 88  TYR A CG  1 
ATOM   674  C  CD1 . TYR A 1 88  ? -12.626 -3.813  -0.902  1.00 22.56  ? 88  TYR A CD1 1 
ATOM   675  C  CD2 . TYR A 1 88  ? -12.099 -6.099  -0.446  1.00 24.55  ? 88  TYR A CD2 1 
ATOM   676  C  CE1 . TYR A 1 88  ? -13.920 -4.196  -1.255  1.00 25.76  ? 88  TYR A CE1 1 
ATOM   677  C  CE2 . TYR A 1 88  ? -13.375 -6.486  -0.782  1.00 27.14  ? 88  TYR A CE2 1 
ATOM   678  C  CZ  . TYR A 1 88  ? -14.284 -5.524  -1.183  1.00 29.38  ? 88  TYR A CZ  1 
ATOM   679  O  OH  . TYR A 1 88  ? -15.555 -5.937  -1.527  1.00 30.33  ? 88  TYR A OH  1 
ATOM   680  N  N   . THR A 1 89  ? -8.857  -2.044  1.987   1.00 20.92  ? 89  THR A N   1 
ATOM   681  C  CA  . THR A 1 89  ? -7.601  -1.733  2.712   1.00 21.02  ? 89  THR A CA  1 
ATOM   682  C  C   . THR A 1 89  ? -7.679  -2.311  4.127   1.00 21.41  ? 89  THR A C   1 
ATOM   683  O  O   . THR A 1 89  ? -8.682  -2.175  4.775   1.00 18.82  ? 89  THR A O   1 
ATOM   684  C  CB  . THR A 1 89  ? -7.533  -0.174  2.865   1.00 22.83  ? 89  THR A CB  1 
ATOM   685  O  OG1 . THR A 1 89  ? -7.510  0.357   1.504   1.00 25.35  ? 89  THR A OG1 1 
ATOM   686  C  CG2 . THR A 1 89  ? -6.175  0.182   3.463   1.00 23.07  ? 89  THR A CG2 1 
ATOM   687  N  N   . LYS A 1 90  ? -6.574  -2.939  4.528   1.00 25.68  ? 90  LYS A N   1 
ATOM   688  C  CA  . LYS A 1 90  ? -6.539  -3.433  5.944   1.00 23.73  ? 90  LYS A CA  1 
ATOM   689  C  C   . LYS A 1 90  ? -5.370  -2.615  6.581   1.00 17.51  ? 90  LYS A C   1 
ATOM   690  O  O   . LYS A 1 90  ? -4.275  -2.664  6.069   1.00 21.47  ? 90  LYS A O   1 
ATOM   691  C  CB  . LYS A 1 90  ? -6.122  -4.907  5.913   1.00 27.85  ? 90  LYS A CB  1 
ATOM   692  C  CG  . LYS A 1 90  ? -5.733  -5.490  7.266   1.00 27.51  ? 90  LYS A CG  1 
ATOM   693  C  CD  . LYS A 1 90  ? -6.892  -5.513  8.234   1.00 29.34  ? 90  LYS A CD  1 
ATOM   694  C  CE  . LYS A 1 90  ? -6.411  -5.184  9.655   1.00 34.86  ? 90  LYS A CE  1 
ATOM   695  N  NZ  . LYS A 1 90  ? -7.525  -5.249  10.638  1.00 42.36  ? 90  LYS A NZ  1 
ATOM   696  N  N   . PHE A 1 91  ? -5.705  -1.845  7.584   1.00 20.84  ? 91  PHE A N   1 
ATOM   697  C  CA  . PHE A 1 91  ? -4.632  -1.010  8.225   1.00 23.39  ? 91  PHE A CA  1 
ATOM   698  C  C   . PHE A 1 91  ? -4.032  -1.896  9.346   1.00 25.03  ? 91  PHE A C   1 
ATOM   699  O  O   . PHE A 1 91  ? -4.808  -2.522  10.057  1.00 23.63  ? 91  PHE A O   1 
ATOM   700  C  CB  . PHE A 1 91  ? -5.337  0.200   8.874   1.00 24.45  ? 91  PHE A CB  1 
ATOM   701  C  CG  . PHE A 1 91  ? -5.910  1.135   7.787   1.00 25.79  ? 91  PHE A CG  1 
ATOM   702  C  CD1 . PHE A 1 91  ? -5.075  1.989   7.107   1.00 25.73  ? 91  PHE A CD1 1 
ATOM   703  C  CD2 . PHE A 1 91  ? -7.258  1.085   7.479   1.00 29.15  ? 91  PHE A CD2 1 
ATOM   704  C  CE1 . PHE A 1 91  ? -5.578  2.822   6.109   1.00 25.83  ? 91  PHE A CE1 1 
ATOM   705  C  CE2 . PHE A 1 91  ? -7.767  1.896   6.470   1.00 28.52  ? 91  PHE A CE2 1 
ATOM   706  C  CZ  . PHE A 1 91  ? -6.920  2.740   5.785   1.00 24.22  ? 91  PHE A CZ  1 
ATOM   707  N  N   . LEU A 1 92  ? -2.728  -1.944  9.390   1.00 29.81  ? 92  LEU A N   1 
ATOM   708  C  CA  . LEU A 1 92  ? -1.967  -2.766  10.309  1.00 28.99  ? 92  LEU A CA  1 
ATOM   709  C  C   . LEU A 1 92  ? -1.207  -1.890  11.321  1.00 34.05  ? 92  LEU A C   1 
ATOM   710  O  O   . LEU A 1 92  ? -0.903  -0.734  11.053  1.00 28.51  ? 92  LEU A O   1 
ATOM   711  C  CB  . LEU A 1 92  ? -0.928  -3.578  9.517   1.00 28.12  ? 92  LEU A CB  1 
ATOM   712  C  CG  . LEU A 1 92  ? -1.542  -4.509  8.450   1.00 24.80  ? 92  LEU A CG  1 
ATOM   713  C  CD1 . LEU A 1 92  ? -0.492  -5.144  7.615   1.00 23.40  ? 92  LEU A CD1 1 
ATOM   714  C  CD2 . LEU A 1 92  ? -2.516  -5.461  9.072   1.00 25.07  ? 92  LEU A CD2 1 
ATOM   715  N  N   . LYS A 1 93  ? -0.904  -2.516  12.450  1.00 34.59  ? 93  LYS A N   1 
ATOM   716  C  CA  . LYS A 1 93  ? -0.192  -1.830  13.528  1.00 35.80  ? 93  LYS A CA  1 
ATOM   717  C  C   . LYS A 1 93  ? 1.018   -2.666  13.946  1.00 36.73  ? 93  LYS A C   1 
ATOM   718  O  O   . LYS A 1 93  ? 1.104   -3.850  13.645  1.00 33.42  ? 93  LYS A O   1 
ATOM   719  C  CB  . LYS A 1 93  ? -1.122  -1.629  14.724  1.00 37.22  ? 93  LYS A CB  1 
ATOM   720  C  CG  . LYS A 1 93  ? -2.111  -0.490  14.583  1.00 42.73  ? 93  LYS A CG  1 
ATOM   721  C  CD  . LYS A 1 93  ? -1.537  0.656   13.772  1.00 49.92  ? 93  LYS A CD  1 
ATOM   722  C  CE  . LYS A 1 93  ? -2.591  1.730   13.515  1.00 56.78  ? 93  LYS A CE  1 
ATOM   723  N  NZ  . LYS A 1 93  ? -3.369  1.435   12.263  1.00 59.87  ? 93  LYS A NZ  1 
ATOM   724  N  N   . PRO A 1 94  ? 1.954   -2.006  14.615  1.00 38.09  ? 94  PRO A N   1 
ATOM   725  C  CA  . PRO A 1 94  ? 3.146   -2.749  15.095  1.00 36.02  ? 94  PRO A CA  1 
ATOM   726  C  C   . PRO A 1 94  ? 2.632   -3.942  15.923  1.00 35.64  ? 94  PRO A C   1 
ATOM   727  O  O   . PRO A 1 94  ? 1.627   -3.806  16.620  1.00 29.58  ? 94  PRO A O   1 
ATOM   728  C  CB  . PRO A 1 94  ? 3.770   -1.719  16.070  1.00 33.78  ? 94  PRO A CB  1 
ATOM   729  C  CG  . PRO A 1 94  ? 3.456   -0.410  15.385  1.00 36.95  ? 94  PRO A CG  1 
ATOM   730  C  CD  . PRO A 1 94  ? 2.023   -0.571  14.932  1.00 36.10  ? 94  PRO A CD  1 
ATOM   731  N  N   . GLY A 1 95  ? 3.296   -5.076  15.792  1.00 40.01  ? 95  GLY A N   1 
ATOM   732  C  CA  . GLY A 1 95  ? 2.862   -6.267  16.536  1.00 41.60  ? 95  GLY A CA  1 
ATOM   733  C  C   . GLY A 1 95  ? 1.939   -7.139  15.711  1.00 44.24  ? 95  GLY A C   1 
ATOM   734  O  O   . GLY A 1 95  ? 1.698   -8.301  16.050  1.00 43.43  ? 95  GLY A O   1 
ATOM   735  N  N   . ASP A 1 96  ? 1.402   -6.596  14.611  1.00 39.51  ? 96  ASP A N   1 
ATOM   736  C  CA  . ASP A 1 96  ? 0.486   -7.438  13.793  1.00 34.33  ? 96  ASP A CA  1 
ATOM   737  C  C   . ASP A 1 96  ? 1.331   -8.231  12.808  1.00 28.03  ? 96  ASP A C   1 
ATOM   738  O  O   . ASP A 1 96  ? 2.502   -7.933  12.603  1.00 33.14  ? 96  ASP A O   1 
ATOM   739  C  CB  . ASP A 1 96  ? -0.453  -6.517  12.987  1.00 36.34  ? 96  ASP A CB  1 
ATOM   740  C  CG  . ASP A 1 96  ? -1.577  -5.937  13.779  1.00 36.77  ? 96  ASP A CG  1 
ATOM   741  O  OD1 . ASP A 1 96  ? -1.973  -6.505  14.816  1.00 42.21  ? 96  ASP A OD1 1 
ATOM   742  O  OD2 . ASP A 1 96  ? -2.125  -4.871  13.377  1.00 41.60  ? 96  ASP A OD2 1 
ATOM   743  N  N   . ALA A 1 97  ? 0.714   -9.230  12.177  1.00 30.45  ? 97  ALA A N   1 
ATOM   744  C  CA  . ALA A 1 97  ? 1.505   -9.968  11.139  1.00 30.68  ? 97  ALA A CA  1 
ATOM   745  C  C   . ALA A 1 97  ? 1.363   -9.110  9.841   1.00 28.13  ? 97  ALA A C   1 
ATOM   746  O  O   . ALA A 1 97  ? 0.337   -8.459  9.707   1.00 27.02  ? 97  ALA A O   1 
ATOM   747  C  CB  . ALA A 1 97  ? 0.765   -11.290 10.894  1.00 34.88  ? 97  ALA A CB  1 
ATOM   748  N  N   . PRO A 1 98  ? 2.365   -9.110  9.011   1.00 27.50  ? 98  PRO A N   1 
ATOM   749  C  CA  . PRO A 1 98  ? 2.334   -8.297  7.772   1.00 23.18  ? 98  PRO A CA  1 
ATOM   750  C  C   . PRO A 1 98  ? 1.599   -9.103  6.684   1.00 20.82  ? 98  PRO A C   1 
ATOM   751  O  O   . PRO A 1 98  ? 2.172   -9.580  5.731   1.00 27.29  ? 98  PRO A O   1 
ATOM   752  C  CB  . PRO A 1 98  ? 3.816   -8.204  7.413   1.00 24.80  ? 98  PRO A CB  1 
ATOM   753  C  CG  . PRO A 1 98  ? 4.367   -9.527  7.889   1.00 25.96  ? 98  PRO A CG  1 
ATOM   754  C  CD  . PRO A 1 98  ? 3.640   -9.818  9.167   1.00 26.36  ? 98  PRO A CD  1 
ATOM   755  N  N   . GLU A 1 99  ? 0.310   -9.282  6.952   1.00 25.97  ? 99  GLU A N   1 
ATOM   756  C  CA  . GLU A 1 99  ? -0.519  -10.056 6.029   1.00 30.57  ? 99  GLU A CA  1 
ATOM   757  C  C   . GLU A 1 99  ? -1.959  -9.606  6.169   1.00 28.20  ? 99  GLU A C   1 
ATOM   758  O  O   . GLU A 1 99  ? -2.395  -9.066  7.172   1.00 31.13  ? 99  GLU A O   1 
ATOM   759  C  CB  . GLU A 1 99  ? -0.412  -11.554 6.341   1.00 34.79  ? 99  GLU A CB  1 
ATOM   760  C  CG  . GLU A 1 99  ? -1.056  -11.951 7.672   1.00 38.96  ? 99  GLU A CG  1 
ATOM   761  C  CD  . GLU A 1 99  ? -0.813  -13.432 7.977   1.00 43.82  ? 99  GLU A CD  1 
ATOM   762  O  OE1 . GLU A 1 99  ? 0.177   -13.979 7.437   1.00 43.88  ? 99  GLU A OE1 1 
ATOM   763  O  OE2 . GLU A 1 99  ? -1.600  -14.019 8.741   1.00 47.00  ? 99  GLU A OE2 1 
ATOM   764  N  N   . ALA A 1 100 ? -2.731  -9.883  5.118   1.00 25.79  ? 100 ALA A N   1 
ATOM   765  C  CA  . ALA A 1 100 ? -4.160  -9.467  5.225   1.00 23.64  ? 100 ALA A CA  1 
ATOM   766  C  C   . ALA A 1 100 ? -4.923  -10.464 4.299   1.00 20.83  ? 100 ALA A C   1 
ATOM   767  O  O   . ALA A 1 100 ? -4.377  -10.789 3.270   1.00 28.49  ? 100 ALA A O   1 
ATOM   768  C  CB  . ALA A 1 100 ? -4.247  -8.083  4.515   1.00 26.36  ? 100 ALA A CB  1 
ATOM   769  N  N   . PHE A 1 101 ? -6.104  -10.817 4.719   1.00 24.35  ? 101 PHE A N   1 
ATOM   770  C  CA  . PHE A 1 101 ? -6.950  -11.665 3.839   1.00 26.51  ? 101 PHE A CA  1 
ATOM   771  C  C   . PHE A 1 101 ? -8.157  -10.793 3.438   1.00 29.45  ? 101 PHE A C   1 
ATOM   772  O  O   . PHE A 1 101 ? -8.668  -10.042 4.260   1.00 26.37  ? 101 PHE A O   1 
ATOM   773  C  CB  . PHE A 1 101 ? -7.480  -12.851 4.686   1.00 28.48  ? 101 PHE A CB  1 
ATOM   774  C  CG  . PHE A 1 101 ? -8.731  -13.457 4.049   1.00 29.55  ? 101 PHE A CG  1 
ATOM   775  C  CD1 . PHE A 1 101 ? -8.597  -14.354 3.000   1.00 31.22  ? 101 PHE A CD1 1 
ATOM   776  C  CD2 . PHE A 1 101 ? -9.988  -13.117 4.503   1.00 29.01  ? 101 PHE A CD2 1 
ATOM   777  C  CE1 . PHE A 1 101 ? -9.731  -14.886 2.401   1.00 30.82  ? 101 PHE A CE1 1 
ATOM   778  C  CE2 . PHE A 1 101 ? -11.121 -13.634 3.903   1.00 29.21  ? 101 PHE A CE2 1 
ATOM   779  C  CZ  . PHE A 1 101 ? -10.981 -14.514 2.842   1.00 29.50  ? 101 PHE A CZ  1 
ATOM   780  N  N   . PHE A 1 102 ? -8.577  -10.918 2.185   1.00 31.73  ? 102 PHE A N   1 
ATOM   781  C  CA  . PHE A 1 102 ? -9.765  -10.145 1.748   1.00 26.90  ? 102 PHE A CA  1 
ATOM   782  C  C   . PHE A 1 102 ? -10.697 -11.165 1.014   1.00 25.13  ? 102 PHE A C   1 
ATOM   783  O  O   . PHE A 1 102 ? -10.180 -11.899 0.179   1.00 28.04  ? 102 PHE A O   1 
ATOM   784  C  CB  . PHE A 1 102 ? -9.340  -9.115  0.684   1.00 26.37  ? 102 PHE A CB  1 
ATOM   785  C  CG  . PHE A 1 102 ? -8.293  -8.135  1.212   1.00 26.87  ? 102 PHE A CG  1 
ATOM   786  C  CD1 . PHE A 1 102 ? -8.692  -7.068  1.991   1.00 26.34  ? 102 PHE A CD1 1 
ATOM   787  C  CD2 . PHE A 1 102 ? -6.956  -8.334  0.937   1.00 24.62  ? 102 PHE A CD2 1 
ATOM   788  C  CE1 . PHE A 1 102 ? -7.755  -6.140  2.430   1.00 25.66  ? 102 PHE A CE1 1 
ATOM   789  C  CE2 . PHE A 1 102 ? -6.011  -7.449  1.438   1.00 26.82  ? 102 PHE A CE2 1 
ATOM   790  C  CZ  . PHE A 1 102 ? -6.421  -6.339  2.150   1.00 24.56  ? 102 PHE A CZ  1 
ATOM   791  N  N   . ALA A 1 103 ? -11.935 -11.138 1.397   1.00 28.70  ? 103 ALA A N   1 
ATOM   792  C  CA  . ALA A 1 103 ? -12.941 -12.037 0.739   1.00 28.93  ? 103 ALA A CA  1 
ATOM   793  C  C   . ALA A 1 103 ? -13.438 -11.187 -0.470  1.00 30.91  ? 103 ALA A C   1 
ATOM   794  O  O   . ALA A 1 103 ? -14.078 -10.169 -0.230  1.00 28.72  ? 103 ALA A O   1 
ATOM   795  C  CB  . ALA A 1 103 ? -14.112 -12.196 1.702   1.00 25.56  ? 103 ALA A CB  1 
ATOM   796  N  N   . ILE A 1 104 ? -13.030 -11.603 -1.650  1.00 29.42  ? 104 ILE A N   1 
ATOM   797  C  CA  . ILE A 1 104 ? -13.432 -10.878 -2.854  1.00 33.00  ? 104 ILE A CA  1 
ATOM   798  C  C   . ILE A 1 104 ? -13.516 -11.805 -4.050  1.00 33.62  ? 104 ILE A C   1 
ATOM   799  O  O   . ILE A 1 104 ? -12.681 -12.674 -4.266  1.00 38.91  ? 104 ILE A O   1 
ATOM   800  C  CB  . ILE A 1 104 ? -12.509 -9.701  -3.173  1.00 30.36  ? 104 ILE A CB  1 
ATOM   801  C  CG1 . ILE A 1 104 ? -13.056 -8.768  -4.282  1.00 33.53  ? 104 ILE A CG1 1 
ATOM   802  C  CG2 . ILE A 1 104 ? -11.124 -10.196 -3.582  1.00 35.37  ? 104 ILE A CG2 1 
ATOM   803  C  CD1 . ILE A 1 104 ? -12.077 -7.658  -4.613  1.00 36.56  ? 104 ILE A CD1 1 
ATOM   804  N  N   . ASP A 1 105 ? -14.521 -11.551 -4.877  1.00 34.62  ? 105 ASP A N   1 
ATOM   805  C  CA  . ASP A 1 105 ? -14.656 -12.394 -6.097  1.00 38.07  ? 105 ASP A CA  1 
ATOM   806  C  C   . ASP A 1 105 ? -14.050 -11.660 -7.284  1.00 40.35  ? 105 ASP A C   1 
ATOM   807  O  O   . ASP A 1 105 ? -14.646 -10.722 -7.824  1.00 50.24  ? 105 ASP A O   1 
ATOM   808  C  CB  . ASP A 1 105 ? -16.174 -12.571 -6.308  1.00 42.46  ? 105 ASP A CB  1 
ATOM   809  C  CG  . ASP A 1 105 ? -16.492 -13.542 -7.420  1.00 47.58  ? 105 ASP A CG  1 
ATOM   810  O  OD1 . ASP A 1 105 ? -15.549 -14.196 -7.922  1.00 52.58  ? 105 ASP A OD1 1 
ATOM   811  O  OD2 . ASP A 1 105 ? -17.687 -13.620 -7.782  1.00 44.92  ? 105 ASP A OD2 1 
ATOM   812  N  N   . ALA A 1 106 ? -12.873 -12.079 -7.717  1.00 37.04  ? 106 ALA A N   1 
ATOM   813  C  CA  . ALA A 1 106 ? -12.219 -11.440 -8.868  1.00 36.85  ? 106 ALA A CA  1 
ATOM   814  C  C   . ALA A 1 106 ? -10.950 -12.186 -9.201  1.00 39.90  ? 106 ALA A C   1 
ATOM   815  O  O   . ALA A 1 106 ? -10.231 -12.646 -8.296  1.00 40.72  ? 106 ALA A O   1 
ATOM   816  C  CB  . ALA A 1 106 ? -11.987 -9.978  -8.593  1.00 42.81  ? 106 ALA A CB  1 
ATOM   817  N  N   . SER A 1 107 ? -10.683 -12.380 -10.494 1.00 38.22  ? 107 SER A N   1 
ATOM   818  C  CA  . SER A 1 107 ? -9.497  -13.178 -10.856 1.00 39.72  ? 107 SER A CA  1 
ATOM   819  C  C   . SER A 1 107 ? -8.296  -12.294 -11.074 1.00 39.66  ? 107 SER A C   1 
ATOM   820  O  O   . SER A 1 107 ? -7.146  -12.726 -11.063 1.00 48.70  ? 107 SER A O   1 
ATOM   821  C  CB  . SER A 1 107 ? -9.796  -14.037 -12.084 1.00 42.29  ? 107 SER A CB  1 
ATOM   822  O  OG  . SER A 1 107 ? -10.946 -13.570 -12.765 1.00 58.06  ? 107 SER A OG  1 
ATOM   823  N  N   . LYS A 1 108 ? -8.555  -10.996 -11.264 1.00 40.56  ? 108 LYS A N   1 
ATOM   824  C  CA  . LYS A 1 108 ? -7.463  -10.055 -11.462 1.00 44.28  ? 108 LYS A CA  1 
ATOM   825  C  C   . LYS A 1 108 ? -7.414  -9.063  -10.306 1.00 42.30  ? 108 LYS A C   1 
ATOM   826  O  O   . LYS A 1 108 ? -8.368  -8.350  -10.031 1.00 39.99  ? 108 LYS A O   1 
ATOM   827  C  CB  . LYS A 1 108 ? -7.624  -9.305  -12.790 1.00 48.20  ? 108 LYS A CB  1 
ATOM   828  C  CG  . LYS A 1 108 ? -8.437  -8.025  -12.679 0.00 48.20  ? 108 LYS A CG  1 
ATOM   829  C  CD  . LYS A 1 108 ? -9.305  -7.813  -13.908 0.00 48.19  ? 108 LYS A CD  1 
ATOM   830  C  CE  . LYS A 1 108 ? -8.637  -6.878  -14.902 0.00 48.19  ? 108 LYS A CE  1 
ATOM   831  N  NZ  . LYS A 1 108 ? -7.239  -7.293  -15.203 0.00 48.18  ? 108 LYS A NZ  1 
ATOM   832  N  N   . VAL A 1 109 ? -6.280  -9.052  -9.602  1.00 42.64  ? 109 VAL A N   1 
ATOM   833  C  CA  . VAL A 1 109 ? -6.141  -8.134  -8.484  1.00 37.94  ? 109 VAL A CA  1 
ATOM   834  C  C   . VAL A 1 109 ? -4.781  -7.467  -8.489  1.00 33.45  ? 109 VAL A C   1 
ATOM   835  O  O   . VAL A 1 109 ? -3.822  -7.980  -9.031  1.00 30.74  ? 109 VAL A O   1 
ATOM   836  C  CB  . VAL A 1 109 ? -6.383  -8.816  -7.129  1.00 41.44  ? 109 VAL A CB  1 
ATOM   837  C  CG1 . VAL A 1 109 ? -7.788  -9.392  -7.049  1.00 36.25  ? 109 VAL A CG1 1 
ATOM   838  C  CG2 . VAL A 1 109 ? -5.340  -9.882  -6.865  1.00 42.61  ? 109 VAL A CG2 1 
ATOM   839  N  N   . THR A 1 110 ? -4.736  -6.299  -7.843  1.00 30.27  ? 110 THR A N   1 
ATOM   840  C  CA  . THR A 1 110 ? -3.477  -5.602  -7.634  1.00 31.17  ? 110 THR A CA  1 
ATOM   841  C  C   . THR A 1 110 ? -3.275  -5.444  -6.117  1.00 26.45  ? 110 THR A C   1 
ATOM   842  O  O   . THR A 1 110 ? -4.201  -5.057  -5.426  1.00 32.85  ? 110 THR A O   1 
ATOM   843  C  CB  . THR A 1 110 ? -3.476  -4.206  -8.280  1.00 34.09  ? 110 THR A CB  1 
ATOM   844  O  OG1 . THR A 1 110 ? -3.440  -4.385  -9.716  1.00 49.31  ? 110 THR A OG1 1 
ATOM   845  C  CG2 . THR A 1 110 ? -2.162  -3.483  -7.941  1.00 40.58  ? 110 THR A CG2 1 
ATOM   846  N  N   . ALA A 1 111 ? -2.100  -5.813  -5.623  1.00 29.32  ? 111 ALA A N   1 
ATOM   847  C  CA  . ALA A 1 111 ? -1.908  -5.646  -4.165  1.00 29.36  ? 111 ALA A CA  1 
ATOM   848  C  C   . ALA A 1 111 ? -0.839  -4.593  -3.931  1.00 25.02  ? 111 ALA A C   1 
ATOM   849  O  O   . ALA A 1 111 ? 0.211   -4.593  -4.553  1.00 30.76  ? 111 ALA A O   1 
ATOM   850  C  CB  . ALA A 1 111 ? -1.614  -6.914  -3.441  1.00 27.84  ? 111 ALA A CB  1 
ATOM   851  N  N   . ARG A 1 112 ? -1.174  -3.686  -3.007  1.00 23.70  ? 112 ARG A N   1 
ATOM   852  C  CA  . ARG A 1 112 ? -0.197  -2.632  -2.683  1.00 23.51  ? 112 ARG A CA  1 
ATOM   853  C  C   . ARG A 1 112 ? -0.010  -2.669  -1.152  1.00 22.17  ? 112 ARG A C   1 
ATOM   854  O  O   . ARG A 1 112 ? -0.925  -2.990  -0.417  1.00 27.82  ? 112 ARG A O   1 
ATOM   855  C  CB  . ARG A 1 112 ? -0.796  -1.254  -3.049  1.00 24.05  ? 112 ARG A CB  1 
ATOM   856  C  CG  . ARG A 1 112 ? -1.342  -1.248  -4.500  1.00 26.18  ? 112 ARG A CG  1 
ATOM   857  C  CD  . ARG A 1 112 ? -1.299  0.194   -5.040  1.00 25.12  ? 112 ARG A CD  1 
ATOM   858  N  NE  . ARG A 1 112 ? -2.400  0.971   -4.454  1.00 27.00  ? 112 ARG A NE  1 
ATOM   859  C  CZ  . ARG A 1 112 ? -2.709  2.210   -4.846  1.00 29.54  ? 112 ARG A CZ  1 
ATOM   860  N  NH1 . ARG A 1 112 ? -2.013  2.812   -5.798  1.00 21.99  ? 112 ARG A NH1 1 
ATOM   861  N  NH2 . ARG A 1 112 ? -3.705  2.842   -4.236  1.00 22.41  ? 112 ARG A NH2 1 
ATOM   862  N  N   . GLU A 1 113 ? 1.192   -2.298  -0.749  1.00 23.46  ? 113 GLU A N   1 
ATOM   863  C  CA  . GLU A 1 113 ? 1.390   -2.172  0.726   1.00 24.83  ? 113 GLU A CA  1 
ATOM   864  C  C   . GLU A 1 113 ? 2.237   -0.923  0.921   1.00 21.74  ? 113 GLU A C   1 
ATOM   865  O  O   . GLU A 1 113 ? 2.939   -0.447  0.020   1.00 29.30  ? 113 GLU A O   1 
ATOM   866  C  CB  . GLU A 1 113 ? 2.087   -3.409  1.271   1.00 23.98  ? 113 GLU A CB  1 
ATOM   867  C  CG  . GLU A 1 113 ? 3.441   -3.675  0.590   1.00 24.94  ? 113 GLU A CG  1 
ATOM   868  C  CD  . GLU A 1 113 ? 4.558   -3.007  1.388   1.00 27.99  ? 113 GLU A CD  1 
ATOM   869  O  OE1 . GLU A 1 113 ? 4.189   -2.331  2.370   1.00 27.69  ? 113 GLU A OE1 1 
ATOM   870  O  OE2 . GLU A 1 113 ? 5.733   -3.151  1.019   1.00 30.74  ? 113 GLU A OE2 1 
ATOM   871  N  N   . TYR A 1 114 ? 2.173   -0.356  2.111   1.00 25.67  ? 114 TYR A N   1 
ATOM   872  C  CA  . TYR A 1 114 ? 3.010   0.838   2.326   1.00 26.65  ? 114 TYR A CA  1 
ATOM   873  C  C   . TYR A 1 114 ? 3.819   0.604   3.627   1.00 29.20  ? 114 TYR A C   1 
ATOM   874  O  O   . TYR A 1 114 ? 3.192   0.275   4.637   1.00 23.94  ? 114 TYR A O   1 
ATOM   875  C  CB  . TYR A 1 114 ? 2.045   2.045   2.567   1.00 26.31  ? 114 TYR A CB  1 
ATOM   876  C  CG  . TYR A 1 114 ? 2.889   3.310   2.715   1.00 28.45  ? 114 TYR A CG  1 
ATOM   877  C  CD1 . TYR A 1 114 ? 3.415   3.920   1.602   1.00 29.82  ? 114 TYR A CD1 1 
ATOM   878  C  CD2 . TYR A 1 114 ? 3.209   3.784   3.983   1.00 28.74  ? 114 TYR A CD2 1 
ATOM   879  C  CE1 . TYR A 1 114 ? 4.218   5.051   1.736   1.00 30.70  ? 114 TYR A CE1 1 
ATOM   880  C  CE2 . TYR A 1 114 ? 4.008   4.911   4.117   1.00 30.53  ? 114 TYR A CE2 1 
ATOM   881  C  CZ  . TYR A 1 114 ? 4.501   5.525   2.987   1.00 30.59  ? 114 TYR A CZ  1 
ATOM   882  O  OH  . TYR A 1 114 ? 5.284   6.658   3.121   1.00 33.21  ? 114 TYR A OH  1 
ATOM   883  N  N   . CYS A 1 115 ? 5.116   0.744   3.499   1.00 30.12  ? 115 CYS A N   1 
ATOM   884  C  CA  . CYS A 1 115 ? 6.045   0.601   4.642   1.00 31.30  ? 115 CYS A CA  1 
ATOM   885  C  C   . CYS A 1 115 ? 6.461   2.020   5.067   1.00 34.53  ? 115 CYS A C   1 
ATOM   886  O  O   . CYS A 1 115 ? 6.883   2.822   4.229   1.00 33.86  ? 115 CYS A O   1 
ATOM   887  C  CB  . CYS A 1 115 ? 7.317   -0.135  4.163   1.00 31.33  ? 115 CYS A CB  1 
ATOM   888  S  SG  . CYS A 1 115 ? 8.644   -0.107  5.397   1.00 36.58  ? 115 CYS A SG  1 
ATOM   889  N  N   . ASN A 1 116 ? 6.282   2.319   6.347   1.00 31.44  ? 116 ASN A N   1 
ATOM   890  C  CA  . ASN A 1 116 ? 6.603   3.646   6.831   1.00 30.48  ? 116 ASN A CA  1 
ATOM   891  C  C   . ASN A 1 116 ? 7.929   4.157   6.386   1.00 32.05  ? 116 ASN A C   1 
ATOM   892  O  O   . ASN A 1 116 ? 8.107   5.355   6.108   1.00 36.35  ? 116 ASN A O   1 
ATOM   893  C  CB  . ASN A 1 116 ? 6.358   3.784   8.318   1.00 31.46  ? 116 ASN A CB  1 
ATOM   894  C  CG  . ASN A 1 116 ? 7.419   3.036   9.129   1.00 37.23  ? 116 ASN A CG  1 
ATOM   895  O  OD1 . ASN A 1 116 ? 7.829   1.946   8.750   1.00 27.89  ? 116 ASN A OD1 1 
ATOM   896  N  ND2 . ASN A 1 116 ? 7.864   3.668   10.204  1.00 38.75  ? 116 ASN A ND2 1 
ATOM   897  N  N   . LEU A 1 117 ? 8.956   3.296   6.296   1.00 29.92  ? 117 LEU A N   1 
ATOM   898  C  CA  . LEU A 1 117 ? 10.279  3.798   5.941   1.00 28.74  ? 117 LEU A CA  1 
ATOM   899  C  C   . LEU A 1 117 ? 10.570  3.604   4.453   1.00 32.15  ? 117 LEU A C   1 
ATOM   900  O  O   . LEU A 1 117 ? 11.280  4.403   3.862   1.00 48.07  ? 117 LEU A O   1 
ATOM   901  C  CB  . LEU A 1 117 ? 11.359  2.974   6.704   1.00 34.16  ? 117 LEU A CB  1 
ATOM   902  C  CG  . LEU A 1 117 ? 11.405  3.130   8.211   1.00 37.30  ? 117 LEU A CG  1 
ATOM   903  C  CD1 . LEU A 1 117 ? 12.680  2.478   8.766   1.00 41.54  ? 117 LEU A CD1 1 
ATOM   904  C  CD2 . LEU A 1 117 ? 11.348  4.593   8.628   1.00 39.07  ? 117 LEU A CD2 1 
ATOM   905  N  N   . HIS A 1 118 ? 10.081  2.490   3.910   1.00 33.96  ? 118 HIS A N   1 
ATOM   906  C  CA  . HIS A 1 118 ? 10.317  2.054   2.595   1.00 36.91  ? 118 HIS A CA  1 
ATOM   907  C  C   . HIS A 1 118 ? 9.406   2.455   1.519   1.00 34.58  ? 118 HIS A C   1 
ATOM   908  O  O   . HIS A 1 118 ? 9.666   2.249   0.318   1.00 34.21  ? 118 HIS A O   1 
ATOM   909  C  CB  . HIS A 1 118 ? 10.938  0.670   2.459   1.00 41.28  ? 118 HIS A CB  1 
ATOM   910  C  CG  . HIS A 1 118 ? 12.026  0.448   3.483   1.00 43.34  ? 118 HIS A CG  1 
ATOM   911  N  ND1 . HIS A 1 118 ? 11.820  -0.253  4.648   1.00 40.75  ? 118 HIS A ND1 1 
ATOM   912  C  CD2 . HIS A 1 118 ? 13.279  0.958   3.556   1.00 44.98  ? 118 HIS A CD2 1 
ATOM   913  C  CE1 . HIS A 1 118 ? 12.917  -0.233  5.372   1.00 38.16  ? 118 HIS A CE1 1 
ATOM   914  N  NE2 . HIS A 1 118 ? 13.826  0.488   4.732   1.00 43.49  ? 118 HIS A NE2 1 
ATOM   915  N  N   . GLY A 1 119 ? 8.268   3.119   1.837   1.00 30.46  ? 119 GLY A N   1 
ATOM   916  C  CA  . GLY A 1 119 ? 7.441   3.599   0.745   1.00 31.59  ? 119 GLY A CA  1 
ATOM   917  C  C   . GLY A 1 119 ? 6.454   2.583   0.201   1.00 33.05  ? 119 GLY A C   1 
ATOM   918  O  O   . GLY A 1 119 ? 6.115   1.606   0.869   1.00 32.30  ? 119 GLY A O   1 
ATOM   919  N  N   . HIS A 1 120 ? 5.986   2.843   -1.003  1.00 33.16  ? 120 HIS A N   1 
ATOM   920  C  CA  . HIS A 1 120 ? 4.902   2.185   -1.685  1.00 28.28  ? 120 HIS A CA  1 
ATOM   921  C  C   . HIS A 1 120 ? 5.334   1.125   -2.672  1.00 27.42  ? 120 HIS A C   1 
ATOM   922  O  O   . HIS A 1 120 ? 6.201   1.347   -3.516  1.00 31.70  ? 120 HIS A O   1 
ATOM   923  C  CB  . HIS A 1 120 ? 4.046   3.270   -2.342  1.00 29.14  ? 120 HIS A CB  1 
ATOM   924  C  CG  . HIS A 1 120 ? 2.617   2.994   -2.591  1.00 31.60  ? 120 HIS A CG  1 
ATOM   925  N  ND1 . HIS A 1 120 ? 1.858   3.849   -3.421  1.00 29.54  ? 120 HIS A ND1 1 
ATOM   926  C  CD2 . HIS A 1 120 ? 1.769   2.019   -2.175  1.00 30.36  ? 120 HIS A CD2 1 
ATOM   927  C  CE1 . HIS A 1 120 ? 0.627   3.373   -3.473  1.00 30.08  ? 120 HIS A CE1 1 
ATOM   928  N  NE2 . HIS A 1 120 ? 0.542   2.288   -2.732  1.00 29.10  ? 120 HIS A NE2 1 
ATOM   929  N  N   . TRP A 1 121 ? 4.724   -0.058  -2.581  1.00 27.09  ? 121 TRP A N   1 
ATOM   930  C  CA  . TRP A 1 121 ? 5.019   -1.184  -3.433  1.00 28.08  ? 121 TRP A CA  1 
ATOM   931  C  C   . TRP A 1 121 ? 3.746   -1.909  -3.880  1.00 26.52  ? 121 TRP A C   1 
ATOM   932  O  O   . TRP A 1 121 ? 2.749   -1.937  -3.180  1.00 27.83  ? 121 TRP A O   1 
ATOM   933  C  CB  . TRP A 1 121 ? 5.861   -2.234  -2.658  1.00 31.13  ? 121 TRP A CB  1 
ATOM   934  C  CG  . TRP A 1 121 ? 7.094   -1.612  -2.080  1.00 34.07  ? 121 TRP A CG  1 
ATOM   935  C  CD1 . TRP A 1 121 ? 7.177   -0.894  -0.929  1.00 34.92  ? 121 TRP A CD1 1 
ATOM   936  C  CD2 . TRP A 1 121 ? 8.408   -1.645  -2.646  1.00 36.63  ? 121 TRP A CD2 1 
ATOM   937  N  NE1 . TRP A 1 121 ? 8.481   -0.482  -0.732  1.00 35.75  ? 121 TRP A NE1 1 
ATOM   938  C  CE2 . TRP A 1 121 ? 9.251   -0.932  -1.768  1.00 37.55  ? 121 TRP A CE2 1 
ATOM   939  C  CE3 . TRP A 1 121 ? 8.953   -2.217  -3.792  1.00 38.60  ? 121 TRP A CE3 1 
ATOM   940  C  CZ2 . TRP A 1 121 ? 10.613  -0.774  -2.010  1.00 38.93  ? 121 TRP A CZ2 1 
ATOM   941  C  CZ3 . TRP A 1 121 ? 10.308  -2.055  -4.033  1.00 40.41  ? 121 TRP A CZ3 1 
ATOM   942  C  CH2 . TRP A 1 121 ? 11.116  -1.340  -3.147  1.00 39.80  ? 121 TRP A CH2 1 
ATOM   943  N  N   . LYS A 1 122 ? 3.829   -2.564  -5.037  1.00 26.75  ? 122 LYS A N   1 
ATOM   944  C  CA  . LYS A 1 122 ? 2.671   -3.322  -5.495  1.00 29.20  ? 122 LYS A CA  1 
ATOM   945  C  C   . LYS A 1 122 ? 3.117   -4.614  -6.199  1.00 32.76  ? 122 LYS A C   1 
ATOM   946  O  O   . LYS A 1 122 ? 4.309   -4.815  -6.411  1.00 33.64  ? 122 LYS A O   1 
ATOM   947  C  CB  . LYS A 1 122 ? 1.837   -2.480  -6.457  1.00 32.35  ? 122 LYS A CB  1 
ATOM   948  C  CG  . LYS A 1 122 ? 2.561   -2.147  -7.763  1.00 35.81  ? 122 LYS A CG  1 
ATOM   949  C  CD  . LYS A 1 122 ? 1.554   -1.675  -8.801  1.00 40.73  ? 122 LYS A CD  1 
ATOM   950  C  CE  . LYS A 1 122 ? 2.203   -0.789  -9.850  1.00 46.35  ? 122 LYS A CE  1 
ATOM   951  N  NZ  . LYS A 1 122 ? 1.330   -0.663  -11.062 1.00 64.99  ? 122 LYS A NZ  1 
ATOM   952  N  N   . ALA A 1 123 ? 2.128   -5.400  -6.559  1.00 30.14  ? 123 ALA A N   1 
ATOM   953  C  CA  . ALA A 1 123 ? 2.278   -6.633  -7.312  1.00 32.24  ? 123 ALA A CA  1 
ATOM   954  C  C   . ALA A 1 123 ? 0.884   -6.969  -7.895  1.00 33.89  ? 123 ALA A C   1 
ATOM   955  O  O   . ALA A 1 123 ? -0.092  -6.509  -7.294  1.00 31.25  ? 123 ALA A O   1 
ATOM   956  C  CB  . ALA A 1 123 ? 2.760   -7.788  -6.469  1.00 29.54  ? 123 ALA A CB  1 
ATOM   957  N  N   . GLU A 1 124 ? 0.876   -7.708  -8.970  1.00 39.14  ? 124 GLU A N   1 
ATOM   958  C  CA  . GLU A 1 124 ? -0.317  -8.080  -9.717  1.00 44.83  ? 124 GLU A CA  1 
ATOM   959  C  C   . GLU A 1 124 ? -0.488  -9.611  -9.816  1.00 45.27  ? 124 GLU A C   1 
ATOM   960  O  O   . GLU A 1 124 ? 0.513   -10.317 -9.891  1.00 52.69  ? 124 GLU A O   1 
ATOM   961  C  CB  . GLU A 1 124 ? -0.116  -7.568  -11.176 1.00 48.36  ? 124 GLU A CB  1 
ATOM   962  C  CG  . GLU A 1 124 ? -0.283  -6.069  -11.322 1.00 52.27  ? 124 GLU A CG  1 
ATOM   963  C  CD  . GLU A 1 124 ? -0.814  -5.727  -12.717 1.00 58.55  ? 124 GLU A CD  1 
ATOM   964  O  OE1 . GLU A 1 124 ? -0.686  -6.601  -13.605 1.00 61.44  ? 124 GLU A OE1 1 
ATOM   965  O  OE2 . GLU A 1 124 ? -1.374  -4.635  -12.886 1.00 74.77  ? 124 GLU A OE2 1 
ATOM   966  N  N   . ASN A 1 125 ? -1.720  -10.050 -9.894  1.00 45.10  ? 125 ASN A N   1 
ATOM   967  C  CA  . ASN A 1 125 ? -2.155  -11.425 -10.037 1.00 47.12  ? 125 ASN A CA  1 
ATOM   968  C  C   . ASN A 1 125 ? -1.869  -11.962 -11.453 1.00 53.98  ? 125 ASN A C   1 
ATOM   969  O  O   . ASN A 1 125 ? -2.383  -13.046 -11.813 1.00 60.50  ? 125 ASN A O   1 
ATOM   970  C  CB  . ASN A 1 125 ? -3.695  -11.481 -9.824  1.00 43.07  ? 125 ASN A CB  1 
ATOM   971  C  CG  . ASN A 1 125 ? -4.114  -12.724 -9.084  1.00 46.81  ? 125 ASN A CG  1 
ATOM   972  O  OD1 . ASN A 1 125 ? -5.268  -12.874 -8.678  1.00 54.38  ? 125 ASN A OD1 1 
ATOM   973  N  ND2 . ASN A 1 125 ? -3.182  -13.652 -8.869  1.00 63.38  ? 125 ASN A ND2 1 
ATOM   974  O  OXT . ASN A 1 125 ? -1.142  -11.295 -12.226 1.00 58.00  ? 125 ASN A OXT 1 
HETATM 975  FE FE  . FE  B 2 .   ? 2.624   18.507  5.655   1.00 31.82  ? 131 FE  A FE  1 
HETATM 976  FE FE  . FE  C 2 .   ? 10.317  -1.649  5.153   1.00 39.09  ? 132 FE  A FE  1 
HETATM 977  CA CA  . CA  D 3 .   ? -10.324 1.541   0.794   0.50 52.59  ? 150 CA  A CA  1 
HETATM 978  O  O   . HOH E 4 .   ? -6.630  -10.651 7.712   1.00 34.52  ? 200 HOH A O   1 
HETATM 979  O  O   . HOH E 4 .   ? 0.650   6.065   -5.589  1.00 27.71  ? 201 HOH A O   1 
HETATM 980  O  O   . HOH E 4 .   ? -0.163  22.692  5.342   1.00 32.45  ? 202 HOH A O   1 
HETATM 981  O  O   . HOH E 4 .   ? -1.698  1.655   -0.956  1.00 28.24  ? 203 HOH A O   1 
HETATM 982  O  O   . HOH E 4 .   ? 1.253   16.995  -5.371  1.00 32.15  ? 204 HOH A O   1 
HETATM 983  O  O   . HOH E 4 .   ? 4.049   9.568   7.899   1.00 30.54  ? 205 HOH A O   1 
HETATM 984  O  O   . HOH E 4 .   ? -16.871 -9.948  -3.666  1.00 35.14  ? 206 HOH A O   1 
HETATM 985  O  O   . HOH E 4 .   ? -13.255 -9.493  3.482   1.00 21.24  ? 207 HOH A O   1 
HETATM 986  O  O   . HOH E 4 .   ? 4.576   6.992   7.881   1.00 27.92  ? 208 HOH A O   1 
HETATM 987  O  O   . HOH E 4 .   ? 6.888   4.728   -3.002  1.00 39.53  ? 209 HOH A O   1 
HETATM 988  O  O   . HOH E 4 .   ? -9.701  -0.268  -7.973  1.00 40.39  ? 210 HOH A O   1 
HETATM 989  O  O   . HOH E 4 .   ? 1.648   12.806  10.848  1.00 40.70  ? 211 HOH A O   1 
HETATM 990  O  O   . HOH E 4 .   ? -5.666  2.313   0.886   1.00 38.36  ? 212 HOH A O   1 
HETATM 991  O  O   . HOH E 4 .   ? -1.287  16.820  -9.513  1.00 45.34  ? 213 HOH A O   1 
HETATM 992  O  O   . HOH E 4 .   ? 6.266   6.979   5.455   1.00 39.07  ? 214 HOH A O   1 
HETATM 993  O  O   . HOH E 4 .   ? -10.863 10.703  -10.388 1.00 41.46  ? 215 HOH A O   1 
HETATM 994  O  O   . HOH E 4 .   ? 2.266   -12.789 -5.969  1.00 45.90  ? 216 HOH A O   1 
HETATM 995  O  O   . HOH E 4 .   ? -11.000 1.770   -8.936  1.00 37.32  ? 217 HOH A O   1 
HETATM 996  O  O   . HOH E 4 .   ? 4.141   18.237  0.801   1.00 28.49  ? 219 HOH A O   1 
HETATM 997  O  O   . HOH E 4 .   ? 0.405   5.186   -8.137  0.50 34.28  ? 222 HOH A O   1 
HETATM 998  O  O   . HOH E 4 .   ? 7.903   8.138   -5.048  0.50 33.84  ? 223 HOH A O   1 
HETATM 999  O  O   . HOH E 4 .   ? -7.872  -21.742 1.411   1.00 47.78  ? 225 HOH A O   1 
HETATM 1000 O  O   . HOH E 4 .   ? -1.406  16.308  -6.344  1.00 32.22  ? 226 HOH A O   1 
HETATM 1001 O  O   . HOH E 4 .   ? -6.022  18.857  -14.192 1.00 37.72  ? 227 HOH A O   1 
HETATM 1002 O  O   . HOH E 4 .   ? 0.882   24.472  3.049   1.00 44.01  ? 228 HOH A O   1 
HETATM 1003 O  O   . HOH E 4 .   ? 6.590   -2.119  -6.699  1.00 51.34  ? 229 HOH A O   1 
HETATM 1004 O  O   . HOH E 4 .   ? -10.191 -6.681  -10.952 1.00 42.50  ? 230 HOH A O   1 
HETATM 1005 O  O   . HOH E 4 .   ? -7.100  -15.620 -9.743  0.50 35.24  ? 231 HOH A O   1 
HETATM 1006 O  O   . HOH E 4 .   ? -15.636 -14.323 -1.261  0.50 36.63  ? 232 HOH A O   1 
HETATM 1007 O  O   . HOH E 4 .   ? -9.777  -25.304 -0.300  1.00 46.07  ? 233 HOH A O   1 
HETATM 1008 O  O   . HOH E 4 .   ? -8.353  10.561  -11.866 1.00 40.68  ? 235 HOH A O   1 
HETATM 1009 O  O   . HOH E 4 .   ? 6.281   16.776  0.827   1.00 43.10  ? 236 HOH A O   1 
HETATM 1010 O  O   . HOH E 4 .   ? 8.245   -10.227 -1.617  1.00 53.04  ? 237 HOH A O   1 
HETATM 1011 O  O   . HOH E 4 .   ? 8.846   2.161   -3.134  1.00 46.13  ? 238 HOH A O   1 
HETATM 1012 O  O   . HOH E 4 .   ? 6.306   7.062   10.119  1.00 44.19  ? 239 HOH A O   1 
HETATM 1013 O  O   . HOH E 4 .   ? 5.920   -13.202 4.547   0.50 31.96  ? 241 HOH A O   1 
HETATM 1014 O  O   . HOH E 4 .   ? -4.859  16.228  -11.896 1.00 42.57  ? 242 HOH A O   1 
HETATM 1015 O  O   . HOH E 4 .   ? -0.558  7.365   -11.620 1.00 43.29  ? 243 HOH A O   1 
HETATM 1016 O  O   . HOH E 4 .   ? 1.937   -10.832 15.218  1.00 47.38  ? 247 HOH A O   1 
HETATM 1017 O  O   . HOH E 4 .   ? 5.596   13.688  -6.608  1.00 50.56  ? 248 HOH A O   1 
HETATM 1018 O  O   . HOH E 4 .   ? 7.424   -9.729  10.744  0.50 25.93  ? 249 HOH A O   1 
HETATM 1019 O  O   . HOH E 4 .   ? -7.807  -0.165  -9.661  0.50 39.35  ? 250 HOH A O   1 
HETATM 1020 O  O   . HOH E 4 .   ? 11.025  -0.079  16.273  0.50 33.78  ? 251 HOH A O   1 
HETATM 1021 O  O   . HOH E 4 .   ? -1.357  23.122  -9.034  1.00 47.09  ? 252 HOH A O   1 
HETATM 1022 O  O   . HOH E 4 .   ? -8.201  3.161   1.319   0.50 34.45  ? 253 HOH A O   1 
HETATM 1023 O  O   . HOH E 4 .   ? -9.264  -12.593 8.666   1.00 43.78  ? 255 HOH A O   1 
HETATM 1024 O  O   . HOH E 4 .   ? -0.443  11.866  -11.546 1.00 45.53  ? 256 HOH A O   1 
HETATM 1025 O  O   . HOH E 4 .   ? 8.758   -7.290  13.477  0.50 33.41  ? 259 HOH A O   1 
HETATM 1026 O  O   . HOH E 4 .   ? -5.238  -1.099  12.453  1.00 58.27  ? 264 HOH A O   1 
HETATM 1027 O  O   . HOH E 4 .   ? -1.749  1.875   9.876   1.00 46.20  ? 265 HOH A O   1 
HETATM 1028 O  O   . HOH E 4 .   ? 8.877   9.628   2.330   1.00 55.74  ? 268 HOH A O   1 
HETATM 1029 O  O   . HOH E 4 .   ? -7.878  12.583  -13.632 0.50 45.16  ? 271 HOH A O   1 
HETATM 1030 O  O   . HOH E 4 .   ? -3.048  -1.368  -10.340 0.50 47.55  ? 275 HOH A O   1 
HETATM 1031 O  O   . HOH E 4 .   ? -14.326 -6.404  -8.570  0.50 44.71  ? 276 HOH A O   1 
HETATM 1032 O  O   . HOH E 4 .   ? -13.337 8.617   -8.765  0.50 34.69  ? 277 HOH A O   1 
HETATM 1033 O  O   . HOH E 4 .   ? 3.930   -12.191 13.094  1.00 50.65  ? 278 HOH A O   1 
HETATM 1034 O  O   . HOH E 4 .   ? -0.771  1.257   -9.334  0.50 39.63  ? 283 HOH A O   1 
HETATM 1035 O  O   . HOH E 4 .   ? -17.623 -12.636 -2.358  1.00 49.20  ? 285 HOH A O   1 
HETATM 1036 O  O   . HOH E 4 .   ? 4.957   10.152  10.158  0.50 45.25  ? 289 HOH A O   1 
HETATM 1037 O  O   . HOH E 4 .   ? 7.258   11.568  10.837  0.50 43.30  ? 292 HOH A O   1 
HETATM 1038 O  O   . HOH E 4 .   ? -9.261  -11.436 10.986  0.50 44.03  ? 293 HOH A O   1 
HETATM 1039 O  O   . HOH E 4 .   ? 4.278   3.081   14.899  0.50 45.63  ? 294 HOH A O   1 
HETATM 1040 O  O   . HOH E 4 .   ? -11.481 -11.471 8.103   0.50 37.53  ? 295 HOH A O   1 
HETATM 1041 O  O   . HOH E 4 .   ? -9.304  -27.048 1.435   0.50 37.31  ? 296 HOH A O   1 
HETATM 1042 O  O   . HOH E 4 .   ? 3.850   -12.492 6.315   0.50 29.01  ? 297 HOH A O   1 
HETATM 1043 O  O   . HOH E 4 .   ? -0.883  -18.817 5.141   0.50 51.92  ? 299 HOH A O   1 
HETATM 1044 O  O   . HOH E 4 .   ? -4.958  14.165  -13.698 0.50 47.21  ? 300 HOH A O   1 
HETATM 1045 O  O   . HOH E 4 .   ? 2.547   11.820  -11.178 0.50 37.30  ? 302 HOH A O   1 
HETATM 1046 O  O   . HOH E 4 .   ? -8.221  -21.936 -3.295  1.00 57.71  ? 305 HOH A O   1 
HETATM 1047 O  O   . HOH E 4 .   ? 6.471   10.348  8.110   0.50 39.28  ? 311 HOH A O   1 
HETATM 1048 O  O   . HOH E 4 .   ? -1.870  -18.056 -5.589  0.50 54.04  ? 318 HOH A O   1 
# 
